data_6XFE
# 
_entry.id   6XFE 
# 
_audit_conform.dict_name       mmcif_pdbx.dic 
_audit_conform.dict_version    5.380 
_audit_conform.dict_location   http://mmcif.pdb.org/dictionaries/ascii/mmcif_pdbx.dic 
# 
loop_
_database_2.database_id 
_database_2.database_code 
_database_2.pdbx_database_accession 
_database_2.pdbx_DOI 
PDB   6XFE         pdb_00006xfe 10.2210/pdb6xfe/pdb 
WWPDB D_1000249229 ?            ?                   
# 
_pdbx_database_status.status_code                     REL 
_pdbx_database_status.status_code_sf                  REL 
_pdbx_database_status.status_code_mr                  ? 
_pdbx_database_status.entry_id                        6XFE 
_pdbx_database_status.recvd_initial_deposition_date   2020-06-15 
_pdbx_database_status.SG_entry                        N 
_pdbx_database_status.deposit_site                    RCSB 
_pdbx_database_status.process_site                    RCSB 
_pdbx_database_status.status_code_cs                  ? 
_pdbx_database_status.status_code_nmr_data            ? 
_pdbx_database_status.methods_development_category    ? 
_pdbx_database_status.pdb_format_compatible           Y 
# 
loop_
_audit_author.name 
_audit_author.pdbx_ordinal 
_audit_author.identifier_ORCID 
'Simmons, C.R.'      1 0000-0002-2290-6132 
'MacCulloch, T.'     2 0000-0001-5875-3361 
'Stephanopoulos, N.' 3 0000-0001-7859-410X 
'Yan, H.'            4 0000-0001-7397-9852 
# 
_citation.abstract                  ? 
_citation.abstract_id_CAS           ? 
_citation.book_id_ISBN              ? 
_citation.book_publisher            ? 
_citation.book_publisher_city       ? 
_citation.book_title                ? 
_citation.coordinate_linkage        ? 
_citation.country                   UK 
_citation.database_id_Medline       ? 
_citation.details                   ? 
_citation.id                        primary 
_citation.journal_abbrev            'Nat Commun' 
_citation.journal_id_ASTM           ? 
_citation.journal_id_CSD            ? 
_citation.journal_id_ISSN           2041-1723 
_citation.journal_full              ? 
_citation.journal_issue             ? 
_citation.journal_volume            13 
_citation.language                  ? 
_citation.page_first                3112 
_citation.page_last                 3112 
_citation.title                     'The influence of Holliday junction sequence and dynamics on DNA crystal self-assembly.' 
_citation.year                      2022 
_citation.database_id_CSD           ? 
_citation.pdbx_database_id_DOI      10.1038/s41467-022-30779-6 
_citation.pdbx_database_id_PubMed   35662248 
_citation.unpublished_flag          ? 
# 
loop_
_citation_author.citation_id 
_citation_author.name 
_citation_author.ordinal 
_citation_author.identifier_ORCID 
primary 'Simmons, C.R.'      1  ?                   
primary 'MacCulloch, T.'     2  ?                   
primary 'Krepl, M.'          3  0000-0002-9833-4281 
primary 'Matthies, M.'       4  ?                   
primary 'Buchberger, A.'     5  ?                   
primary 'Crawford, I.'       6  ?                   
primary 'Sponer, J.'         7  0000-0001-6558-6186 
primary 'Sulc, P.'           8  0000-0003-1565-6769 
primary 'Stephanopoulos, N.' 9  0000-0001-7859-410X 
primary 'Yan, H.'            10 0000-0001-7397-9852 
# 
_cell.angle_alpha                  90.000 
_cell.angle_alpha_esd              ? 
_cell.angle_beta                   90.000 
_cell.angle_beta_esd               ? 
_cell.angle_gamma                  120.000 
_cell.angle_gamma_esd              ? 
_cell.entry_id                     6XFE 
_cell.details                      ? 
_cell.formula_units_Z              ? 
_cell.length_a                     69.033 
_cell.length_a_esd                 ? 
_cell.length_b                     69.033 
_cell.length_b_esd                 ? 
_cell.length_c                     59.371 
_cell.length_c_esd                 ? 
_cell.volume                       ? 
_cell.volume_esd                   ? 
_cell.Z_PDB                        3 
_cell.reciprocal_angle_alpha       ? 
_cell.reciprocal_angle_beta        ? 
_cell.reciprocal_angle_gamma       ? 
_cell.reciprocal_angle_alpha_esd   ? 
_cell.reciprocal_angle_beta_esd    ? 
_cell.reciprocal_angle_gamma_esd   ? 
_cell.reciprocal_length_a          ? 
_cell.reciprocal_length_b          ? 
_cell.reciprocal_length_c          ? 
_cell.reciprocal_length_a_esd      ? 
_cell.reciprocal_length_b_esd      ? 
_cell.reciprocal_length_c_esd      ? 
_cell.pdbx_unique_axis             ? 
# 
_symmetry.entry_id                         6XFE 
_symmetry.cell_setting                     ? 
_symmetry.Int_Tables_number                145 
_symmetry.space_group_name_Hall            ? 
_symmetry.space_group_name_H-M             'P 32' 
_symmetry.pdbx_full_space_group_name_H-M   ? 
# 
loop_
_entity.id 
_entity.type 
_entity.src_method 
_entity.pdbx_description 
_entity.formula_weight 
_entity.pdbx_number_of_molecules 
_entity.pdbx_ec 
_entity.pdbx_mutation 
_entity.pdbx_fragment 
_entity.details 
1 polymer     syn 
;DNA (5'-D(*GP*AP*GP*CP*AP*GP*AP*CP*CP*TP*G)-3')
;
3383.224 1 ? ? ? ? 
2 polymer     syn 
;DNA (5'-D(P*AP*CP*TP*GP*CP*AP*CP*TP*CP*A)-3')
;
2988.982 1 ? ? ? ? 
3 polymer     syn 
;DNA (5'-D(P*CP*AP*AP*GP*T)-3')
;
1504.037 1 ? ? ? ? 
4 polymer     syn 
;DNA (5'-D(*TP*CP*TP*GP*AP*GP*TP*GP*CP*GP*GP*TP*CP*TP*GP*C)-3')
;
4921.175 1 ? ? ? ? 
5 non-polymer syn 'CACODYLATE ION'                                                 136.989  3 ? ? ? ? 
# 
loop_
_entity_poly.entity_id 
_entity_poly.type 
_entity_poly.nstd_linkage 
_entity_poly.nstd_monomer 
_entity_poly.pdbx_seq_one_letter_code 
_entity_poly.pdbx_seq_one_letter_code_can 
_entity_poly.pdbx_strand_id 
_entity_poly.pdbx_target_identifier 
1 polydeoxyribonucleotide no no '(DG)(DA)(DG)(DC)(DA)(DG)(DA)(DC)(DC)(DT)(DG)'                     GAGCAGACCTG      A ? 
2 polydeoxyribonucleotide no no '(DA)(DC)(DT)(DG)(DC)(DA)(DC)(DT)(DC)(DA)'                         ACTGCACTCA       B ? 
3 polydeoxyribonucleotide no no '(DC)(DA)(DA)(DG)(DT)'                                             CAAGT            C ? 
4 polydeoxyribonucleotide no no '(DT)(DC)(DT)(DG)(DA)(DG)(DT)(DG)(DC)(DG)(DG)(DT)(DC)(DT)(DG)(DC)' TCTGAGTGCGGTCTGC D ? 
# 
loop_
_entity_poly_seq.entity_id 
_entity_poly_seq.num 
_entity_poly_seq.mon_id 
_entity_poly_seq.hetero 
1 1  DG n 
1 2  DA n 
1 3  DG n 
1 4  DC n 
1 5  DA n 
1 6  DG n 
1 7  DA n 
1 8  DC n 
1 9  DC n 
1 10 DT n 
1 11 DG n 
2 1  DA n 
2 2  DC n 
2 3  DT n 
2 4  DG n 
2 5  DC n 
2 6  DA n 
2 7  DC n 
2 8  DT n 
2 9  DC n 
2 10 DA n 
3 1  DC n 
3 2  DA n 
3 3  DA n 
3 4  DG n 
3 5  DT n 
4 1  DT n 
4 2  DC n 
4 3  DT n 
4 4  DG n 
4 5  DA n 
4 6  DG n 
4 7  DT n 
4 8  DG n 
4 9  DC n 
4 10 DG n 
4 11 DG n 
4 12 DT n 
4 13 DC n 
4 14 DT n 
4 15 DG n 
4 16 DC n 
# 
loop_
_pdbx_entity_src_syn.entity_id 
_pdbx_entity_src_syn.pdbx_src_id 
_pdbx_entity_src_syn.pdbx_alt_source_flag 
_pdbx_entity_src_syn.pdbx_beg_seq_num 
_pdbx_entity_src_syn.pdbx_end_seq_num 
_pdbx_entity_src_syn.organism_scientific 
_pdbx_entity_src_syn.organism_common_name 
_pdbx_entity_src_syn.ncbi_taxonomy_id 
_pdbx_entity_src_syn.details 
1 1 sample 1 11 'synthetic construct' ? 32630 ? 
2 1 sample 1 10 'synthetic construct' ? 32630 ? 
3 1 sample 1 5  'synthetic construct' ? 32630 ? 
4 1 sample 1 16 'synthetic construct' ? 32630 ? 
# 
loop_
_struct_ref.id 
_struct_ref.db_name 
_struct_ref.db_code 
_struct_ref.pdbx_db_accession 
_struct_ref.pdbx_db_isoform 
_struct_ref.entity_id 
_struct_ref.pdbx_seq_one_letter_code 
_struct_ref.pdbx_align_begin 
1 PDB 6XFE 6XFE ? 1 ? 1 
2 PDB 6XFE 6XFE ? 2 ? 1 
3 PDB 6XFE 6XFE ? 3 ? 1 
4 PDB 6XFE 6XFE ? 4 ? 1 
# 
loop_
_struct_ref_seq.align_id 
_struct_ref_seq.ref_id 
_struct_ref_seq.pdbx_PDB_id_code 
_struct_ref_seq.pdbx_strand_id 
_struct_ref_seq.seq_align_beg 
_struct_ref_seq.pdbx_seq_align_beg_ins_code 
_struct_ref_seq.seq_align_end 
_struct_ref_seq.pdbx_seq_align_end_ins_code 
_struct_ref_seq.pdbx_db_accession 
_struct_ref_seq.db_align_beg 
_struct_ref_seq.pdbx_db_align_beg_ins_code 
_struct_ref_seq.db_align_end 
_struct_ref_seq.pdbx_db_align_end_ins_code 
_struct_ref_seq.pdbx_auth_seq_align_beg 
_struct_ref_seq.pdbx_auth_seq_align_end 
1 1 6XFE A 1 ? 11 ? 6XFE 1  ? 11 ? 1  11 
2 2 6XFE B 1 ? 10 ? 6XFE 12 ? 21 ? 12 21 
3 3 6XFE C 1 ? 5  ? 6XFE 1  ? 5  ? 1  5  
4 4 6XFE D 1 ? 16 ? 6XFE 1  ? 16 ? 1  16 
# 
loop_
_chem_comp.id 
_chem_comp.type 
_chem_comp.mon_nstd_flag 
_chem_comp.name 
_chem_comp.pdbx_synonyms 
_chem_comp.formula 
_chem_comp.formula_weight 
CAC non-polymer   . 'CACODYLATE ION'                     dimethylarsinate 'C2 H6 As O2 -1'  136.989 
DA  'DNA linking' y "2'-DEOXYADENOSINE-5'-MONOPHOSPHATE" ?                'C10 H14 N5 O6 P' 331.222 
DC  'DNA linking' y "2'-DEOXYCYTIDINE-5'-MONOPHOSPHATE"  ?                'C9 H14 N3 O7 P'  307.197 
DG  'DNA linking' y "2'-DEOXYGUANOSINE-5'-MONOPHOSPHATE" ?                'C10 H14 N5 O7 P' 347.221 
DT  'DNA linking' y "THYMIDINE-5'-MONOPHOSPHATE"         ?                'C10 H15 N2 O8 P' 322.208 
# 
_exptl.absorpt_coefficient_mu     ? 
_exptl.absorpt_correction_T_max   ? 
_exptl.absorpt_correction_T_min   ? 
_exptl.absorpt_correction_type    ? 
_exptl.absorpt_process_details    ? 
_exptl.entry_id                   6XFE 
_exptl.crystals_number            1 
_exptl.details                    ? 
_exptl.method                     'X-RAY DIFFRACTION' 
_exptl.method_details             ? 
# 
_exptl_crystal.colour                      ? 
_exptl_crystal.density_diffrn              ? 
_exptl_crystal.density_Matthews            6.38 
_exptl_crystal.density_method              ? 
_exptl_crystal.density_percent_sol         80.73 
_exptl_crystal.description                 ? 
_exptl_crystal.F_000                       ? 
_exptl_crystal.id                          1 
_exptl_crystal.preparation                 ? 
_exptl_crystal.size_max                    ? 
_exptl_crystal.size_mid                    ? 
_exptl_crystal.size_min                    ? 
_exptl_crystal.size_rad                    ? 
_exptl_crystal.colour_lustre               ? 
_exptl_crystal.colour_modifier             ? 
_exptl_crystal.colour_primary              ? 
_exptl_crystal.density_meas                ? 
_exptl_crystal.density_meas_esd            ? 
_exptl_crystal.density_meas_gt             ? 
_exptl_crystal.density_meas_lt             ? 
_exptl_crystal.density_meas_temp           ? 
_exptl_crystal.density_meas_temp_esd       ? 
_exptl_crystal.density_meas_temp_gt        ? 
_exptl_crystal.density_meas_temp_lt        ? 
_exptl_crystal.pdbx_crystal_image_url      ? 
_exptl_crystal.pdbx_crystal_image_format   ? 
_exptl_crystal.pdbx_mosaicity              ? 
_exptl_crystal.pdbx_mosaicity_esd          ? 
# 
_exptl_crystal_grow.apparatus       ? 
_exptl_crystal_grow.atmosphere      ? 
_exptl_crystal_grow.crystal_id      1 
_exptl_crystal_grow.details         ? 
_exptl_crystal_grow.method          'VAPOR DIFFUSION, SITTING DROP' 
_exptl_crystal_grow.method_ref      ? 
_exptl_crystal_grow.pH              ? 
_exptl_crystal_grow.pressure        ? 
_exptl_crystal_grow.pressure_esd    ? 
_exptl_crystal_grow.seeding         ? 
_exptl_crystal_grow.seeding_ref     ? 
_exptl_crystal_grow.temp            298 
_exptl_crystal_grow.temp_details    'temperature gradient generated from 60 to 25 C at 0.3 degrees per hour' 
_exptl_crystal_grow.temp_esd        ? 
_exptl_crystal_grow.time            ? 
_exptl_crystal_grow.pdbx_details    
;0.5 mL of 0.05 M Cacodylate pH 7.0 with 18 mM MgCl2, 2.25 mM spermine, 0.9 mM CoH18N6, and 4.5% MPD was added to the reservoir with 2 uL added to the drop containing 4 uL of DNA stock
;
_exptl_crystal_grow.pdbx_pH_range   ? 
# 
_diffrn.ambient_environment              ? 
_diffrn.ambient_temp                     100 
_diffrn.ambient_temp_details             ? 
_diffrn.ambient_temp_esd                 ? 
_diffrn.crystal_id                       1 
_diffrn.crystal_support                  ? 
_diffrn.crystal_treatment                ? 
_diffrn.details                          ? 
_diffrn.id                               1 
_diffrn.ambient_pressure                 ? 
_diffrn.ambient_pressure_esd             ? 
_diffrn.ambient_pressure_gt              ? 
_diffrn.ambient_pressure_lt              ? 
_diffrn.ambient_temp_gt                  ? 
_diffrn.ambient_temp_lt                  ? 
_diffrn.pdbx_serial_crystal_experiment   N 
# 
_diffrn_detector.details                      ? 
_diffrn_detector.detector                     PIXEL 
_diffrn_detector.diffrn_id                    1 
_diffrn_detector.type                         'DECTRIS PILATUS3 6M' 
_diffrn_detector.area_resol_mean              ? 
_diffrn_detector.dtime                        ? 
_diffrn_detector.pdbx_frames_total            ? 
_diffrn_detector.pdbx_collection_time_total   ? 
_diffrn_detector.pdbx_collection_date         2018-04-15 
_diffrn_detector.pdbx_frequency               ? 
# 
_diffrn_radiation.collimation                      ? 
_diffrn_radiation.diffrn_id                        1 
_diffrn_radiation.filter_edge                      ? 
_diffrn_radiation.inhomogeneity                    ? 
_diffrn_radiation.monochromator                    ? 
_diffrn_radiation.polarisn_norm                    ? 
_diffrn_radiation.polarisn_ratio                   ? 
_diffrn_radiation.probe                            ? 
_diffrn_radiation.type                             ? 
_diffrn_radiation.xray_symbol                      ? 
_diffrn_radiation.wavelength_id                    1 
_diffrn_radiation.pdbx_monochromatic_or_laue_m_l   M 
_diffrn_radiation.pdbx_wavelength_list             ? 
_diffrn_radiation.pdbx_wavelength                  ? 
_diffrn_radiation.pdbx_diffrn_protocol             'SINGLE WAVELENGTH' 
_diffrn_radiation.pdbx_analyzer                    ? 
_diffrn_radiation.pdbx_scattering_type             x-ray 
# 
_diffrn_radiation_wavelength.id           1 
_diffrn_radiation_wavelength.wavelength   0.92 
_diffrn_radiation_wavelength.wt           1.0 
# 
_diffrn_source.current                     ? 
_diffrn_source.details                     ? 
_diffrn_source.diffrn_id                   1 
_diffrn_source.power                       ? 
_diffrn_source.size                        ? 
_diffrn_source.source                      SYNCHROTRON 
_diffrn_source.target                      ? 
_diffrn_source.type                        'ALS BEAMLINE 5.0.2' 
_diffrn_source.voltage                     ? 
_diffrn_source.take-off_angle              ? 
_diffrn_source.pdbx_wavelength_list        0.92 
_diffrn_source.pdbx_wavelength             ? 
_diffrn_source.pdbx_synchrotron_beamline   5.0.2 
_diffrn_source.pdbx_synchrotron_site       ALS 
# 
_reflns.B_iso_Wilson_estimate            94.410 
_reflns.entry_id                         6XFE 
_reflns.data_reduction_details           ? 
_reflns.data_reduction_method            ? 
_reflns.d_resolution_high                3.100 
_reflns.d_resolution_low                 50.000 
_reflns.details                          ? 
_reflns.limit_h_max                      ? 
_reflns.limit_h_min                      ? 
_reflns.limit_k_max                      ? 
_reflns.limit_k_min                      ? 
_reflns.limit_l_max                      ? 
_reflns.limit_l_min                      ? 
_reflns.number_all                       ? 
_reflns.number_obs                       4917 
_reflns.observed_criterion               ? 
_reflns.observed_criterion_F_max         ? 
_reflns.observed_criterion_F_min         ? 
_reflns.observed_criterion_I_max         ? 
_reflns.observed_criterion_I_min         ? 
_reflns.observed_criterion_sigma_F       ? 
_reflns.observed_criterion_sigma_I       ? 
_reflns.percent_possible_obs             87.300 
_reflns.R_free_details                   ? 
_reflns.Rmerge_F_all                     ? 
_reflns.Rmerge_F_obs                     ? 
_reflns.Friedel_coverage                 ? 
_reflns.number_gt                        ? 
_reflns.threshold_expression             ? 
_reflns.pdbx_redundancy                  9.400 
_reflns.pdbx_Rmerge_I_obs                0.067 
_reflns.pdbx_Rmerge_I_all                ? 
_reflns.pdbx_Rsym_value                  ? 
_reflns.pdbx_netI_over_av_sigmaI         ? 
_reflns.pdbx_netI_over_sigmaI            7.000 
_reflns.pdbx_res_netI_over_av_sigmaI_2   ? 
_reflns.pdbx_res_netI_over_sigmaI_2      ? 
_reflns.pdbx_chi_squared                 1.024 
_reflns.pdbx_scaling_rejects             ? 
_reflns.pdbx_d_res_high_opt              ? 
_reflns.pdbx_d_res_low_opt               ? 
_reflns.pdbx_d_res_opt_method            ? 
_reflns.phase_calculation_details        ? 
_reflns.pdbx_Rrim_I_all                  0.070 
_reflns.pdbx_Rpim_I_all                  0.022 
_reflns.pdbx_d_opt                       ? 
_reflns.pdbx_number_measured_all         46129 
_reflns.pdbx_diffrn_id                   1 
_reflns.pdbx_ordinal                     1 
_reflns.pdbx_CC_half                     ? 
_reflns.pdbx_CC_star                     ? 
_reflns.pdbx_R_split                     ? 
# 
loop_
_reflns_shell.d_res_high 
_reflns_shell.d_res_low 
_reflns_shell.meanI_over_sigI_all 
_reflns_shell.meanI_over_sigI_obs 
_reflns_shell.number_measured_all 
_reflns_shell.number_measured_obs 
_reflns_shell.number_possible 
_reflns_shell.number_unique_all 
_reflns_shell.number_unique_obs 
_reflns_shell.percent_possible_all 
_reflns_shell.percent_possible_obs 
_reflns_shell.Rmerge_F_all 
_reflns_shell.Rmerge_F_obs 
_reflns_shell.Rmerge_I_all 
_reflns_shell.Rmerge_I_obs 
_reflns_shell.meanI_over_sigI_gt 
_reflns_shell.meanI_over_uI_all 
_reflns_shell.meanI_over_uI_gt 
_reflns_shell.number_measured_gt 
_reflns_shell.number_unique_gt 
_reflns_shell.percent_possible_gt 
_reflns_shell.Rmerge_F_gt 
_reflns_shell.Rmerge_I_gt 
_reflns_shell.pdbx_redundancy 
_reflns_shell.pdbx_Rsym_value 
_reflns_shell.pdbx_chi_squared 
_reflns_shell.pdbx_netI_over_sigmaI_all 
_reflns_shell.pdbx_netI_over_sigmaI_obs 
_reflns_shell.pdbx_Rrim_I_all 
_reflns_shell.pdbx_Rpim_I_all 
_reflns_shell.pdbx_rejects 
_reflns_shell.pdbx_ordinal 
_reflns_shell.pdbx_diffrn_id 
_reflns_shell.pdbx_CC_half 
_reflns_shell.pdbx_CC_star 
_reflns_shell.pdbx_R_split 
3.100 3.150  ? ? ? ? ? ? 136 50.600  ? ? ? ? 0.769 ? ? ? ? ? ? ? ? 6.400  ? 0.480 ? ? 0.825 0.292 ? 1  1 0.825 ? ? 
3.150 3.210  ? ? ? ? ? ? 148 56.900  ? ? ? ? 0.301 ? ? ? ? ? ? ? ? 6.700  ? 0.551 ? ? 0.323 0.115 ? 2  1 0.983 ? ? 
3.210 3.270  ? ? ? ? ? ? 176 59.900  ? ? ? ? 0.121 ? ? ? ? ? ? ? ? 8.000  ? 0.841 ? ? 0.128 0.039 ? 3  1 0.997 ? ? 
3.270 3.340  ? ? ? ? ? ? 212 70.200  ? ? ? ? 0.652 ? ? ? ? ? ? ? ? 8.200  ? 0.458 ? ? 0.690 0.221 ? 4  1 0.920 ? ? 
3.340 3.410  ? ? ? ? ? ? 200 73.500  ? ? ? ? 0.399 ? ? ? ? ? ? ? ? 9.000  ? 0.528 ? ? 0.420 0.131 ? 5  1 0.981 ? ? 
3.410 3.490  ? ? ? ? ? ? 226 75.300  ? ? ? ? 0.396 ? ? ? ? ? ? ? ? 8.600  ? 0.497 ? ? 0.419 0.133 ? 6  1 0.979 ? ? 
3.490 3.580  ? ? ? ? ? ? 214 82.000  ? ? ? ? 0.310 ? ? ? ? ? ? ? ? 9.100  ? 0.490 ? ? 0.327 0.103 ? 7  1 0.984 ? ? 
3.580 3.680  ? ? ? ? ? ? 249 87.100  ? ? ? ? 0.581 ? ? ? ? ? ? ? ? 8.600  ? 0.463 ? ? 0.615 0.197 ? 8  1 0.964 ? ? 
3.680 3.780  ? ? ? ? ? ? 272 92.500  ? ? ? ? 0.612 ? ? ? ? ? ? ? ? 8.500  ? 0.442 ? ? 0.649 0.215 ? 9  1 0.940 ? ? 
3.780 3.910  ? ? ? ? ? ? 270 97.500  ? ? ? ? 0.350 ? ? ? ? ? ? ? ? 8.900  ? 0.522 ? ? 0.370 0.120 ? 10 1 0.981 ? ? 
3.910 4.040  ? ? ? ? ? ? 269 98.900  ? ? ? ? 0.272 ? ? ? ? ? ? ? ? 9.100  ? 0.550 ? ? 0.287 0.092 ? 11 1 0.986 ? ? 
4.040 4.210  ? ? ? ? ? ? 274 100.000 ? ? ? ? 0.230 ? ? ? ? ? ? ? ? 10.200 ? 0.598 ? ? 0.242 0.073 ? 12 1 0.989 ? ? 
4.210 4.400  ? ? ? ? ? ? 293 100.000 ? ? ? ? 0.217 ? ? ? ? ? ? ? ? 10.500 ? 0.547 ? ? 0.228 0.069 ? 13 1 0.988 ? ? 
4.400 4.630  ? ? ? ? ? ? 280 100.000 ? ? ? ? 0.178 ? ? ? ? ? ? ? ? 10.400 ? 0.607 ? ? 0.187 0.057 ? 14 1 0.993 ? ? 
4.630 4.920  ? ? ? ? ? ? 290 100.000 ? ? ? ? 0.125 ? ? ? ? ? ? ? ? 10.100 ? 0.934 ? ? 0.132 0.041 ? 15 1 0.992 ? ? 
4.920 5.300  ? ? ? ? ? ? 283 100.000 ? ? ? ? 0.104 ? ? ? ? ? ? ? ? 9.900  ? 1.331 ? ? 0.109 0.035 ? 16 1 0.995 ? ? 
5.300 5.830  ? ? ? ? ? ? 275 100.000 ? ? ? ? 0.089 ? ? ? ? ? ? ? ? 10.800 ? 1.846 ? ? 0.093 0.028 ? 17 1 0.997 ? ? 
5.830 6.670  ? ? ? ? ? ? 282 100.000 ? ? ? ? 0.084 ? ? ? ? ? ? ? ? 10.600 ? 1.928 ? ? 0.089 0.027 ? 18 1 0.996 ? ? 
6.670 8.400  ? ? ? ? ? ? 289 100.000 ? ? ? ? 0.058 ? ? ? ? ? ? ? ? 9.900  ? 2.389 ? ? 0.061 0.019 ? 19 1 0.999 ? ? 
8.400 50.000 ? ? ? ? ? ? 279 98.900  ? ? ? ? 0.038 ? ? ? ? ? ? ? ? 10.100 ? 2.458 ? ? 0.040 0.013 ? 20 1 0.999 ? ? 
# 
_refine.aniso_B[1][1]                            ? 
_refine.aniso_B[1][2]                            ? 
_refine.aniso_B[1][3]                            ? 
_refine.aniso_B[2][2]                            ? 
_refine.aniso_B[2][3]                            ? 
_refine.aniso_B[3][3]                            ? 
_refine.B_iso_max                                238.350 
_refine.B_iso_mean                               141.5832 
_refine.B_iso_min                                70.680 
_refine.correlation_coeff_Fo_to_Fc               ? 
_refine.correlation_coeff_Fo_to_Fc_free          ? 
_refine.details                                  ? 
_refine.diff_density_max                         ? 
_refine.diff_density_max_esd                     ? 
_refine.diff_density_min                         ? 
_refine.diff_density_min_esd                     ? 
_refine.diff_density_rms                         ? 
_refine.diff_density_rms_esd                     ? 
_refine.entry_id                                 6XFE 
_refine.pdbx_refine_id                           'X-RAY DIFFRACTION' 
_refine.ls_abs_structure_details                 ? 
_refine.ls_abs_structure_Flack                   ? 
_refine.ls_abs_structure_Flack_esd               ? 
_refine.ls_abs_structure_Rogers                  ? 
_refine.ls_abs_structure_Rogers_esd              ? 
_refine.ls_d_res_high                            3.1200 
_refine.ls_d_res_low                             34.5170 
_refine.ls_extinction_coef                       ? 
_refine.ls_extinction_coef_esd                   ? 
_refine.ls_extinction_expression                 ? 
_refine.ls_extinction_method                     ? 
_refine.ls_goodness_of_fit_all                   ? 
_refine.ls_goodness_of_fit_all_esd               ? 
_refine.ls_goodness_of_fit_obs                   ? 
_refine.ls_goodness_of_fit_obs_esd               ? 
_refine.ls_hydrogen_treatment                    ? 
_refine.ls_matrix_type                           ? 
_refine.ls_number_constraints                    ? 
_refine.ls_number_parameters                     ? 
_refine.ls_number_reflns_all                     ? 
_refine.ls_number_reflns_obs                     4864 
_refine.ls_number_reflns_R_free                  263 
_refine.ls_number_reflns_R_work                  4601 
_refine.ls_number_restraints                     ? 
_refine.ls_percent_reflns_obs                    86.6300 
_refine.ls_percent_reflns_R_free                 5.4100 
_refine.ls_R_factor_all                          ? 
_refine.ls_R_factor_obs                          0.2119 
_refine.ls_R_factor_R_free                       0.2349 
_refine.ls_R_factor_R_free_error                 ? 
_refine.ls_R_factor_R_free_error_details         ? 
_refine.ls_R_factor_R_work                       0.2102 
_refine.ls_R_Fsqd_factor_obs                     ? 
_refine.ls_R_I_factor_obs                        ? 
_refine.ls_redundancy_reflns_all                 ? 
_refine.ls_redundancy_reflns_obs                 ? 
_refine.ls_restrained_S_all                      ? 
_refine.ls_restrained_S_obs                      ? 
_refine.ls_shift_over_esd_max                    ? 
_refine.ls_shift_over_esd_mean                   ? 
_refine.ls_structure_factor_coef                 ? 
_refine.ls_weighting_details                     ? 
_refine.ls_weighting_scheme                      ? 
_refine.ls_wR_factor_all                         ? 
_refine.ls_wR_factor_obs                         ? 
_refine.ls_wR_factor_R_free                      ? 
_refine.ls_wR_factor_R_work                      ? 
_refine.occupancy_max                            ? 
_refine.occupancy_min                            ? 
_refine.solvent_model_details                    'FLAT BULK SOLVENT MODEL' 
_refine.solvent_model_param_bsol                 ? 
_refine.solvent_model_param_ksol                 ? 
_refine.pdbx_R_complete                          ? 
_refine.ls_R_factor_gt                           ? 
_refine.ls_goodness_of_fit_gt                    ? 
_refine.ls_goodness_of_fit_ref                   ? 
_refine.ls_shift_over_su_max                     ? 
_refine.ls_shift_over_su_max_lt                  ? 
_refine.ls_shift_over_su_mean                    ? 
_refine.ls_shift_over_su_mean_lt                 ? 
_refine.pdbx_ls_sigma_I                          ? 
_refine.pdbx_ls_sigma_F                          2.060 
_refine.pdbx_ls_sigma_Fsqd                       ? 
_refine.pdbx_data_cutoff_high_absF               ? 
_refine.pdbx_data_cutoff_high_rms_absF           ? 
_refine.pdbx_data_cutoff_low_absF                ? 
_refine.pdbx_isotropic_thermal_model             ? 
_refine.pdbx_ls_cross_valid_method               THROUGHOUT 
_refine.pdbx_method_to_determine_struct          'MOLECULAR REPLACEMENT' 
_refine.pdbx_starting_model                      6x8c 
_refine.pdbx_stereochemistry_target_values       ML 
_refine.pdbx_R_Free_selection_details            ? 
_refine.pdbx_stereochem_target_val_spec_case     ? 
_refine.pdbx_overall_ESU_R                       ? 
_refine.pdbx_overall_ESU_R_Free                  ? 
_refine.pdbx_solvent_vdw_probe_radii             1.1100 
_refine.pdbx_solvent_ion_probe_radii             ? 
_refine.pdbx_solvent_shrinkage_radii             0.9000 
_refine.pdbx_real_space_R                        ? 
_refine.pdbx_density_correlation                 ? 
_refine.pdbx_pd_number_of_powder_patterns        ? 
_refine.pdbx_pd_number_of_points                 ? 
_refine.pdbx_pd_meas_number_of_points            ? 
_refine.pdbx_pd_proc_ls_prof_R_factor            ? 
_refine.pdbx_pd_proc_ls_prof_wR_factor           ? 
_refine.pdbx_pd_Marquardt_correlation_coeff      ? 
_refine.pdbx_pd_Fsqrd_R_factor                   ? 
_refine.pdbx_pd_ls_matrix_band_width             ? 
_refine.pdbx_overall_phase_error                 30.2400 
_refine.pdbx_overall_SU_R_free_Cruickshank_DPI   ? 
_refine.pdbx_overall_SU_R_free_Blow_DPI          ? 
_refine.pdbx_overall_SU_R_Blow_DPI               ? 
_refine.pdbx_TLS_residual_ADP_flag               ? 
_refine.pdbx_diffrn_id                           1 
_refine.overall_SU_B                             ? 
_refine.overall_SU_ML                            0.1800 
_refine.overall_SU_R_Cruickshank_DPI             ? 
_refine.overall_SU_R_free                        ? 
_refine.overall_FOM_free_R_set                   ? 
_refine.overall_FOM_work_R_set                   ? 
_refine.pdbx_average_fsc_overall                 ? 
_refine.pdbx_average_fsc_work                    ? 
_refine.pdbx_average_fsc_free                    ? 
# 
_refine_hist.pdbx_refine_id                   'X-RAY DIFFRACTION' 
_refine_hist.cycle_id                         final 
_refine_hist.details                          ? 
_refine_hist.d_res_high                       3.1200 
_refine_hist.d_res_low                        34.5170 
_refine_hist.number_atoms_solvent             0 
_refine_hist.number_atoms_total               858 
_refine_hist.number_reflns_all                ? 
_refine_hist.number_reflns_obs                ? 
_refine_hist.number_reflns_R_free             ? 
_refine_hist.number_reflns_R_work             ? 
_refine_hist.R_factor_all                     ? 
_refine_hist.R_factor_obs                     ? 
_refine_hist.R_factor_R_free                  ? 
_refine_hist.R_factor_R_work                  ? 
_refine_hist.pdbx_number_residues_total       42 
_refine_hist.pdbx_B_iso_mean_ligand           154.63 
_refine_hist.pdbx_B_iso_mean_solvent          ? 
_refine_hist.pdbx_number_atoms_protein        0 
_refine_hist.pdbx_number_atoms_nucleic_acid   855 
_refine_hist.pdbx_number_atoms_ligand         3 
_refine_hist.pdbx_number_atoms_lipid          ? 
_refine_hist.pdbx_number_atoms_carb           ? 
_refine_hist.pdbx_pseudo_atom_details         ? 
# 
loop_
_refine_ls_restr.pdbx_refine_id 
_refine_ls_restr.criterion 
_refine_ls_restr.dev_ideal 
_refine_ls_restr.dev_ideal_target 
_refine_ls_restr.number 
_refine_ls_restr.rejects 
_refine_ls_restr.type 
_refine_ls_restr.weight 
_refine_ls_restr.pdbx_restraint_function 
'X-RAY DIFFRACTION' ? 0.006  ? 956  ? f_bond_d           ? ? 
'X-RAY DIFFRACTION' ? 0.643  ? 1467 ? f_angle_d          ? ? 
'X-RAY DIFFRACTION' ? 0.034  ? 166  ? f_chiral_restr     ? ? 
'X-RAY DIFFRACTION' ? 0.004  ? 42   ? f_plane_restr      ? ? 
'X-RAY DIFFRACTION' ? 33.610 ? 406  ? f_dihedral_angle_d ? ? 
# 
loop_
_refine_ls_shell.pdbx_refine_id 
_refine_ls_shell.d_res_high 
_refine_ls_shell.d_res_low 
_refine_ls_shell.number_reflns_all 
_refine_ls_shell.number_reflns_obs 
_refine_ls_shell.number_reflns_R_free 
_refine_ls_shell.number_reflns_R_work 
_refine_ls_shell.percent_reflns_obs 
_refine_ls_shell.percent_reflns_R_free 
_refine_ls_shell.R_factor_all 
_refine_ls_shell.R_factor_obs 
_refine_ls_shell.R_factor_R_free 
_refine_ls_shell.R_factor_R_free_error 
_refine_ls_shell.R_factor_R_work 
_refine_ls_shell.redundancy_reflns_all 
_refine_ls_shell.redundancy_reflns_obs 
_refine_ls_shell.wR_factor_all 
_refine_ls_shell.wR_factor_obs 
_refine_ls_shell.wR_factor_R_free 
_refine_ls_shell.wR_factor_R_work 
_refine_ls_shell.pdbx_R_complete 
_refine_ls_shell.pdbx_total_number_of_bins_used 
_refine_ls_shell.pdbx_phase_error 
_refine_ls_shell.pdbx_fsc_work 
_refine_ls_shell.pdbx_fsc_free 
'X-RAY DIFFRACTION' 3.12   3.9297 . . 108 1956 74.0000  . . . 0.3971 0.0000 0.3649 . . . . . . . . . . . 
'X-RAY DIFFRACTION' 3.9297 34.517 . . 155 2645 100.0000 . . . 0.2014 0.0000 0.1790 . . . . . . . . . . . 
# 
_struct.entry_id                     6XFE 
_struct.title                        
'Self-assembly of a 3D DNA crystal lattice (4x5 junction version) containing the J21 immobile Holliday junction' 
_struct.pdbx_model_details           ? 
_struct.pdbx_formula_weight          ? 
_struct.pdbx_formula_weight_method   ? 
_struct.pdbx_model_type_details      ? 
_struct.pdbx_CASP_flag               N 
# 
_struct_keywords.entry_id        6XFE 
_struct_keywords.text            
'Structural DNA nanotechnology, immobile Holliday junctions, 3D DNA self-assembly, designer DNA crystals, DNA' 
_struct_keywords.pdbx_keywords   DNA 
# 
loop_
_struct_asym.id 
_struct_asym.pdbx_blank_PDB_chainid_flag 
_struct_asym.pdbx_modified 
_struct_asym.entity_id 
_struct_asym.details 
A N N 1 ? 
B N N 2 ? 
C N N 3 ? 
D N N 4 ? 
E N N 5 ? 
F N N 5 ? 
G N N 5 ? 
# 
loop_
_struct_conn.id 
_struct_conn.conn_type_id 
_struct_conn.pdbx_leaving_atom_flag 
_struct_conn.pdbx_PDB_id 
_struct_conn.ptnr1_label_asym_id 
_struct_conn.ptnr1_label_comp_id 
_struct_conn.ptnr1_label_seq_id 
_struct_conn.ptnr1_label_atom_id 
_struct_conn.pdbx_ptnr1_label_alt_id 
_struct_conn.pdbx_ptnr1_PDB_ins_code 
_struct_conn.pdbx_ptnr1_standard_comp_id 
_struct_conn.ptnr1_symmetry 
_struct_conn.ptnr2_label_asym_id 
_struct_conn.ptnr2_label_comp_id 
_struct_conn.ptnr2_label_seq_id 
_struct_conn.ptnr2_label_atom_id 
_struct_conn.pdbx_ptnr2_label_alt_id 
_struct_conn.pdbx_ptnr2_PDB_ins_code 
_struct_conn.ptnr1_auth_asym_id 
_struct_conn.ptnr1_auth_comp_id 
_struct_conn.ptnr1_auth_seq_id 
_struct_conn.ptnr2_auth_asym_id 
_struct_conn.ptnr2_auth_comp_id 
_struct_conn.ptnr2_auth_seq_id 
_struct_conn.ptnr2_symmetry 
_struct_conn.pdbx_ptnr3_label_atom_id 
_struct_conn.pdbx_ptnr3_label_seq_id 
_struct_conn.pdbx_ptnr3_label_comp_id 
_struct_conn.pdbx_ptnr3_label_asym_id 
_struct_conn.pdbx_ptnr3_label_alt_id 
_struct_conn.pdbx_ptnr3_PDB_ins_code 
_struct_conn.details 
_struct_conn.pdbx_dist_value 
_struct_conn.pdbx_value_order 
_struct_conn.pdbx_role 
hydrog1  hydrog ? ? A DG 3  N2 ? ? ? 1_555 D DC 16 N3 ? ? A DG 3  D DC 16 1_555 ? ? ? ? ? ? 'DG-DC PAIR' ? ? ? 
hydrog2  hydrog ? ? A DC 4  O2 ? ? ? 1_555 D DG 15 N2 ? ? A DC 4  D DG 15 1_555 ? ? ? ? ? ? 'DC-DG PAIR' ? ? ? 
hydrog3  hydrog ? ? A DG 6  N1 ? ? ? 1_555 D DC 13 N3 ? ? A DG 6  D DC 13 1_555 ? ? ? ? ? ? WATSON-CRICK ? ? ? 
hydrog4  hydrog ? ? A DG 6  N2 ? ? ? 1_555 D DC 13 O2 ? ? A DG 6  D DC 13 1_555 ? ? ? ? ? ? WATSON-CRICK ? ? ? 
hydrog5  hydrog ? ? A DG 6  O6 ? ? ? 1_555 D DC 13 N4 ? ? A DG 6  D DC 13 1_555 ? ? ? ? ? ? WATSON-CRICK ? ? ? 
hydrog6  hydrog ? ? A DA 7  N1 ? ? ? 1_555 D DT 12 N3 ? ? A DA 7  D DT 12 1_555 ? ? ? ? ? ? WATSON-CRICK ? ? ? 
hydrog7  hydrog ? ? A DA 7  N6 ? ? ? 1_555 D DT 12 O4 ? ? A DA 7  D DT 12 1_555 ? ? ? ? ? ? WATSON-CRICK ? ? ? 
hydrog8  hydrog ? ? A DC 8  N3 ? ? ? 1_555 D DG 11 N2 ? ? A DC 8  D DG 11 1_555 ? ? ? ? ? ? 'DC-DG PAIR' ? ? ? 
hydrog9  hydrog ? ? A DC 9  N3 ? ? ? 1_555 D DG 10 N1 ? ? A DC 9  D DG 10 1_555 ? ? ? ? ? ? WATSON-CRICK ? ? ? 
hydrog10 hydrog ? ? A DC 9  N4 ? ? ? 1_555 D DG 10 O6 ? ? A DC 9  D DG 10 1_555 ? ? ? ? ? ? WATSON-CRICK ? ? ? 
hydrog11 hydrog ? ? A DC 9  O2 ? ? ? 1_555 D DG 10 N2 ? ? A DC 9  D DG 10 1_555 ? ? ? ? ? ? WATSON-CRICK ? ? ? 
hydrog12 hydrog ? ? A DT 10 N3 ? ? ? 1_555 C DA 2  N1 ? ? A DT 10 C DA 2  1_555 ? ? ? ? ? ? 'DT-DA PAIR' ? ? ? 
hydrog13 hydrog ? ? A DG 11 N1 ? ? ? 1_555 C DC 1  N3 ? ? A DG 11 C DC 1  1_555 ? ? ? ? ? ? WATSON-CRICK ? ? ? 
hydrog14 hydrog ? ? A DG 11 N2 ? ? ? 1_555 C DC 1  O2 ? ? A DG 11 C DC 1  1_555 ? ? ? ? ? ? WATSON-CRICK ? ? ? 
hydrog15 hydrog ? ? A DG 11 O6 ? ? ? 1_555 C DC 1  N4 ? ? A DG 11 C DC 1  1_555 ? ? ? ? ? ? WATSON-CRICK ? ? ? 
hydrog16 hydrog ? ? B DA 1  N1 ? ? ? 1_555 C DT 5  N3 ? ? B DA 12 C DT 5  1_555 ? ? ? ? ? ? WATSON-CRICK ? ? ? 
hydrog17 hydrog ? ? B DA 1  N6 ? ? ? 1_555 C DT 5  O4 ? ? B DA 12 C DT 5  1_555 ? ? ? ? ? ? WATSON-CRICK ? ? ? 
hydrog18 hydrog ? ? B DC 2  N3 ? ? ? 1_555 C DG 4  N1 ? ? B DC 13 C DG 4  1_555 ? ? ? ? ? ? WATSON-CRICK ? ? ? 
hydrog19 hydrog ? ? B DC 2  N4 ? ? ? 1_555 C DG 4  O6 ? ? B DC 13 C DG 4  1_555 ? ? ? ? ? ? WATSON-CRICK ? ? ? 
hydrog20 hydrog ? ? B DC 2  O2 ? ? ? 1_555 C DG 4  N2 ? ? B DC 13 C DG 4  1_555 ? ? ? ? ? ? WATSON-CRICK ? ? ? 
hydrog21 hydrog ? ? B DT 3  N3 ? ? ? 1_555 C DA 3  N1 ? ? B DT 14 C DA 3  1_555 ? ? ? ? ? ? WATSON-CRICK ? ? ? 
hydrog22 hydrog ? ? B DT 3  O4 ? ? ? 1_555 C DA 3  N6 ? ? B DT 14 C DA 3  1_555 ? ? ? ? ? ? WATSON-CRICK ? ? ? 
hydrog23 hydrog ? ? B DG 4  N1 ? ? ? 1_555 D DC 9  N3 ? ? B DG 15 D DC 9  1_555 ? ? ? ? ? ? WATSON-CRICK ? ? ? 
hydrog24 hydrog ? ? B DG 4  N2 ? ? ? 1_555 D DC 9  O2 ? ? B DG 15 D DC 9  1_555 ? ? ? ? ? ? WATSON-CRICK ? ? ? 
hydrog25 hydrog ? ? B DG 4  O6 ? ? ? 1_555 D DC 9  N4 ? ? B DG 15 D DC 9  1_555 ? ? ? ? ? ? WATSON-CRICK ? ? ? 
hydrog26 hydrog ? ? B DC 5  N3 ? ? ? 1_555 D DG 8  N1 ? ? B DC 16 D DG 8  1_555 ? ? ? ? ? ? WATSON-CRICK ? ? ? 
hydrog27 hydrog ? ? B DC 5  N4 ? ? ? 1_555 D DG 8  O6 ? ? B DC 16 D DG 8  1_555 ? ? ? ? ? ? WATSON-CRICK ? ? ? 
hydrog28 hydrog ? ? B DC 5  O2 ? ? ? 1_555 D DG 8  N2 ? ? B DC 16 D DG 8  1_555 ? ? ? ? ? ? WATSON-CRICK ? ? ? 
hydrog29 hydrog ? ? B DA 6  N1 ? ? ? 1_555 D DT 7  N3 ? ? B DA 17 D DT 7  1_555 ? ? ? ? ? ? WATSON-CRICK ? ? ? 
hydrog30 hydrog ? ? B DA 6  N6 ? ? ? 1_555 D DT 7  O4 ? ? B DA 17 D DT 7  1_555 ? ? ? ? ? ? WATSON-CRICK ? ? ? 
hydrog31 hydrog ? ? B DC 7  N3 ? ? ? 1_555 D DG 6  N1 ? ? B DC 18 D DG 6  1_555 ? ? ? ? ? ? WATSON-CRICK ? ? ? 
hydrog32 hydrog ? ? B DC 7  N4 ? ? ? 1_555 D DG 6  O6 ? ? B DC 18 D DG 6  1_555 ? ? ? ? ? ? WATSON-CRICK ? ? ? 
hydrog33 hydrog ? ? B DC 7  O2 ? ? ? 1_555 D DG 6  N2 ? ? B DC 18 D DG 6  1_555 ? ? ? ? ? ? WATSON-CRICK ? ? ? 
hydrog34 hydrog ? ? B DT 8  N3 ? ? ? 1_555 D DA 5  N1 ? ? B DT 19 D DA 5  1_555 ? ? ? ? ? ? WATSON-CRICK ? ? ? 
hydrog35 hydrog ? ? B DT 8  O4 ? ? ? 1_555 D DA 5  N6 ? ? B DT 19 D DA 5  1_555 ? ? ? ? ? ? WATSON-CRICK ? ? ? 
hydrog36 hydrog ? ? B DC 9  N3 ? ? ? 1_555 D DG 4  N1 ? ? B DC 20 D DG 4  1_555 ? ? ? ? ? ? WATSON-CRICK ? ? ? 
hydrog37 hydrog ? ? B DC 9  N4 ? ? ? 1_555 D DG 4  O6 ? ? B DC 20 D DG 4  1_555 ? ? ? ? ? ? WATSON-CRICK ? ? ? 
hydrog38 hydrog ? ? B DC 9  O2 ? ? ? 1_555 D DG 4  N2 ? ? B DC 20 D DG 4  1_555 ? ? ? ? ? ? WATSON-CRICK ? ? ? 
# 
_struct_conn_type.id          hydrog 
_struct_conn_type.criteria    ? 
_struct_conn_type.reference   ? 
# 
_atom_sites.entry_id                    6XFE 
_atom_sites.Cartn_transf_matrix[1][1]   ? 
_atom_sites.Cartn_transf_matrix[1][2]   ? 
_atom_sites.Cartn_transf_matrix[1][3]   ? 
_atom_sites.Cartn_transf_matrix[2][1]   ? 
_atom_sites.Cartn_transf_matrix[2][2]   ? 
_atom_sites.Cartn_transf_matrix[2][3]   ? 
_atom_sites.Cartn_transf_matrix[3][1]   ? 
_atom_sites.Cartn_transf_matrix[3][2]   ? 
_atom_sites.Cartn_transf_matrix[3][3]   ? 
_atom_sites.Cartn_transf_vector[1]      ? 
_atom_sites.Cartn_transf_vector[2]      ? 
_atom_sites.Cartn_transf_vector[3]      ? 
_atom_sites.fract_transf_matrix[1][1]   -0.00226352 
_atom_sites.fract_transf_matrix[1][2]   -0.01587541 
_atom_sites.fract_transf_matrix[1][3]   0.00475728 
_atom_sites.fract_transf_matrix[2][1]   0.01169632 
_atom_sites.fract_transf_matrix[2][2]   -0.00775057 
_atom_sites.fract_transf_matrix[2][3]   0.00910589 
_atom_sites.fract_transf_matrix[3][1]   -0.00748550 
_atom_sites.fract_transf_matrix[3][2]   0.00530048 
_atom_sites.fract_transf_matrix[3][3]   0.01412653 
_atom_sites.fract_transf_vector[1]      -0.154618 
_atom_sites.fract_transf_vector[2]      -0.290234 
_atom_sites.fract_transf_vector[3]      -0.127681 
_atom_sites.solution_primary            ? 
_atom_sites.solution_secondary          ? 
_atom_sites.solution_hydrogens          ? 
_atom_sites.special_details             ? 
# 
loop_
_atom_type.symbol 
AS 
C  
CO 
N  
O  
P  
# 
loop_
_atom_site.group_PDB 
_atom_site.id 
_atom_site.type_symbol 
_atom_site.label_atom_id 
_atom_site.label_alt_id 
_atom_site.label_comp_id 
_atom_site.label_asym_id 
_atom_site.label_entity_id 
_atom_site.label_seq_id 
_atom_site.pdbx_PDB_ins_code 
_atom_site.Cartn_x 
_atom_site.Cartn_y 
_atom_site.Cartn_z 
_atom_site.occupancy 
_atom_site.B_iso_or_equiv 
_atom_site.pdbx_formal_charge 
_atom_site.auth_seq_id 
_atom_site.auth_comp_id 
_atom_site.auth_asym_id 
_atom_site.auth_atom_id 
_atom_site.pdbx_PDB_model_num 
ATOM   1   O  "O5'" . DG  A 1 1  ? 8.952   18.319  -17.637 1.00 188.20 ? 1   DG  A "O5'" 1 
ATOM   2   C  "C5'" . DG  A 1 1  ? 8.529   17.704  -16.429 1.00 193.47 ? 1   DG  A "C5'" 1 
ATOM   3   C  "C4'" . DG  A 1 1  ? 7.174   18.236  -16.003 1.00 190.79 ? 1   DG  A "C4'" 1 
ATOM   4   O  "O4'" . DG  A 1 1  ? 6.225   18.008  -17.053 1.00 181.73 ? 1   DG  A "O4'" 1 
ATOM   5   C  "C3'" . DG  A 1 1  ? 6.565   17.550  -14.791 1.00 194.44 ? 1   DG  A "C3'" 1 
ATOM   6   O  "O3'" . DG  A 1 1  ? 6.988   18.204  -13.600 1.00 201.13 ? 1   DG  A "O3'" 1 
ATOM   7   C  "C2'" . DG  A 1 1  ? 5.055   17.715  -15.008 1.00 187.00 ? 1   DG  A "C2'" 1 
ATOM   8   C  "C1'" . DG  A 1 1  ? 4.930   18.035  -16.502 1.00 182.07 ? 1   DG  A "C1'" 1 
ATOM   9   N  N9    . DG  A 1 1  ? 4.088   17.107  -17.250 1.00 180.16 ? 1   DG  A N9    1 
ATOM   10  C  C8    . DG  A 1 1  ? 4.431   16.420  -18.389 1.00 180.53 ? 1   DG  A C8    1 
ATOM   11  N  N7    . DG  A 1 1  ? 3.471   15.673  -18.855 1.00 181.53 ? 1   DG  A N7    1 
ATOM   12  C  C5    . DG  A 1 1  ? 2.420   15.879  -17.971 1.00 183.62 ? 1   DG  A C5    1 
ATOM   13  C  C6    . DG  A 1 1  ? 1.113   15.335  -17.966 1.00 184.05 ? 1   DG  A C6    1 
ATOM   14  O  O6    . DG  A 1 1  ? 0.611   14.535  -18.768 1.00 181.40 ? 1   DG  A O6    1 
ATOM   15  N  N1    . DG  A 1 1  ? 0.363   15.810  -16.893 1.00 184.15 ? 1   DG  A N1    1 
ATOM   16  C  C2    . DG  A 1 1  ? 0.819   16.698  -15.947 1.00 184.84 ? 1   DG  A C2    1 
ATOM   17  N  N2    . DG  A 1 1  ? -0.047  17.038  -14.983 1.00 186.95 ? 1   DG  A N2    1 
ATOM   18  N  N3    . DG  A 1 1  ? 2.038   17.216  -15.943 1.00 181.25 ? 1   DG  A N3    1 
ATOM   19  C  C4    . DG  A 1 1  ? 2.782   16.763  -16.980 1.00 181.67 ? 1   DG  A C4    1 
ATOM   20  P  P     . DA  A 1 2  ? 7.395   17.344  -12.306 1.00 190.59 ? 2   DA  A P     1 
ATOM   21  O  OP1   . DA  A 1 2  ? 8.038   18.262  -11.337 1.00 185.97 ? 2   DA  A OP1   1 
ATOM   22  O  OP2   . DA  A 1 2  ? 8.119   16.148  -12.788 1.00 196.15 ? 2   DA  A OP2   1 
ATOM   23  O  "O5'" . DA  A 1 2  ? 5.995   16.857  -11.707 1.00 179.06 ? 2   DA  A "O5'" 1 
ATOM   24  C  "C5'" . DA  A 1 2  ? 5.171   17.768  -10.995 1.00 176.66 ? 2   DA  A "C5'" 1 
ATOM   25  C  "C4'" . DA  A 1 2  ? 3.777   17.197  -10.802 1.00 178.75 ? 2   DA  A "C4'" 1 
ATOM   26  O  "O4'" . DA  A 1 2  ? 3.277   16.708  -12.075 1.00 176.79 ? 2   DA  A "O4'" 1 
ATOM   27  C  "C3'" . DA  A 1 2  ? 3.691   16.005  -9.852  1.00 182.98 ? 2   DA  A "C3'" 1 
ATOM   28  O  "O3'" . DA  A 1 2  ? 2.411   15.986  -9.228  1.00 189.56 ? 2   DA  A "O3'" 1 
ATOM   29  C  "C2'" . DA  A 1 2  ? 3.846   14.837  -10.809 1.00 180.95 ? 2   DA  A "C2'" 1 
ATOM   30  C  "C1'" . DA  A 1 2  ? 3.003   15.328  -11.968 1.00 178.43 ? 2   DA  A "C1'" 1 
ATOM   31  N  N9    . DA  A 1 2  ? 3.328   14.696  -13.234 1.00 183.02 ? 2   DA  A N9    1 
ATOM   32  C  C8    . DA  A 1 2  ? 4.538   14.696  -13.869 1.00 179.64 ? 2   DA  A C8    1 
ATOM   33  N  N7    . DA  A 1 2  ? 4.537   14.048  -15.008 1.00 180.88 ? 2   DA  A N7    1 
ATOM   34  C  C5    . DA  A 1 2  ? 3.235   13.584  -15.126 1.00 186.95 ? 2   DA  A C5    1 
ATOM   35  C  C6    . DA  A 1 2  ? 2.582   12.822  -16.116 1.00 186.93 ? 2   DA  A C6    1 
ATOM   36  N  N6    . DA  A 1 2  ? 3.190   12.371  -17.220 1.00 182.93 ? 2   DA  A N6    1 
ATOM   37  N  N1    . DA  A 1 2  ? 1.276   12.534  -15.924 1.00 187.07 ? 2   DA  A N1    1 
ATOM   38  C  C2    . DA  A 1 2  ? 0.670   12.988  -14.818 1.00 184.97 ? 2   DA  A C2    1 
ATOM   39  N  N3    . DA  A 1 2  ? 1.178   13.710  -13.820 1.00 185.77 ? 2   DA  A N3    1 
ATOM   40  C  C4    . DA  A 1 2  ? 2.477   13.979  -14.039 1.00 187.70 ? 2   DA  A C4    1 
ATOM   41  P  P     . DG  A 1 3  ? 2.124   15.013  -7.979  1.00 196.82 ? 3   DG  A P     1 
ATOM   42  O  OP1   . DG  A 1 3  ? 2.543   15.735  -6.758  1.00 190.83 ? 3   DG  A OP1   1 
ATOM   43  O  OP2   . DG  A 1 3  ? 2.671   13.671  -8.267  1.00 189.46 ? 3   DG  A OP2   1 
ATOM   44  O  "O5'" . DG  A 1 3  ? 0.534   14.855  -7.973  1.00 181.85 ? 3   DG  A "O5'" 1 
ATOM   45  C  "C5'" . DG  A 1 3  ? -0.052  13.738  -7.324  1.00 178.19 ? 3   DG  A "C5'" 1 
ATOM   46  C  "C4'" . DG  A 1 3  ? -0.831  12.891  -8.310  1.00 180.02 ? 3   DG  A "C4'" 1 
ATOM   47  O  "O4'" . DG  A 1 3  ? -0.165  12.889  -9.597  1.00 179.16 ? 3   DG  A "O4'" 1 
ATOM   48  C  "C3'" . DG  A 1 3  ? -0.998  11.420  -7.913  1.00 182.30 ? 3   DG  A "C3'" 1 
ATOM   49  O  "O3'" . DG  A 1 3  ? -2.351  11.043  -8.077  1.00 187.35 ? 3   DG  A "O3'" 1 
ATOM   50  C  "C2'" . DG  A 1 3  ? -0.088  10.681  -8.897  1.00 182.41 ? 3   DG  A "C2'" 1 
ATOM   51  C  "C1'" . DG  A 1 3  ? -0.179  11.580  -10.113 1.00 181.27 ? 3   DG  A "C1'" 1 
ATOM   52  N  N9    . DG  A 1 3  ? 0.939   11.443  -11.037 1.00 181.85 ? 3   DG  A N9    1 
ATOM   53  C  C8    . DG  A 1 3  ? 2.201   11.958  -10.885 1.00 181.90 ? 3   DG  A C8    1 
ATOM   54  N  N7    . DG  A 1 3  ? 2.999   11.687  -11.879 1.00 183.51 ? 3   DG  A N7    1 
ATOM   55  C  C5    . DG  A 1 3  ? 2.215   10.941  -12.750 1.00 182.52 ? 3   DG  A C5    1 
ATOM   56  C  C6    . DG  A 1 3  ? 2.540   10.367  -14.001 1.00 179.20 ? 3   DG  A C6    1 
ATOM   57  O  O6    . DG  A 1 3  ? 3.622   10.406  -14.607 1.00 174.51 ? 3   DG  A O6    1 
ATOM   58  N  N1    . DG  A 1 3  ? 1.452   9.698   -14.558 1.00 178.54 ? 3   DG  A N1    1 
ATOM   59  C  C2    . DG  A 1 3  ? 0.210   9.597   -13.973 1.00 176.71 ? 3   DG  A C2    1 
ATOM   60  N  N2    . DG  A 1 3  ? -0.715  8.909   -14.657 1.00 177.90 ? 3   DG  A N2    1 
ATOM   61  N  N3    . DG  A 1 3  ? -0.106  10.129  -12.800 1.00 172.56 ? 3   DG  A N3    1 
ATOM   62  C  C4    . DG  A 1 3  ? 0.941   10.786  -12.249 1.00 179.56 ? 3   DG  A C4    1 
ATOM   63  P  P     . DC  A 1 4  ? -2.922  9.708   -7.387  1.00 191.82 ? 4   DC  A P     1 
ATOM   64  O  OP1   . DC  A 1 4  ? -3.874  10.115  -6.332  1.00 187.85 ? 4   DC  A OP1   1 
ATOM   65  O  OP2   . DC  A 1 4  ? -1.781  8.826   -7.055  1.00 192.26 ? 4   DC  A OP2   1 
ATOM   66  O  "O5'" . DC  A 1 4  ? -3.749  9.013   -8.560  1.00 185.66 ? 4   DC  A "O5'" 1 
ATOM   67  C  "C5'" . DC  A 1 4  ? -3.127  8.766   -9.809  1.00 186.82 ? 4   DC  A "C5'" 1 
ATOM   68  C  "C4'" . DC  A 1 4  ? -3.370  7.336   -10.239 1.00 191.97 ? 4   DC  A "C4'" 1 
ATOM   69  O  "O4'" . DC  A 1 4  ? -2.472  7.000   -11.328 1.00 190.81 ? 4   DC  A "O4'" 1 
ATOM   70  C  "C3'" . DC  A 1 4  ? -3.101  6.299   -9.159  1.00 194.15 ? 4   DC  A "C3'" 1 
ATOM   71  O  "O3'" . DC  A 1 4  ? -3.915  5.159   -9.377  1.00 198.56 ? 4   DC  A "O3'" 1 
ATOM   72  C  "C2'" . DC  A 1 4  ? -1.631  5.982   -9.386  1.00 188.47 ? 4   DC  A "C2'" 1 
ATOM   73  C  "C1'" . DC  A 1 4  ? -1.568  5.997   -10.907 1.00 186.04 ? 4   DC  A "C1'" 1 
ATOM   74  N  N1    . DC  A 1 4  ? -0.223  6.322   -11.441 1.00 184.28 ? 4   DC  A N1    1 
ATOM   75  C  C2    . DC  A 1 4  ? 0.125   5.900   -12.727 1.00 182.06 ? 4   DC  A C2    1 
ATOM   76  O  O2    . DC  A 1 4  ? -0.700  5.264   -13.399 1.00 179.31 ? 4   DC  A O2    1 
ATOM   77  N  N3    . DC  A 1 4  ? 1.361   6.203   -13.204 1.00 178.53 ? 4   DC  A N3    1 
ATOM   78  C  C4    . DC  A 1 4  ? 2.219   6.890   -12.447 1.00 173.43 ? 4   DC  A C4    1 
ATOM   79  N  N4    . DC  A 1 4  ? 3.425   7.165   -12.957 1.00 168.57 ? 4   DC  A N4    1 
ATOM   80  C  C5    . DC  A 1 4  ? 1.880   7.327   -11.132 1.00 172.61 ? 4   DC  A C5    1 
ATOM   81  C  C6    . DC  A 1 4  ? 0.660   7.024   -10.674 1.00 178.27 ? 4   DC  A C6    1 
ATOM   82  P  P     . DA  A 1 5  ? -4.480  4.316   -8.133  1.00 208.46 ? 5   DA  A P     1 
ATOM   83  O  OP1   . DA  A 1 5  ? -5.827  4.838   -7.808  1.00 206.62 ? 5   DA  A OP1   1 
ATOM   84  O  OP2   . DA  A 1 5  ? -3.425  4.299   -7.094  1.00 197.52 ? 5   DA  A OP2   1 
ATOM   85  O  "O5'" . DA  A 1 5  ? -4.635  2.839   -8.724  1.00 189.06 ? 5   DA  A "O5'" 1 
ATOM   86  C  "C5'" . DA  A 1 5  ? -5.287  2.652   -9.966  1.00 184.16 ? 5   DA  A "C5'" 1 
ATOM   87  C  "C4'" . DA  A 1 5  ? -4.454  1.780   -10.885 1.00 183.03 ? 5   DA  A "C4'" 1 
ATOM   88  O  "O4'" . DA  A 1 5  ? -3.194  2.428   -11.174 1.00 176.67 ? 5   DA  A "O4'" 1 
ATOM   89  C  "C3'" . DA  A 1 5  ? -4.114  0.401   -10.325 1.00 182.56 ? 5   DA  A "C3'" 1 
ATOM   90  O  "O3'" . DA  A 1 5  ? -4.597  -0.590  -11.204 1.00 188.44 ? 5   DA  A "O3'" 1 
ATOM   91  C  "C2'" . DA  A 1 5  ? -2.578  0.385   -10.235 1.00 175.66 ? 5   DA  A "C2'" 1 
ATOM   92  C  "C1'" . DA  A 1 5  ? -2.174  1.461   -11.230 1.00 171.89 ? 5   DA  A "C1'" 1 
ATOM   93  N  N9    . DA  A 1 5  ? -0.916  2.126   -10.902 1.00 169.90 ? 5   DA  A N9    1 
ATOM   94  C  C8    . DA  A 1 5  ? -0.613  2.781   -9.742  1.00 173.41 ? 5   DA  A C8    1 
ATOM   95  N  N7    . DA  A 1 5  ? 0.590   3.306   -9.725  1.00 168.26 ? 5   DA  A N7    1 
ATOM   96  C  C5    . DA  A 1 5  ? 1.112   2.979   -10.964 1.00 169.96 ? 5   DA  A C5    1 
ATOM   97  C  C6    . DA  A 1 5  ? 2.357   3.248   -11.570 1.00 166.44 ? 5   DA  A C6    1 
ATOM   98  N  N6    . DA  A 1 5  ? 3.336   3.935   -10.971 1.00 161.01 ? 5   DA  A N6    1 
ATOM   99  N  N1    . DA  A 1 5  ? 2.557   2.778   -12.820 1.00 167.20 ? 5   DA  A N1    1 
ATOM   100 C  C2    . DA  A 1 5  ? 1.573   2.090   -13.416 1.00 173.08 ? 5   DA  A C2    1 
ATOM   101 N  N3    . DA  A 1 5  ? 0.364   1.776   -12.948 1.00 174.77 ? 5   DA  A N3    1 
ATOM   102 C  C4    . DA  A 1 5  ? 0.194   2.256   -11.706 1.00 172.39 ? 5   DA  A C4    1 
ATOM   103 P  P     . DG  A 1 6  ? -4.742  -2.107  -10.710 1.00 204.72 ? 6   DG  A P     1 
ATOM   104 O  OP1   . DG  A 1 6  ? -6.058  -2.601  -11.176 1.00 200.10 ? 6   DG  A OP1   1 
ATOM   105 O  OP2   . DG  A 1 6  ? -4.404  -2.146  -9.269  1.00 197.43 ? 6   DG  A OP2   1 
ATOM   106 O  "O5'" . DG  A 1 6  ? -3.594  -2.865  -11.520 1.00 181.74 ? 6   DG  A "O5'" 1 
ATOM   107 C  "C5'" . DG  A 1 6  ? -3.502  -2.687  -12.917 1.00 174.09 ? 6   DG  A "C5'" 1 
ATOM   108 C  "C4'" . DG  A 1 6  ? -2.107  -3.003  -13.409 1.00 170.27 ? 6   DG  A "C4'" 1 
ATOM   109 O  "O4'" . DG  A 1 6  ? -1.197  -1.967  -13.001 1.00 161.84 ? 6   DG  A "O4'" 1 
ATOM   110 C  "C3'" . DG  A 1 6  ? -1.513  -4.314  -12.888 1.00 168.00 ? 6   DG  A "C3'" 1 
ATOM   111 O  "O3'" . DG  A 1 6  ? -1.387  -5.231  -13.964 1.00 179.15 ? 6   DG  A "O3'" 1 
ATOM   112 C  "C2'" . DG  A 1 6  ? -0.141  -3.911  -12.312 1.00 162.13 ? 6   DG  A "C2'" 1 
ATOM   113 C  "C1'" . DG  A 1 6  ? 0.078   -2.528  -12.903 1.00 159.61 ? 6   DG  A "C1'" 1 
ATOM   114 N  N9    . DG  A 1 6  ? 0.899   -1.652  -12.076 1.00 163.08 ? 6   DG  A N9    1 
ATOM   115 C  C8    . DG  A 1 6  ? 0.597   -1.168  -10.826 1.00 165.06 ? 6   DG  A C8    1 
ATOM   116 N  N7    . DG  A 1 6  ? 1.522   -0.389  -10.333 1.00 160.81 ? 6   DG  A N7    1 
ATOM   117 C  C5    . DG  A 1 6  ? 2.496   -0.350  -11.323 1.00 162.12 ? 6   DG  A C5    1 
ATOM   118 C  C6    . DG  A 1 6  ? 3.733   0.335   -11.357 1.00 160.26 ? 6   DG  A C6    1 
ATOM   119 O  O6    . DG  A 1 6  ? 4.228   1.067   -10.490 1.00 157.49 ? 6   DG  A O6    1 
ATOM   120 N  N1    . DG  A 1 6  ? 4.417   0.109   -12.553 1.00 161.87 ? 6   DG  A N1    1 
ATOM   121 C  C2    . DG  A 1 6  ? 3.958   -0.684  -13.583 1.00 165.24 ? 6   DG  A C2    1 
ATOM   122 N  N2    . DG  A 1 6  ? 4.757   -0.789  -14.658 1.00 164.59 ? 6   DG  A N2    1 
ATOM   123 N  N3    . DG  A 1 6  ? 2.800   -1.334  -13.558 1.00 164.67 ? 6   DG  A N3    1 
ATOM   124 C  C4    . DG  A 1 6  ? 2.125   -1.119  -12.403 1.00 163.55 ? 6   DG  A C4    1 
ATOM   125 P  P     . DA  A 1 7  ? -0.752  -6.688  -13.733 1.00 188.30 ? 7   DA  A P     1 
ATOM   126 O  OP1   . DA  A 1 7  ? -1.350  -7.607  -14.726 1.00 184.60 ? 7   DA  A OP1   1 
ATOM   127 O  OP2   . DA  A 1 7  ? -0.853  -7.008  -12.292 1.00 183.88 ? 7   DA  A OP2   1 
ATOM   128 O  "O5'" . DA  A 1 7  ? 0.787   -6.477  -14.097 1.00 171.40 ? 7   DA  A "O5'" 1 
ATOM   129 C  "C5'" . DA  A 1 7  ? 1.138   -5.633  -15.178 1.00 165.53 ? 7   DA  A "C5'" 1 
ATOM   130 C  "C4'" . DA  A 1 7  ? 2.639   -5.579  -15.339 1.00 168.44 ? 7   DA  A "C4'" 1 
ATOM   131 O  "O4'" . DA  A 1 7  ? 3.179   -4.477  -14.563 1.00 165.13 ? 7   DA  A "O4'" 1 
ATOM   132 C  "C3'" . DA  A 1 7  ? 3.375   -6.834  -14.864 1.00 165.05 ? 7   DA  A "C3'" 1 
ATOM   133 O  "O3'" . DA  A 1 7  ? 4.355   -7.203  -15.819 1.00 170.79 ? 7   DA  A "O3'" 1 
ATOM   134 C  "C2'" . DA  A 1 7  ? 4.010   -6.390  -13.547 1.00 162.83 ? 7   DA  A "C2'" 1 
ATOM   135 C  "C1'" . DA  A 1 7  ? 4.299   -4.931  -13.845 1.00 163.60 ? 7   DA  A "C1'" 1 
ATOM   136 N  N9    . DA  A 1 7  ? 4.456   -4.097  -12.658 1.00 161.19 ? 7   DA  A N9    1 
ATOM   137 C  C8    . DA  A 1 7  ? 3.600   -3.998  -11.597 1.00 158.59 ? 7   DA  A C8    1 
ATOM   138 N  N7    . DA  A 1 7  ? 3.995   -3.152  -10.673 1.00 156.53 ? 7   DA  A N7    1 
ATOM   139 C  C5    . DA  A 1 7  ? 5.195   -2.656  -11.168 1.00 159.90 ? 7   DA  A C5    1 
ATOM   140 C  C6    . DA  A 1 7  ? 6.119   -1.720  -10.661 1.00 154.99 ? 7   DA  A C6    1 
ATOM   141 N  N6    . DA  A 1 7  ? 5.969   -1.084  -9.493  1.00 145.46 ? 7   DA  A N6    1 
ATOM   142 N  N1    . DA  A 1 7  ? 7.214   -1.455  -11.410 1.00 154.69 ? 7   DA  A N1    1 
ATOM   143 C  C2    . DA  A 1 7  ? 7.363   -2.088  -12.582 1.00 161.49 ? 7   DA  A C2    1 
ATOM   144 N  N3    . DA  A 1 7  ? 6.566   -2.989  -13.156 1.00 163.81 ? 7   DA  A N3    1 
ATOM   145 C  C4    . DA  A 1 7  ? 5.488   -3.233  -12.391 1.00 161.37 ? 7   DA  A C4    1 
ATOM   146 P  P     . DC  A 1 8  ? 4.995   -8.676  -15.786 1.00 187.94 ? 8   DC  A P     1 
ATOM   147 O  OP1   . DC  A 1 8  ? 5.775   -8.861  -17.031 1.00 176.05 ? 8   DC  A OP1   1 
ATOM   148 O  OP2   . DC  A 1 8  ? 3.903   -9.621  -15.456 1.00 172.61 ? 8   DC  A OP2   1 
ATOM   149 O  "O5'" . DC  A 1 8  ? 6.010   -8.623  -14.549 1.00 170.02 ? 8   DC  A "O5'" 1 
ATOM   150 C  "C5'" . DC  A 1 8  ? 7.382   -8.912  -14.744 1.00 155.38 ? 8   DC  A "C5'" 1 
ATOM   151 C  "C4'" . DC  A 1 8  ? 8.248   -7.732  -14.341 1.00 154.68 ? 8   DC  A "C4'" 1 
ATOM   152 O  "O4'" . DC  A 1 8  ? 7.473   -6.793  -13.582 1.00 154.47 ? 8   DC  A "O4'" 1 
ATOM   153 C  "C3'" . DC  A 1 8  ? 9.412   -8.080  -13.435 1.00 151.13 ? 8   DC  A "C3'" 1 
ATOM   154 O  "O3'" . DC  A 1 8  ? 10.531  -8.439  -14.223 1.00 162.83 ? 8   DC  A "O3'" 1 
ATOM   155 C  "C2'" . DC  A 1 8  ? 9.663   -6.778  -12.657 1.00 136.71 ? 8   DC  A "C2'" 1 
ATOM   156 C  "C1'" . DC  A 1 8  ? 8.357   -5.988  -12.833 1.00 152.98 ? 8   DC  A "C1'" 1 
ATOM   157 N  N1    . DC  A 1 8  ? 7.687   -5.618  -11.546 1.00 156.82 ? 8   DC  A N1    1 
ATOM   158 C  C2    . DC  A 1 8  ? 8.229   -4.603  -10.742 1.00 154.74 ? 8   DC  A C2    1 
ATOM   159 O  O2    . DC  A 1 8  ? 9.270   -4.034  -11.101 1.00 156.06 ? 8   DC  A O2    1 
ATOM   160 N  N3    . DC  A 1 8  ? 7.596   -4.275  -9.585  1.00 145.33 ? 8   DC  A N3    1 
ATOM   161 C  C4    . DC  A 1 8  ? 6.476   -4.911  -9.233  1.00 145.95 ? 8   DC  A C4    1 
ATOM   162 N  N4    . DC  A 1 8  ? 5.887   -4.553  -8.088  1.00 141.22 ? 8   DC  A N4    1 
ATOM   163 C  C5    . DC  A 1 8  ? 5.908   -5.938  -10.041 1.00 148.51 ? 8   DC  A C5    1 
ATOM   164 C  C6    . DC  A 1 8  ? 6.539   -6.255  -11.176 1.00 153.37 ? 8   DC  A C6    1 
ATOM   165 P  P     . DC  A 1 9  ? 11.812  -9.129  -13.544 1.00 178.02 ? 9   DC  A P     1 
ATOM   166 O  OP1   . DC  A 1 9  ? 12.641  -9.713  -14.625 1.00 174.13 ? 9   DC  A OP1   1 
ATOM   167 O  OP2   . DC  A 1 9  ? 11.325  -9.992  -12.446 1.00 163.77 ? 9   DC  A OP2   1 
ATOM   168 O  "O5'" . DC  A 1 9  ? 12.594  -7.906  -12.888 1.00 140.35 ? 9   DC  A "O5'" 1 
ATOM   169 C  "C5'" . DC  A 1 9  ? 13.826  -8.129  -12.258 1.00 132.66 ? 9   DC  A "C5'" 1 
ATOM   170 C  "C4'" . DC  A 1 9  ? 14.221  -6.918  -11.454 1.00 130.00 ? 9   DC  A "C4'" 1 
ATOM   171 O  "O4'" . DC  A 1 9  ? 13.024  -6.278  -10.930 1.00 132.54 ? 9   DC  A "O4'" 1 
ATOM   172 C  "C3'" . DC  A 1 9  ? 15.101  -7.223  -10.245 1.00 119.91 ? 9   DC  A "C3'" 1 
ATOM   173 O  "O3'" . DC  A 1 9  ? 16.098  -6.245  -10.117 1.00 122.22 ? 9   DC  A "O3'" 1 
ATOM   174 C  "C2'" . DC  A 1 9  ? 14.122  -7.149  -9.091  1.00 123.89 ? 9   DC  A "C2'" 1 
ATOM   175 C  "C1'" . DC  A 1 9  ? 13.219  -6.026  -9.562  1.00 131.19 ? 9   DC  A "C1'" 1 
ATOM   176 N  N1    . DC  A 1 9  ? 11.906  -6.012  -8.870  1.00 131.83 ? 9   DC  A N1    1 
ATOM   177 C  C2    . DC  A 1 9  ? 11.758  -5.267  -7.695  1.00 123.49 ? 9   DC  A C2    1 
ATOM   178 O  O2    . DC  A 1 9  ? 12.718  -4.607  -7.272  1.00 119.19 ? 9   DC  A O2    1 
ATOM   179 N  N3    . DC  A 1 9  ? 10.558  -5.277  -7.060  1.00 120.36 ? 9   DC  A N3    1 
ATOM   180 C  C4    . DC  A 1 9  ? 9.546   -5.996  -7.549  1.00 123.70 ? 9   DC  A C4    1 
ATOM   181 N  N4    . DC  A 1 9  ? 8.384   -5.975  -6.887  1.00 114.36 ? 9   DC  A N4    1 
ATOM   182 C  C5    . DC  A 1 9  ? 9.685   -6.769  -8.741  1.00 136.59 ? 9   DC  A C5    1 
ATOM   183 C  C6    . DC  A 1 9  ? 10.871  -6.751  -9.361  1.00 135.73 ? 9   DC  A C6    1 
ATOM   184 P  P     . DT  A 1 10 ? 17.420  -6.569  -9.269  1.00 153.22 ? 10  DT  A P     1 
ATOM   185 O  OP1   . DT  A 1 10 ? 18.376  -5.449  -9.429  1.00 147.84 ? 10  DT  A OP1   1 
ATOM   186 O  OP2   . DT  A 1 10 ? 17.841  -7.940  -9.631  1.00 160.39 ? 10  DT  A OP2   1 
ATOM   187 O  "O5'" . DT  A 1 10 ? 16.911  -6.595  -7.755  1.00 134.03 ? 10  DT  A "O5'" 1 
ATOM   188 C  "C5'" . DT  A 1 10 ? 16.413  -5.410  -7.154  1.00 131.43 ? 10  DT  A "C5'" 1 
ATOM   189 C  "C4'" . DT  A 1 10 ? 16.743  -5.380  -5.676  1.00 126.04 ? 10  DT  A "C4'" 1 
ATOM   190 O  "O4'" . DT  A 1 10 ? 15.516  -5.332  -4.906  1.00 121.64 ? 10  DT  A "O4'" 1 
ATOM   191 C  "C3'" . DT  A 1 10 ? 17.504  -6.594  -5.161  1.00 118.39 ? 10  DT  A "C3'" 1 
ATOM   192 O  "O3'" . DT  A 1 10 ? 18.346  -6.198  -4.096  1.00 112.35 ? 10  DT  A "O3'" 1 
ATOM   193 C  "C2'" . DT  A 1 10 ? 16.378  -7.493  -4.670  1.00 106.43 ? 10  DT  A "C2'" 1 
ATOM   194 C  "C1'" . DT  A 1 10 ? 15.435  -6.465  -4.069  1.00 110.93 ? 10  DT  A "C1'" 1 
ATOM   195 N  N1    . DT  A 1 10 ? 14.032  -6.902  -4.039  1.00 99.92  ? 10  DT  A N1    1 
ATOM   196 C  C2    . DT  A 1 10 ? 13.268  -6.646  -2.924  1.00 100.52 ? 10  DT  A C2    1 
ATOM   197 O  O2    . DT  A 1 10 ? 13.694  -6.072  -1.939  1.00 101.93 ? 10  DT  A O2    1 
ATOM   198 N  N3    . DT  A 1 10 ? 11.979  -7.087  -3.001  1.00 94.29  ? 10  DT  A N3    1 
ATOM   199 C  C4    . DT  A 1 10 ? 11.392  -7.742  -4.063  1.00 102.17 ? 10  DT  A C4    1 
ATOM   200 O  O4    . DT  A 1 10 ? 10.224  -8.104  -4.048  1.00 106.99 ? 10  DT  A O4    1 
ATOM   201 C  C5    . DT  A 1 10 ? 12.249  -7.974  -5.195  1.00 107.19 ? 10  DT  A C5    1 
ATOM   202 C  C7    . DT  A 1 10 ? 11.719  -8.675  -6.399  1.00 117.42 ? 10  DT  A C7    1 
ATOM   203 C  C6    . DT  A 1 10 ? 13.512  -7.547  -5.129  1.00 104.97 ? 10  DT  A C6    1 
ATOM   204 P  P     . DG  A 1 11 ? 19.843  -6.769  -3.994  1.00 122.77 ? 11  DG  A P     1 
ATOM   205 O  OP1   . DG  A 1 11 ? 20.526  -6.524  -5.286  1.00 123.28 ? 11  DG  A OP1   1 
ATOM   206 O  OP2   . DG  A 1 11 ? 19.750  -8.150  -3.476  1.00 114.32 ? 11  DG  A OP2   1 
ATOM   207 O  "O5'" . DG  A 1 11 ? 20.504  -5.874  -2.845  1.00 110.22 ? 11  DG  A "O5'" 1 
ATOM   208 C  "C5'" . DG  A 1 11 ? 19.680  -5.034  -2.041  1.00 113.88 ? 11  DG  A "C5'" 1 
ATOM   209 C  "C4'" . DG  A 1 11 ? 19.523  -5.595  -0.637  1.00 106.72 ? 11  DG  A "C4'" 1 
ATOM   210 O  "O4'" . DG  A 1 11 ? 18.121  -5.746  -0.336  1.00 109.18 ? 11  DG  A "O4'" 1 
ATOM   211 C  "C3'" . DG  A 1 11 ? 20.121  -6.970  -0.428  1.00 102.13 ? 11  DG  A "C3'" 1 
ATOM   212 O  "O3'" . DG  A 1 11 ? 21.477  -6.842  -0.044  1.00 114.91 ? 11  DG  A "O3'" 1 
ATOM   213 C  "C2'" . DG  A 1 11 ? 19.274  -7.541  0.707   1.00 93.31  ? 11  DG  A "C2'" 1 
ATOM   214 C  "C1'" . DG  A 1 11 ? 17.917  -6.881  0.485   1.00 102.67 ? 11  DG  A "C1'" 1 
ATOM   215 N  N9    . DG  A 1 11 ? 16.933  -7.745  -0.161  1.00 96.90  ? 11  DG  A N9    1 
ATOM   216 C  C8    . DG  A 1 11 ? 17.114  -8.517  -1.288  1.00 96.94  ? 11  DG  A C8    1 
ATOM   217 N  N7    . DG  A 1 11 ? 16.048  -9.179  -1.638  1.00 89.12  ? 11  DG  A N7    1 
ATOM   218 C  C5    . DG  A 1 11 ? 15.101  -8.819  -0.690  1.00 89.92  ? 11  DG  A C5    1 
ATOM   219 C  C6    . DG  A 1 11 ? 13.754  -9.216  -0.558  1.00 87.40  ? 11  DG  A C6    1 
ATOM   220 O  O6    . DG  A 1 11 ? 13.115  -9.991  -1.276  1.00 82.62  ? 11  DG  A O6    1 
ATOM   221 N  N1    . DG  A 1 11 ? 13.149  -8.615  0.540   1.00 83.78  ? 11  DG  A N1    1 
ATOM   222 C  C2    . DG  A 1 11 ? 13.772  -7.739  1.400   1.00 88.63  ? 11  DG  A C2    1 
ATOM   223 N  N2    . DG  A 1 11 ? 13.033  -7.260  2.403   1.00 94.80  ? 11  DG  A N2    1 
ATOM   224 N  N3    . DG  A 1 11 ? 15.034  -7.358  1.283   1.00 82.22  ? 11  DG  A N3    1 
ATOM   225 C  C4    . DG  A 1 11 ? 15.633  -7.936  0.220   1.00 87.39  ? 11  DG  A C4    1 
ATOM   226 P  P     . DA  B 2 1  ? 7.547   -12.307 21.427  1.00 108.10 ? 12  DA  B P     1 
ATOM   227 O  OP1   . DA  B 2 1  ? 8.862   -12.391 22.095  1.00 98.61  ? 12  DA  B OP1   1 
ATOM   228 O  OP2   . DA  B 2 1  ? 6.489   -13.293 21.743  1.00 120.11 ? 12  DA  B OP2   1 
ATOM   229 O  "O5'" . DA  B 2 1  ? 6.961   -10.854 21.700  1.00 107.05 ? 12  DA  B "O5'" 1 
ATOM   230 C  "C5'" . DA  B 2 1  ? 7.044   -10.299 23.001  1.00 113.92 ? 12  DA  B "C5'" 1 
ATOM   231 C  "C4'" . DA  B 2 1  ? 6.151   -9.079  23.118  1.00 114.27 ? 12  DA  B "C4'" 1 
ATOM   232 O  "O4'" . DA  B 2 1  ? 6.720   -7.990  22.341  1.00 112.28 ? 12  DA  B "O4'" 1 
ATOM   233 C  "C3'" . DA  B 2 1  ? 4.723   -9.267  22.593  1.00 107.48 ? 12  DA  B "C3'" 1 
ATOM   234 O  "O3'" . DA  B 2 1  ? 3.795   -8.586  23.438  1.00 106.39 ? 12  DA  B "O3'" 1 
ATOM   235 C  "C2'" . DA  B 2 1  ? 4.795   -8.621  21.219  1.00 100.54 ? 12  DA  B "C2'" 1 
ATOM   236 C  "C1'" . DA  B 2 1  ? 5.723   -7.459  21.509  1.00 98.11  ? 12  DA  B "C1'" 1 
ATOM   237 N  N9    . DA  B 2 1  ? 6.341   -6.907  20.314  1.00 94.65  ? 12  DA  B N9    1 
ATOM   238 C  C8    . DA  B 2 1  ? 6.745   -7.592  19.201  1.00 94.16  ? 12  DA  B C8    1 
ATOM   239 N  N7    . DA  B 2 1  ? 7.253   -6.825  18.267  1.00 87.59  ? 12  DA  B N7    1 
ATOM   240 C  C5    . DA  B 2 1  ? 7.171   -5.553  18.803  1.00 86.03  ? 12  DA  B C5    1 
ATOM   241 C  C6    . DA  B 2 1  ? 7.543   -4.295  18.308  1.00 82.21  ? 12  DA  B C6    1 
ATOM   242 N  N6    . DA  B 2 1  ? 8.101   -4.117  17.109  1.00 83.82  ? 12  DA  B N6    1 
ATOM   243 N  N1    . DA  B 2 1  ? 7.323   -3.223  19.095  1.00 81.05  ? 12  DA  B N1    1 
ATOM   244 C  C2    . DA  B 2 1  ? 6.766   -3.412  20.297  1.00 86.32  ? 12  DA  B C2    1 
ATOM   245 N  N3    . DA  B 2 1  ? 6.374   -4.548  20.870  1.00 84.14  ? 12  DA  B N3    1 
ATOM   246 C  C4    . DA  B 2 1  ? 6.610   -5.588  20.064  1.00 87.44  ? 12  DA  B C4    1 
ATOM   247 P  P     . DC  B 2 2  ? 2.214   -8.641  23.131  1.00 129.24 ? 13  DC  B P     1 
ATOM   248 O  OP1   . DC  B 2 2  ? 1.498   -8.045  24.283  1.00 124.59 ? 13  DC  B OP1   1 
ATOM   249 O  OP2   . DC  B 2 2  ? 1.895   -10.023 22.712  1.00 112.63 ? 13  DC  B OP2   1 
ATOM   250 O  "O5'" . DC  B 2 2  ? 2.027   -7.685  21.860  1.00 104.62 ? 13  DC  B "O5'" 1 
ATOM   251 C  "C5'" . DC  B 2 2  ? 1.013   -6.704  21.851  1.00 100.94 ? 13  DC  B "C5'" 1 
ATOM   252 C  "C4'" . DC  B 2 2  ? 1.618   -5.316  21.858  1.00 98.73  ? 13  DC  B "C4'" 1 
ATOM   253 O  "O4'" . DC  B 2 2  ? 2.898   -5.347  21.203  1.00 97.04  ? 13  DC  B "O4'" 1 
ATOM   254 C  "C3'" . DC  B 2 2  ? 0.820   -4.281  21.098  1.00 101.35 ? 13  DC  B "C3'" 1 
ATOM   255 O  "O3'" . DC  B 2 2  ? -0.139  -3.701  21.954  1.00 113.53 ? 13  DC  B "O3'" 1 
ATOM   256 C  "C2'" . DC  B 2 2  ? 1.875   -3.260  20.689  1.00 89.59  ? 13  DC  B "C2'" 1 
ATOM   257 C  "C1'" . DC  B 2 2  ? 3.152   -4.091  20.596  1.00 90.71  ? 13  DC  B "C1'" 1 
ATOM   258 N  N1    . DC  B 2 2  ? 3.629   -4.338  19.209  1.00 87.02  ? 13  DC  B N1    1 
ATOM   259 C  C2    . DC  B 2 2  ? 4.053   -3.272  18.395  1.00 85.07  ? 13  DC  B C2    1 
ATOM   260 O  O2    . DC  B 2 2  ? 4.009   -2.114  18.820  1.00 86.60  ? 13  DC  B O2    1 
ATOM   261 N  N3    . DC  B 2 2  ? 4.497   -3.547  17.153  1.00 83.60  ? 13  DC  B N3    1 
ATOM   262 C  C4    . DC  B 2 2  ? 4.543   -4.803  16.721  1.00 86.29  ? 13  DC  B C4    1 
ATOM   263 N  N4    . DC  B 2 2  ? 4.992   -5.022  15.485  1.00 94.10  ? 13  DC  B N4    1 
ATOM   264 C  C5    . DC  B 2 2  ? 4.127   -5.892  17.533  1.00 83.39  ? 13  DC  B C5    1 
ATOM   265 C  C6    . DC  B 2 2  ? 3.683   -5.616  18.755  1.00 82.47  ? 13  DC  B C6    1 
ATOM   266 P  P     . DT  B 2 3  ? -1.544  -3.219  21.357  1.00 119.41 ? 14  DT  B P     1 
ATOM   267 O  OP1   . DT  B 2 3  ? -2.593  -4.045  21.999  1.00 112.28 ? 14  DT  B OP1   1 
ATOM   268 O  OP2   . DT  B 2 3  ? -1.400  -3.221  19.888  1.00 104.98 ? 14  DT  B OP2   1 
ATOM   269 O  "O5'" . DT  B 2 3  ? -1.673  -1.699  21.835  1.00 99.16  ? 14  DT  B "O5'" 1 
ATOM   270 C  "C5'" . DT  B 2 3  ? -0.513  -0.927  22.037  1.00 93.18  ? 14  DT  B "C5'" 1 
ATOM   271 C  "C4'" . DT  B 2 3  ? -0.287  0.034   20.881  1.00 105.49 ? 14  DT  B "C4'" 1 
ATOM   272 O  "O4'" . DT  B 2 3  ? 0.485   -0.609  19.842  1.00 100.15 ? 14  DT  B "O4'" 1 
ATOM   273 C  "C3'" . DT  B 2 3  ? -1.553  0.568   20.189  1.00 103.55 ? 14  DT  B "C3'" 1 
ATOM   274 O  "O3'" . DT  B 2 3  ? -1.524  1.989   20.180  1.00 109.64 ? 14  DT  B "O3'" 1 
ATOM   275 C  "C2'" . DT  B 2 3  ? -1.443  0.006   18.768  1.00 105.52 ? 14  DT  B "C2'" 1 
ATOM   276 C  "C1'" . DT  B 2 3  ? 0.059   -0.089  18.620  1.00 93.12  ? 14  DT  B "C1'" 1 
ATOM   277 N  N1    . DT  B 2 3  ? 0.517   -0.979  17.515  1.00 87.33  ? 14  DT  B N1    1 
ATOM   278 C  C2    . DT  B 2 3  ? 1.084   -0.413  16.405  1.00 90.14  ? 14  DT  B C2    1 
ATOM   279 O  O2    . DT  B 2 3  ? 1.230   0.787   16.278  1.00 87.99  ? 14  DT  B O2    1 
ATOM   280 N  N3    . DT  B 2 3  ? 1.483   -1.303  15.442  1.00 86.48  ? 14  DT  B N3    1 
ATOM   281 C  C4    . DT  B 2 3  ? 1.370   -2.677  15.484  1.00 86.06  ? 14  DT  B C4    1 
ATOM   282 O  O4    . DT  B 2 3  ? 1.751   -3.402  14.568  1.00 80.64  ? 14  DT  B O4    1 
ATOM   283 C  C5    . DT  B 2 3  ? 0.767   -3.203  16.679  1.00 90.92  ? 14  DT  B C5    1 
ATOM   284 C  C7    . DT  B 2 3  ? 0.593   -4.679  16.838  1.00 87.73  ? 14  DT  B C7    1 
ATOM   285 C  C6    . DT  B 2 3  ? 0.375   -2.339  17.627  1.00 86.91  ? 14  DT  B C6    1 
ATOM   286 P  P     . DG  B 2 4  ? -2.643  2.824   19.386  1.00 115.94 ? 15  DG  B P     1 
ATOM   287 O  OP1   . DG  B 2 4  ? -2.681  4.184   19.967  1.00 100.24 ? 15  DG  B OP1   1 
ATOM   288 O  OP2   . DG  B 2 4  ? -3.864  1.989   19.302  1.00 105.68 ? 15  DG  B OP2   1 
ATOM   289 O  "O5'" . DG  B 2 4  ? -2.055  2.966   17.913  1.00 109.48 ? 15  DG  B "O5'" 1 
ATOM   290 C  "C5'" . DG  B 2 4  ? -1.058  3.938   17.644  1.00 114.55 ? 15  DG  B "C5'" 1 
ATOM   291 C  "C4'" . DG  B 2 4  ? -1.190  4.471   16.227  1.00 119.13 ? 15  DG  B "C4'" 1 
ATOM   292 O  "O4'" . DG  B 2 4  ? -0.671  3.499   15.277  1.00 109.85 ? 15  DG  B "O4'" 1 
ATOM   293 C  "C3'" . DG  B 2 4  ? -2.612  4.766   15.777  1.00 130.24 ? 15  DG  B "C3'" 1 
ATOM   294 O  "O3'" . DG  B 2 4  ? -2.599  5.852   14.872  1.00 136.07 ? 15  DG  B "O3'" 1 
ATOM   295 C  "C2'" . DG  B 2 4  ? -3.014  3.466   15.082  1.00 119.45 ? 15  DG  B "C2'" 1 
ATOM   296 C  "C1'" . DG  B 2 4  ? -1.705  3.069   14.414  1.00 105.20 ? 15  DG  B "C1'" 1 
ATOM   297 N  N9    . DG  B 2 4  ? -1.565  1.635   14.212  1.00 103.10 ? 15  DG  B N9    1 
ATOM   298 C  C8    . DG  B 2 4  ? -2.034  0.633   15.031  1.00 104.27 ? 15  DG  B C8    1 
ATOM   299 N  N7    . DG  B 2 4  ? -1.755  -0.566  14.596  1.00 97.93  ? 15  DG  B N7    1 
ATOM   300 C  C5    . DG  B 2 4  ? -1.057  -0.342  13.419  1.00 98.33  ? 15  DG  B C5    1 
ATOM   301 C  C6    . DG  B 2 4  ? -0.500  -1.260  12.515  1.00 94.16  ? 15  DG  B C6    1 
ATOM   302 O  O6    . DG  B 2 4  ? -0.516  -2.495  12.579  1.00 99.58  ? 15  DG  B O6    1 
ATOM   303 N  N1    . DG  B 2 4  ? 0.123   -0.615  11.448  1.00 86.89  ? 15  DG  B N1    1 
ATOM   304 C  C2    . DG  B 2 4  ? 0.191   0.751   11.286  1.00 90.36  ? 15  DG  B C2    1 
ATOM   305 N  N2    . DG  B 2 4  ? 0.836   1.198   10.202  1.00 96.36  ? 15  DG  B N2    1 
ATOM   306 N  N3    . DG  B 2 4  ? -0.325  1.621   12.136  1.00 86.18  ? 15  DG  B N3    1 
ATOM   307 C  C4    . DG  B 2 4  ? -0.932  1.006   13.172  1.00 98.91  ? 15  DG  B C4    1 
ATOM   308 P  P     . DC  B 2 5  ? -3.958  6.614   14.498  1.00 131.57 ? 16  DC  B P     1 
ATOM   309 O  OP1   . DC  B 2 5  ? -4.404  7.328   15.719  1.00 136.07 ? 16  DC  B OP1   1 
ATOM   310 O  OP2   . DC  B 2 5  ? -4.858  5.636   13.838  1.00 119.01 ? 16  DC  B OP2   1 
ATOM   311 O  "O5'" . DC  B 2 5  ? -3.488  7.669   13.400  1.00 118.37 ? 16  DC  B "O5'" 1 
ATOM   312 C  "C5'" . DC  B 2 5  ? -2.295  7.431   12.681  1.00 116.01 ? 16  DC  B "C5'" 1 
ATOM   313 C  "C4'" . DC  B 2 5  ? -2.597  6.965   11.266  1.00 128.65 ? 16  DC  B "C4'" 1 
ATOM   314 O  "O4'" . DC  B 2 5  ? -2.458  5.523   11.159  1.00 117.95 ? 16  DC  B "O4'" 1 
ATOM   315 C  "C3'" . DC  B 2 5  ? -4.002  7.282   10.743  1.00 129.12 ? 16  DC  B "C3'" 1 
ATOM   316 O  "O3'" . DC  B 2 5  ? -3.888  7.792   9.438   1.00 129.62 ? 16  DC  B "O3'" 1 
ATOM   317 C  "C2'" . DC  B 2 5  ? -4.679  5.909   10.733  1.00 118.72 ? 16  DC  B "C2'" 1 
ATOM   318 C  "C1'" . DC  B 2 5  ? -3.504  5.047   10.347  1.00 113.26 ? 16  DC  B "C1'" 1 
ATOM   319 N  N1    . DC  B 2 5  ? -3.691  3.607   10.611  1.00 110.65 ? 16  DC  B N1    1 
ATOM   320 C  C2    . DC  B 2 5  ? -3.126  2.671   9.733   1.00 112.84 ? 16  DC  B C2    1 
ATOM   321 O  O2    . DC  B 2 5  ? -2.493  3.075   8.746   1.00 106.01 ? 16  DC  B O2    1 
ATOM   322 N  N3    . DC  B 2 5  ? -3.289  1.348   9.990   1.00 109.79 ? 16  DC  B N3    1 
ATOM   323 C  C4    . DC  B 2 5  ? -3.978  0.959   11.067  1.00 108.62 ? 16  DC  B C4    1 
ATOM   324 N  N4    . DC  B 2 5  ? -4.113  -0.355  11.281  1.00 105.01 ? 16  DC  B N4    1 
ATOM   325 C  C5    . DC  B 2 5  ? -4.557  1.899   11.975  1.00 108.17 ? 16  DC  B C5    1 
ATOM   326 C  C6    . DC  B 2 5  ? -4.388  3.201   11.710  1.00 107.24 ? 16  DC  B C6    1 
ATOM   327 P  P     . DA  B 2 6  ? -5.144  8.461   8.701   1.00 140.66 ? 17  DA  B P     1 
ATOM   328 O  OP1   . DA  B 2 6  ? -5.004  9.928   8.843   1.00 141.94 ? 17  DA  B OP1   1 
ATOM   329 O  OP2   . DA  B 2 6  ? -6.394  7.792   9.127   1.00 128.77 ? 17  DA  B OP2   1 
ATOM   330 O  "O5'" . DA  B 2 6  ? -4.904  8.085   7.173   1.00 131.87 ? 17  DA  B "O5'" 1 
ATOM   331 C  "C5'" . DA  B 2 6  ? -3.659  8.375   6.570   1.00 122.84 ? 17  DA  B "C5'" 1 
ATOM   332 C  "C4'" . DA  B 2 6  ? -3.390  7.429   5.418   1.00 128.04 ? 17  DA  B "C4'" 1 
ATOM   333 O  "O4'" . DA  B 2 6  ? -3.475  6.058   5.879   1.00 127.58 ? 17  DA  B "O4'" 1 
ATOM   334 C  "C3'" . DA  B 2 6  ? -4.362  7.524   4.257   1.00 138.16 ? 17  DA  B "C3'" 1 
ATOM   335 O  "O3'" . DA  B 2 6  ? -3.672  7.205   3.057   1.00 143.10 ? 17  DA  B "O3'" 1 
ATOM   336 C  "C2'" . DA  B 2 6  ? -5.423  6.475   4.614   1.00 135.60 ? 17  DA  B "C2'" 1 
ATOM   337 C  "C1'" . DA  B 2 6  ? -4.580  5.399   5.279   1.00 126.09 ? 17  DA  B "C1'" 1 
ATOM   338 N  N9    . DA  B 2 6  ? -5.253  4.665   6.342   1.00 127.98 ? 17  DA  B N9    1 
ATOM   339 C  C8    . DA  B 2 6  ? -5.937  5.185   7.408   1.00 126.53 ? 17  DA  B C8    1 
ATOM   340 N  N7    . DA  B 2 6  ? -6.391  4.274   8.239   1.00 127.91 ? 17  DA  B N7    1 
ATOM   341 C  C5    . DA  B 2 6  ? -5.955  3.074   7.691   1.00 130.60 ? 17  DA  B C5    1 
ATOM   342 C  C6    . DA  B 2 6  ? -6.100  1.728   8.095   1.00 124.56 ? 17  DA  B C6    1 
ATOM   343 N  N6    . DA  B 2 6  ? -6.765  1.352   9.196   1.00 120.15 ? 17  DA  B N6    1 
ATOM   344 N  N1    . DA  B 2 6  ? -5.541  0.777   7.316   1.00 122.46 ? 17  DA  B N1    1 
ATOM   345 C  C2    . DA  B 2 6  ? -4.877  1.154   6.212   1.00 124.99 ? 17  DA  B C2    1 
ATOM   346 N  N3    . DA  B 2 6  ? -4.675  2.382   5.731   1.00 127.43 ? 17  DA  B N3    1 
ATOM   347 C  C4    . DA  B 2 6  ? -5.242  3.306   6.524   1.00 131.97 ? 17  DA  B C4    1 
ATOM   348 P  P     . DC  B 2 7  ? -4.467  7.036   1.672   1.00 149.35 ? 18  DC  B P     1 
ATOM   349 O  OP1   . DC  B 2 7  ? -3.516  7.284   0.566   1.00 142.56 ? 18  DC  B OP1   1 
ATOM   350 O  OP2   . DC  B 2 7  ? -5.715  7.825   1.762   1.00 149.83 ? 18  DC  B OP2   1 
ATOM   351 O  "O5'" . DC  B 2 7  ? -4.866  5.496   1.661   1.00 119.42 ? 18  DC  B "O5'" 1 
ATOM   352 C  "C5'" . DC  B 2 7  ? -5.609  4.994   0.600   1.00 118.46 ? 18  DC  B "C5'" 1 
ATOM   353 C  "C4'" . DC  B 2 7  ? -5.478  3.498   0.538   1.00 124.09 ? 18  DC  B "C4'" 1 
ATOM   354 O  "O4'" . DC  B 2 7  ? -5.615  2.948   1.874   1.00 130.13 ? 18  DC  B "O4'" 1 
ATOM   355 C  "C3'" . DC  B 2 7  ? -6.543  2.813   -0.305  1.00 132.19 ? 18  DC  B "C3'" 1 
ATOM   356 O  "O3'" . DC  B 2 7  ? -5.967  1.726   -0.990  1.00 129.98 ? 18  DC  B "O3'" 1 
ATOM   357 C  "C2'" . DC  B 2 7  ? -7.549  2.348   0.745   1.00 138.69 ? 18  DC  B "C2'" 1 
ATOM   358 C  "C1'" . DC  B 2 7  ? -6.610  1.951   1.863   1.00 131.82 ? 18  DC  B "C1'" 1 
ATOM   359 N  N1    . DC  B 2 7  ? -7.234  1.896   3.210   1.00 132.58 ? 18  DC  B N1    1 
ATOM   360 C  C2    . DC  B 2 7  ? -7.255  0.683   3.904   1.00 133.42 ? 18  DC  B C2    1 
ATOM   361 O  O2    . DC  B 2 7  ? -6.772  -0.322  3.369   1.00 133.39 ? 18  DC  B O2    1 
ATOM   362 N  N3    . DC  B 2 7  ? -7.809  0.644   5.142   1.00 130.93 ? 18  DC  B N3    1 
ATOM   363 C  C4    . DC  B 2 7  ? -8.319  1.754   5.681   1.00 128.07 ? 18  DC  B C4    1 
ATOM   364 N  N4    . DC  B 2 7  ? -8.856  1.666   6.902   1.00 119.02 ? 18  DC  B N4    1 
ATOM   365 C  C5    . DC  B 2 7  ? -8.300  3.004   4.991   1.00 132.01 ? 18  DC  B C5    1 
ATOM   366 C  C6    . DC  B 2 7  ? -7.748  3.029   3.771   1.00 133.48 ? 18  DC  B C6    1 
ATOM   367 P  P     . DT  B 2 8  ? -6.838  0.900   -2.055  1.00 157.56 ? 19  DT  B P     1 
ATOM   368 O  OP1   . DT  B 2 8  ? -5.908  0.133   -2.914  1.00 166.92 ? 19  DT  B OP1   1 
ATOM   369 O  OP2   . DT  B 2 8  ? -7.797  1.847   -2.661  1.00 148.90 ? 19  DT  B OP2   1 
ATOM   370 O  "O5'" . DT  B 2 8  ? -7.662  -0.128  -1.154  1.00 134.87 ? 19  DT  B "O5'" 1 
ATOM   371 C  "C5'" . DT  B 2 8  ? -6.980  -0.980  -0.262  1.00 136.76 ? 19  DT  B "C5'" 1 
ATOM   372 C  "C4'" . DT  B 2 8  ? -7.236  -2.430  -0.601  1.00 148.87 ? 19  DT  B "C4'" 1 
ATOM   373 O  "O4'" . DT  B 2 8  ? -7.916  -3.062  0.500   1.00 153.94 ? 19  DT  B "O4'" 1 
ATOM   374 C  "C3'" . DT  B 2 8  ? -8.151  -2.654  -1.782  1.00 151.72 ? 19  DT  B "C3'" 1 
ATOM   375 O  "O3'" . DT  B 2 8  ? -7.921  -3.953  -2.307  1.00 158.46 ? 19  DT  B "O3'" 1 
ATOM   376 C  "C2'" . DT  B 2 8  ? -9.543  -2.525  -1.146  1.00 162.17 ? 19  DT  B "C2'" 1 
ATOM   377 C  "C1'" . DT  B 2 8  ? -9.313  -2.991  0.297   1.00 153.87 ? 19  DT  B "C1'" 1 
ATOM   378 N  N1    . DT  B 2 8  ? -9.882  -2.074  1.339   1.00 150.75 ? 19  DT  B N1    1 
ATOM   379 C  C2    . DT  B 2 8  ? -10.154 -2.573  2.587   1.00 152.07 ? 19  DT  B C2    1 
ATOM   380 O  O2    . DT  B 2 8  ? -9.958  -3.738  2.895   1.00 153.57 ? 19  DT  B O2    1 
ATOM   381 N  N3    . DT  B 2 8  ? -10.669 -1.658  3.471   1.00 150.02 ? 19  DT  B N3    1 
ATOM   382 C  C4    . DT  B 2 8  ? -10.930 -0.320  3.234   1.00 143.95 ? 19  DT  B C4    1 
ATOM   383 O  O4    . DT  B 2 8  ? -11.394 0.431   4.089   1.00 138.99 ? 19  DT  B O4    1 
ATOM   384 C  C5    . DT  B 2 8  ? -10.622 0.140   1.905   1.00 141.76 ? 19  DT  B C5    1 
ATOM   385 C  C7    . DT  B 2 8  ? -10.870 1.567   1.535   1.00 129.34 ? 19  DT  B C7    1 
ATOM   386 C  C6    . DT  B 2 8  ? -10.117 -0.746  1.029   1.00 147.98 ? 19  DT  B C6    1 
ATOM   387 P  P     . DC  B 2 9  ? -8.916  -4.584  -3.401  1.00 185.00 ? 20  DC  B P     1 
ATOM   388 O  OP1   . DC  B 2 9  ? -8.181  -5.655  -4.110  1.00 181.90 ? 20  DC  B OP1   1 
ATOM   389 O  OP2   . DC  B 2 9  ? -9.505  -3.468  -4.176  1.00 180.69 ? 20  DC  B OP2   1 
ATOM   390 O  "O5'" . DC  B 2 9  ? -10.053 -5.276  -2.517  1.00 170.62 ? 20  DC  B "O5'" 1 
ATOM   391 C  "C5'" . DC  B 2 9  ? -9.682  -6.153  -1.465  1.00 162.55 ? 20  DC  B "C5'" 1 
ATOM   392 C  "C4'" . DC  B 2 9  ? -10.895 -6.594  -0.667  1.00 171.75 ? 20  DC  B "C4'" 1 
ATOM   393 O  "O4'" . DC  B 2 9  ? -11.356 -5.506  0.171   1.00 166.66 ? 20  DC  B "O4'" 1 
ATOM   394 C  "C3'" . DC  B 2 9  ? -12.100 -7.036  -1.501  1.00 177.57 ? 20  DC  B "C3'" 1 
ATOM   395 O  "O3'" . DC  B 2 9  ? -12.582 -8.275  -1.010  1.00 179.93 ? 20  DC  B "O3'" 1 
ATOM   396 C  "C2'" . DC  B 2 9  ? -13.117 -5.910  -1.291  1.00 173.79 ? 20  DC  B "C2'" 1 
ATOM   397 C  "C1'" . DC  B 2 9  ? -12.758 -5.432  0.104   1.00 169.43 ? 20  DC  B "C1'" 1 
ATOM   398 N  N1    . DC  B 2 9  ? -13.162 -4.027  0.381   1.00 165.87 ? 20  DC  B N1    1 
ATOM   399 C  C2    . DC  B 2 9  ? -13.591 -3.674  1.664   1.00 166.81 ? 20  DC  B C2    1 
ATOM   400 O  O2    . DC  B 2 9  ? -13.634 -4.542  2.546   1.00 169.44 ? 20  DC  B O2    1 
ATOM   401 N  N3    . DC  B 2 9  ? -13.948 -2.386  1.904   1.00 162.65 ? 20  DC  B N3    1 
ATOM   402 C  C4    . DC  B 2 9  ? -13.885 -1.481  0.925   1.00 157.28 ? 20  DC  B C4    1 
ATOM   403 N  N4    . DC  B 2 9  ? -14.247 -0.224  1.208   1.00 152.11 ? 20  DC  B N4    1 
ATOM   404 C  C5    . DC  B 2 9  ? -13.448 -1.824  -0.389  1.00 157.00 ? 20  DC  B C5    1 
ATOM   405 C  C6    . DC  B 2 9  ? -13.099 -3.096  -0.613  1.00 161.23 ? 20  DC  B C6    1 
ATOM   406 P  P     . DA  B 2 10 ? -13.658 -9.121  -1.848  1.00 178.26 ? 21  DA  B P     1 
ATOM   407 O  OP1   . DA  B 2 10 ? -13.125 -10.491 -2.010  1.00 179.43 ? 21  DA  B OP1   1 
ATOM   408 O  OP2   . DA  B 2 10 ? -14.034 -8.335  -3.043  1.00 176.72 ? 21  DA  B OP2   1 
ATOM   409 O  "O5'" . DA  B 2 10 ? -14.921 -9.185  -0.874  1.00 181.86 ? 21  DA  B "O5'" 1 
ATOM   410 C  "C5'" . DA  B 2 10 ? -14.794 -9.790  0.407   1.00 184.49 ? 21  DA  B "C5'" 1 
ATOM   411 C  "C4'" . DA  B 2 10 ? -15.993 -9.463  1.276   1.00 189.69 ? 21  DA  B "C4'" 1 
ATOM   412 O  "O4'" . DA  B 2 10 ? -15.900 -8.090  1.727   1.00 187.28 ? 21  DA  B "O4'" 1 
ATOM   413 C  "C3'" . DA  B 2 10 ? -17.334 -9.570  0.571   1.00 196.65 ? 21  DA  B "C3'" 1 
ATOM   414 O  "O3'" . DA  B 2 10 ? -17.848 -10.890 0.706   1.00 204.76 ? 21  DA  B "O3'" 1 
ATOM   415 C  "C2'" . DA  B 2 10 ? -18.190 -8.558  1.325   1.00 189.40 ? 21  DA  B "C2'" 1 
ATOM   416 C  "C1'" . DA  B 2 10 ? -17.174 -7.473  1.683   1.00 183.85 ? 21  DA  B "C1'" 1 
ATOM   417 N  N9    . DA  B 2 10 ? -17.119 -6.367  0.728   1.00 180.97 ? 21  DA  B N9    1 
ATOM   418 C  C8    . DA  B 2 10 ? -16.768 -6.430  -0.594  1.00 177.99 ? 21  DA  B C8    1 
ATOM   419 N  N7    . DA  B 2 10 ? -16.795 -5.269  -1.206  1.00 175.12 ? 21  DA  B N7    1 
ATOM   420 C  C5    . DA  B 2 10 ? -17.182 -4.382  -0.214  1.00 181.08 ? 21  DA  B C5    1 
ATOM   421 C  C6    . DA  B 2 10 ? -17.397 -2.989  -0.217  1.00 180.73 ? 21  DA  B C6    1 
ATOM   422 N  N6    . DA  B 2 10 ? -17.242 -2.223  -1.304  1.00 172.80 ? 21  DA  B N6    1 
ATOM   423 N  N1    . DA  B 2 10 ? -17.777 -2.412  0.944   1.00 183.08 ? 21  DA  B N1    1 
ATOM   424 C  C2    . DA  B 2 10 ? -17.931 -3.183  2.031   1.00 182.43 ? 21  DA  B C2    1 
ATOM   425 N  N3    . DA  B 2 10 ? -17.761 -4.499  2.155   1.00 181.96 ? 21  DA  B N3    1 
ATOM   426 C  C4    . DA  B 2 10 ? -17.382 -5.043  0.986   1.00 182.57 ? 21  DA  B C4    1 
ATOM   427 P  P     . DC  C 3 1  ? 3.426   -12.279 4.326   1.00 103.61 ? 1   DC  C P     1 
ATOM   428 O  OP1   . DC  C 3 1  ? 2.284   -11.630 5.013   1.00 126.52 ? 1   DC  C OP1   1 
ATOM   429 O  OP2   . DC  C 3 1  ? 3.628   -12.114 2.868   1.00 98.11  ? 1   DC  C OP2   1 
ATOM   430 O  "O5'" . DC  C 3 1  ? 4.805   -11.842 5.008   1.00 85.84  ? 1   DC  C "O5'" 1 
ATOM   431 C  "C5'" . DC  C 3 1  ? 5.789   -11.189 4.228   1.00 76.99  ? 1   DC  C "C5'" 1 
ATOM   432 C  "C4'" . DC  C 3 1  ? 6.657   -10.298 5.083   1.00 78.61  ? 1   DC  C "C4'" 1 
ATOM   433 O  "O4'" . DC  C 3 1  ? 8.002   -10.296 4.552   1.00 80.55  ? 1   DC  C "O4'" 1 
ATOM   434 C  "C3'" . DC  C 3 1  ? 6.247   -8.841  5.091   1.00 89.62  ? 1   DC  C "C3'" 1 
ATOM   435 O  "O3'" . DC  C 3 1  ? 6.746   -8.218  6.264   1.00 90.15  ? 1   DC  C "O3'" 1 
ATOM   436 C  "C2'" . DC  C 3 1  ? 6.945   -8.321  3.839   1.00 82.24  ? 1   DC  C "C2'" 1 
ATOM   437 C  "C1'" . DC  C 3 1  ? 8.275   -9.049  3.930   1.00 81.40  ? 1   DC  C "C1'" 1 
ATOM   438 N  N1    . DC  C 3 1  ? 8.912   -9.333  2.617   1.00 88.11  ? 1   DC  C N1    1 
ATOM   439 C  C2    . DC  C 3 1  ? 10.240  -8.947  2.396   1.00 91.17  ? 1   DC  C C2    1 
ATOM   440 O  O2    . DC  C 3 1  ? 10.852  -8.346  3.290   1.00 99.76  ? 1   DC  C O2    1 
ATOM   441 N  N3    . DC  C 3 1  ? 10.817  -9.233  1.204   1.00 82.82  ? 1   DC  C N3    1 
ATOM   442 C  C4    . DC  C 3 1  ? 10.127  -9.882  0.270   1.00 89.78  ? 1   DC  C C4    1 
ATOM   443 N  N4    . DC  C 3 1  ? 10.743  -10.143 -0.890  1.00 94.40  ? 1   DC  C N4    1 
ATOM   444 C  C5    . DC  C 3 1  ? 8.776   -10.294 0.479   1.00 80.81  ? 1   DC  C C5    1 
ATOM   445 C  C6    . DC  C 3 1  ? 8.218   -10.008 1.659   1.00 83.40  ? 1   DC  C C6    1 
ATOM   446 P  P     . DA  C 3 2  ? 5.810   -7.227  7.118   1.00 104.79 ? 2   DA  C P     1 
ATOM   447 O  OP1   . DA  C 3 2  ? 5.844   -7.652  8.535   1.00 104.43 ? 2   DA  C OP1   1 
ATOM   448 O  OP2   . DA  C 3 2  ? 4.521   -7.076  6.406   1.00 83.70  ? 2   DA  C OP2   1 
ATOM   449 O  "O5'" . DA  C 3 2  ? 6.555   -5.834  7.007   1.00 75.98  ? 2   DA  C "O5'" 1 
ATOM   450 C  "C5'" . DA  C 3 2  ? 7.109   -5.461  5.786   1.00 73.99  ? 2   DA  C "C5'" 1 
ATOM   451 C  "C4'" . DA  C 3 2  ? 8.367   -4.672  6.001   1.00 80.63  ? 2   DA  C "C4'" 1 
ATOM   452 O  "O4'" . DA  C 3 2  ? 9.314   -4.978  4.964   1.00 94.18  ? 2   DA  C "O4'" 1 
ATOM   453 C  "C3'" . DA  C 3 2  ? 8.182   -3.187  5.916   1.00 73.41  ? 2   DA  C "C3'" 1 
ATOM   454 O  "O3'" . DA  C 3 2  ? 9.206   -2.562  6.620   1.00 70.68  ? 2   DA  C "O3'" 1 
ATOM   455 C  "C2'" . DA  C 3 2  ? 8.275   -2.925  4.406   1.00 82.94  ? 2   DA  C "C2'" 1 
ATOM   456 C  "C1'" . DA  C 3 2  ? 9.164   -4.064  3.900   1.00 83.17  ? 2   DA  C "C1'" 1 
ATOM   457 N  N9    . DA  C 3 2  ? 8.599   -4.798  2.772   1.00 76.23  ? 2   DA  C N9    1 
ATOM   458 C  C8    . DA  C 3 2  ? 7.310   -5.219  2.636   1.00 76.28  ? 2   DA  C C8    1 
ATOM   459 N  N7    . DA  C 3 2  ? 7.082   -5.884  1.532   1.00 89.13  ? 2   DA  C N7    1 
ATOM   460 C  C5    . DA  C 3 2  ? 8.308   -5.900  0.891   1.00 93.79  ? 2   DA  C C5    1 
ATOM   461 C  C6    . DA  C 3 2  ? 8.729   -6.452  -0.336  1.00 88.64  ? 2   DA  C C6    1 
ATOM   462 N  N6    . DA  C 3 2  ? 7.910   -7.116  -1.163  1.00 83.52  ? 2   DA  C N6    1 
ATOM   463 N  N1    . DA  C 3 2  ? 10.025  -6.293  -0.680  1.00 84.02  ? 2   DA  C N1    1 
ATOM   464 C  C2    . DA  C 3 2  ? 10.835  -5.628  0.154   1.00 85.90  ? 2   DA  C C2    1 
ATOM   465 N  N3    . DA  C 3 2  ? 10.552  -5.064  1.330   1.00 92.80  ? 2   DA  C N3    1 
ATOM   466 C  C4    . DA  C 3 2  ? 9.258   -5.238  1.645   1.00 91.31  ? 2   DA  C C4    1 
ATOM   467 P  P     . DA  C 3 3  ? 9.230   -0.968  6.724   1.00 98.55  ? 3   DA  C P     1 
ATOM   468 O  OP1   . DA  C 3 3  ? 9.797   -0.459  5.454   1.00 94.72  ? 3   DA  C OP1   1 
ATOM   469 O  OP2   . DA  C 3 3  ? 9.867   -0.630  8.020   1.00 102.37 ? 3   DA  C OP2   1 
ATOM   470 O  "O5'" . DA  C 3 3  ? 7.687   -0.546  6.770   1.00 77.79  ? 3   DA  C "O5'" 1 
ATOM   471 C  "C5'" . DA  C 3 3  ? 7.292   0.726   6.262   1.00 86.61  ? 3   DA  C "C5'" 1 
ATOM   472 C  "C4'" . DA  C 3 3  ? 6.456   1.495   7.271   1.00 90.69  ? 3   DA  C "C4'" 1 
ATOM   473 O  "O4'" . DA  C 3 3  ? 5.306   0.714   7.638   1.00 91.21  ? 3   DA  C "O4'" 1 
ATOM   474 C  "C3'" . DA  C 3 3  ? 7.139   1.812   8.586   1.00 81.53  ? 3   DA  C "C3'" 1 
ATOM   475 O  "O3'" . DA  C 3 3  ? 7.862   3.017   8.466   1.00 81.06  ? 3   DA  C "O3'" 1 
ATOM   476 C  "C2'" . DA  C 3 3  ? 5.957   1.989   9.529   1.00 82.93  ? 3   DA  C "C2'" 1 
ATOM   477 C  "C1'" . DA  C 3 3  ? 4.908   1.047   8.949   1.00 78.00  ? 3   DA  C "C1'" 1 
ATOM   478 N  N9    . DA  C 3 3  ? 4.750   -0.191  9.686   1.00 79.99  ? 3   DA  C N9    1 
ATOM   479 C  C8    . DA  C 3 3  ? 5.198   -1.424  9.318   1.00 88.31  ? 3   DA  C C8    1 
ATOM   480 N  N7    . DA  C 3 3  ? 4.896   -2.371  10.170  1.00 89.09  ? 3   DA  C N7    1 
ATOM   481 C  C5    . DA  C 3 3  ? 4.206   -1.712  11.165  1.00 87.44  ? 3   DA  C C5    1 
ATOM   482 C  C6    . DA  C 3 3  ? 3.618   -2.154  12.358  1.00 90.26  ? 3   DA  C C6    1 
ATOM   483 N  N6    . DA  C 3 3  ? 3.640   -3.429  12.757  1.00 98.07  ? 3   DA  C N6    1 
ATOM   484 N  N1    . DA  C 3 3  ? 3.006   -1.239  13.129  1.00 90.27  ? 3   DA  C N1    1 
ATOM   485 C  C2    . DA  C 3 3  ? 2.988   0.035   12.725  1.00 93.24  ? 3   DA  C C2    1 
ATOM   486 N  N3    . DA  C 3 3  ? 3.504   0.572   11.620  1.00 96.48  ? 3   DA  C N3    1 
ATOM   487 C  C4    . DA  C 3 3  ? 4.105   -0.363  10.878  1.00 88.89  ? 3   DA  C C4    1 
ATOM   488 P  P     . DG  C 3 4  ? 9.060   3.335   9.485   1.00 101.82 ? 4   DG  C P     1 
ATOM   489 O  OP1   . DG  C 3 4  ? 9.723   4.581   9.039   1.00 98.76  ? 4   DG  C OP1   1 
ATOM   490 O  OP2   . DG  C 3 4  ? 9.836   2.086   9.631   1.00 95.93  ? 4   DG  C OP2   1 
ATOM   491 O  "O5'" . DG  C 3 4  ? 8.325   3.623   10.876  1.00 87.19  ? 4   DG  C "O5'" 1 
ATOM   492 C  "C5'" . DG  C 3 4  ? 7.626   4.840   11.051  1.00 91.08  ? 4   DG  C "C5'" 1 
ATOM   493 C  "C4'" . DG  C 3 4  ? 6.744   4.781   12.278  1.00 85.11  ? 4   DG  C "C4'" 1 
ATOM   494 O  "O4'" . DG  C 3 4  ? 5.936   3.596   12.215  1.00 82.29  ? 4   DG  C "O4'" 1 
ATOM   495 C  "C3'" . DG  C 3 4  ? 7.497   4.684   13.585  1.00 93.05  ? 4   DG  C "C3'" 1 
ATOM   496 O  "O3'" . DG  C 3 4  ? 7.717   5.986   14.091  1.00 105.09 ? 4   DG  C "O3'" 1 
ATOM   497 C  "C2'" . DG  C 3 4  ? 6.546   3.901   14.487  1.00 93.09  ? 4   DG  C "C2'" 1 
ATOM   498 C  "C1'" . DG  C 3 4  ? 5.729   3.070   13.511  1.00 89.85  ? 4   DG  C "C1'" 1 
ATOM   499 N  N9    . DG  C 3 4  ? 6.090   1.660   13.493  1.00 91.64  ? 4   DG  C N9    1 
ATOM   500 C  C8    . DG  C 3 4  ? 6.833   1.021   12.537  1.00 94.85  ? 4   DG  C C8    1 
ATOM   501 N  N7    . DG  C 3 4  ? 6.987   -0.250  12.761  1.00 87.73  ? 4   DG  C N7    1 
ATOM   502 C  C5    . DG  C 3 4  ? 6.303   -0.474  13.938  1.00 84.17  ? 4   DG  C C5    1 
ATOM   503 C  C6    . DG  C 3 4  ? 6.136   -1.664  14.666  1.00 88.73  ? 4   DG  C C6    1 
ATOM   504 O  O6    . DG  C 3 4  ? 6.574   -2.789  14.393  1.00 84.43  ? 4   DG  C O6    1 
ATOM   505 N  N1    . DG  C 3 4  ? 5.373   -1.464  15.816  1.00 93.52  ? 4   DG  C N1    1 
ATOM   506 C  C2    . DG  C 3 4  ? 4.847   -0.253  16.209  1.00 90.62  ? 4   DG  C C2    1 
ATOM   507 N  N2    . DG  C 3 4  ? 4.143   -0.251  17.350  1.00 80.88  ? 4   DG  C N2    1 
ATOM   508 N  N3    . DG  C 3 4  ? 5.003   0.879   15.528  1.00 82.71  ? 4   DG  C N3    1 
ATOM   509 C  C4    . DG  C 3 4  ? 5.742   0.693   14.408  1.00 85.50  ? 4   DG  C C4    1 
ATOM   510 P  P     . DT  C 3 5  ? 8.811   6.236   15.241  1.00 135.18 ? 5   DT  C P     1 
ATOM   511 O  OP1   . DT  C 3 5  ? 8.953   7.705   15.372  1.00 133.53 ? 5   DT  C OP1   1 
ATOM   512 O  OP2   . DT  C 3 5  ? 10.000  5.393   14.972  1.00 122.68 ? 5   DT  C OP2   1 
ATOM   513 O  "O5'" . DT  C 3 5  ? 8.115   5.667   16.558  1.00 98.73  ? 5   DT  C "O5'" 1 
ATOM   514 C  "C5'" . DT  C 3 5  ? 6.894   6.208   16.983  1.00 97.90  ? 5   DT  C "C5'" 1 
ATOM   515 C  "C4'" . DT  C 3 5  ? 6.279   5.340   18.053  1.00 101.28 ? 5   DT  C "C4'" 1 
ATOM   516 O  "O4'" . DT  C 3 5  ? 6.345   3.945   17.664  1.00 100.74 ? 5   DT  C "O4'" 1 
ATOM   517 C  "C3'" . DT  C 3 5  ? 6.961   5.412   19.418  1.00 90.62  ? 5   DT  C "C3'" 1 
ATOM   518 O  "O3'" . DT  C 3 5  ? 5.964   5.441   20.411  1.00 83.33  ? 5   DT  C "O3'" 1 
ATOM   519 C  "C2'" . DT  C 3 5  ? 7.751   4.106   19.474  1.00 84.72  ? 5   DT  C "C2'" 1 
ATOM   520 C  "C1'" . DT  C 3 5  ? 6.764   3.200   18.783  1.00 88.18  ? 5   DT  C "C1'" 1 
ATOM   521 N  N1    . DT  C 3 5  ? 7.310   1.914   18.312  1.00 85.46  ? 5   DT  C N1    1 
ATOM   522 C  C2    . DT  C 3 5  ? 7.107   0.781   19.062  1.00 90.25  ? 5   DT  C C2    1 
ATOM   523 O  O2    . DT  C 3 5  ? 6.530   0.785   20.127  1.00 92.90  ? 5   DT  C O2    1 
ATOM   524 N  N3    . DT  C 3 5  ? 7.619   -0.363  18.526  1.00 86.01  ? 5   DT  C N3    1 
ATOM   525 C  C4    . DT  C 3 5  ? 8.292   -0.486  17.332  1.00 86.72  ? 5   DT  C C4    1 
ATOM   526 O  O4    . DT  C 3 5  ? 8.717   -1.561  16.927  1.00 88.14  ? 5   DT  C O4    1 
ATOM   527 C  C5    . DT  C 3 5  ? 8.456   0.739   16.589  1.00 84.36  ? 5   DT  C C5    1 
ATOM   528 C  C7    . DT  C 3 5  ? 9.168   0.726   15.279  1.00 92.59  ? 5   DT  C C7    1 
ATOM   529 C  C6    . DT  C 3 5  ? 7.957   1.864   17.104  1.00 84.79  ? 5   DT  C C6    1 
ATOM   530 O  "O5'" . DT  D 4 1  ? -21.305 9.478   -3.550  1.00 174.33 ? 1   DT  D "O5'" 1 
ATOM   531 C  "C5'" . DT  D 4 1  ? -21.568 8.144   -3.951  1.00 173.88 ? 1   DT  D "C5'" 1 
ATOM   532 C  "C4'" . DT  D 4 1  ? -22.394 7.425   -2.904  1.00 176.08 ? 1   DT  D "C4'" 1 
ATOM   533 O  "O4'" . DT  D 4 1  ? -22.685 6.098   -3.357  1.00 172.75 ? 1   DT  D "O4'" 1 
ATOM   534 C  "C3'" . DT  D 4 1  ? -21.700 7.225   -1.566  1.00 180.46 ? 1   DT  D "C3'" 1 
ATOM   535 O  "O3'" . DT  D 4 1  ? -21.990 8.310   -0.697  1.00 188.12 ? 1   DT  D "O3'" 1 
ATOM   536 C  "C2'" . DT  D 4 1  ? -22.298 5.916   -1.035  1.00 173.09 ? 1   DT  D "C2'" 1 
ATOM   537 C  "C1'" . DT  D 4 1  ? -23.032 5.324   -2.238  1.00 178.18 ? 1   DT  D "C1'" 1 
ATOM   538 N  N1    . DT  D 4 1  ? -22.717 3.887   -2.523  1.00 186.64 ? 1   DT  D N1    1 
ATOM   539 C  C2    . DT  D 4 1  ? -23.186 2.915   -1.672  1.00 192.67 ? 1   DT  D C2    1 
ATOM   540 O  O2    . DT  D 4 1  ? -23.826 3.162   -0.667  1.00 194.95 ? 1   DT  D O2    1 
ATOM   541 N  N3    . DT  D 4 1  ? -22.868 1.630   -2.035  1.00 193.47 ? 1   DT  D N3    1 
ATOM   542 C  C4    . DT  D 4 1  ? -22.149 1.232   -3.146  1.00 189.25 ? 1   DT  D C4    1 
ATOM   543 O  O4    . DT  D 4 1  ? -21.915 0.052   -3.391  1.00 183.21 ? 1   DT  D O4    1 
ATOM   544 C  C5    . DT  D 4 1  ? -21.699 2.302   -4.003  1.00 188.28 ? 1   DT  D C5    1 
ATOM   545 C  C7    . DT  D 4 1  ? -20.908 1.995   -5.238  1.00 186.69 ? 1   DT  D C7    1 
ATOM   546 C  C6    . DT  D 4 1  ? -22.004 3.562   -3.656  1.00 186.09 ? 1   DT  D C6    1 
ATOM   547 P  P     . DC  D 4 2  ? -20.957 8.706   0.470   1.00 208.80 ? 2   DC  D P     1 
ATOM   548 O  OP1   . DC  D 4 2  ? -21.150 10.143  0.770   1.00 200.43 ? 2   DC  D OP1   1 
ATOM   549 O  OP2   . DC  D 4 2  ? -19.624 8.218   0.060   1.00 210.93 ? 2   DC  D OP2   1 
ATOM   550 O  "O5'" . DC  D 4 2  ? -21.451 7.864   1.740   1.00 198.08 ? 2   DC  D "O5'" 1 
ATOM   551 C  "C5'" . DC  D 4 2  ? -22.394 8.431   2.637   1.00 196.35 ? 2   DC  D "C5'" 1 
ATOM   552 C  "C4'" . DC  D 4 2  ? -22.781 7.445   3.725   1.00 196.82 ? 2   DC  D "C4'" 1 
ATOM   553 O  "O4'" . DC  D 4 2  ? -23.038 6.144   3.134   1.00 191.68 ? 2   DC  D "O4'" 1 
ATOM   554 C  "C3'" . DC  D 4 2  ? -21.724 7.211   4.806   1.00 202.56 ? 2   DC  D "C3'" 1 
ATOM   555 O  "O3'" . DC  D 4 2  ? -22.359 7.075   6.070   1.00 215.11 ? 2   DC  D "O3'" 1 
ATOM   556 C  "C2'" . DC  D 4 2  ? -21.081 5.902   4.368   1.00 199.80 ? 2   DC  D "C2'" 1 
ATOM   557 C  "C1'" . DC  D 4 2  ? -22.290 5.167   3.820   1.00 194.58 ? 2   DC  D "C1'" 1 
ATOM   558 N  N1    . DC  D 4 2  ? -21.949 4.090   2.865   1.00 195.90 ? 2   DC  D N1    1 
ATOM   559 C  C2    . DC  D 4 2  ? -22.266 2.765   3.174   1.00 198.57 ? 2   DC  D C2    1 
ATOM   560 O  O2    . DC  D 4 2  ? -22.826 2.514   4.248   1.00 199.52 ? 2   DC  D O2    1 
ATOM   561 N  N3    . DC  D 4 2  ? -21.950 1.790   2.284   1.00 194.88 ? 2   DC  D N3    1 
ATOM   562 C  C4    . DC  D 4 2  ? -21.347 2.106   1.136   1.00 191.76 ? 2   DC  D C4    1 
ATOM   563 N  N4    . DC  D 4 2  ? -21.052 1.116   0.288   1.00 187.00 ? 2   DC  D N4    1 
ATOM   564 C  C5    . DC  D 4 2  ? -21.018 3.451   0.808   1.00 190.20 ? 2   DC  D C5    1 
ATOM   565 C  C6    . DC  D 4 2  ? -21.333 4.400   1.694   1.00 190.88 ? 2   DC  D C6    1 
ATOM   566 P  P     . DT  D 4 3  ? -21.485 6.819   7.396   1.00 230.94 ? 3   DT  D P     1 
ATOM   567 O  OP1   . DT  D 4 3  ? -22.323 7.186   8.560   1.00 227.62 ? 3   DT  D OP1   1 
ATOM   568 O  OP2   . DT  D 4 3  ? -20.175 7.477   7.199   1.00 227.33 ? 3   DT  D OP2   1 
ATOM   569 O  "O5'" . DT  D 4 3  ? -21.273 5.231   7.427   1.00 211.16 ? 3   DT  D "O5'" 1 
ATOM   570 C  "C5'" . DT  D 4 3  ? -22.399 4.361   7.426   1.00 207.72 ? 3   DT  D "C5'" 1 
ATOM   571 C  "C4'" . DT  D 4 3  ? -22.020 2.983   7.937   1.00 205.72 ? 3   DT  D "C4'" 1 
ATOM   572 O  "O4'" . DT  D 4 3  ? -21.751 2.098   6.813   1.00 199.10 ? 3   DT  D "O4'" 1 
ATOM   573 C  "C3'" . DT  D 4 3  ? -20.764 2.937   8.810   1.00 208.24 ? 3   DT  D "C3'" 1 
ATOM   574 O  "O3'" . DT  D 4 3  ? -20.940 1.978   9.846   1.00 213.91 ? 3   DT  D "O3'" 1 
ATOM   575 C  "C2'" . DT  D 4 3  ? -19.703 2.481   7.818   1.00 204.25 ? 3   DT  D "C2'" 1 
ATOM   576 C  "C1'" . DT  D 4 3  ? -20.504 1.479   7.013   1.00 199.79 ? 3   DT  D "C1'" 1 
ATOM   577 N  N1    . DT  D 4 3  ? -19.904 1.152   5.689   1.00 200.38 ? 3   DT  D N1    1 
ATOM   578 C  C2    . DT  D 4 3  ? -19.855 -0.162  5.283   1.00 198.30 ? 3   DT  D C2    1 
ATOM   579 O  O2    . DT  D 4 3  ? -20.289 -1.084  5.952   1.00 196.38 ? 3   DT  D O2    1 
ATOM   580 N  N3    . DT  D 4 3  ? -19.283 -0.360  4.050   1.00 194.42 ? 3   DT  D N3    1 
ATOM   581 C  C4    . DT  D 4 3  ? -18.761 0.606   3.208   1.00 191.87 ? 3   DT  D C4    1 
ATOM   582 O  O4    . DT  D 4 3  ? -18.264 0.331   2.118   1.00 183.39 ? 3   DT  D O4    1 
ATOM   583 C  C5    . DT  D 4 3  ? -18.841 1.961   3.699   1.00 193.51 ? 3   DT  D C5    1 
ATOM   584 C  C7    . DT  D 4 3  ? -18.306 3.093   2.876   1.00 188.93 ? 3   DT  D C7    1 
ATOM   585 C  C6    . DT  D 4 3  ? -19.402 2.166   4.902   1.00 196.30 ? 3   DT  D C6    1 
ATOM   586 P  P     . DG  D 4 4  ? -19.968 1.963   11.129  1.00 232.57 ? 4   DG  D P     1 
ATOM   587 O  OP1   . DG  D 4 4  ? -20.504 2.945   12.098  1.00 238.35 ? 4   DG  D OP1   1 
ATOM   588 O  OP2   . DG  D 4 4  ? -18.566 2.082   10.675  1.00 233.06 ? 4   DG  D OP2   1 
ATOM   589 O  "O5'" . DG  D 4 4  ? -20.145 0.485   11.718  1.00 219.62 ? 4   DG  D "O5'" 1 
ATOM   590 C  "C5'" . DG  D 4 4  ? -20.694 -0.546  10.899  1.00 207.83 ? 4   DG  D "C5'" 1 
ATOM   591 C  "C4'" . DG  D 4 4  ? -19.697 -1.673  10.694  1.00 203.84 ? 4   DG  D "C4'" 1 
ATOM   592 O  "O4'" . DG  D 4 4  ? -19.126 -1.592  9.359   1.00 205.20 ? 4   DG  D "O4'" 1 
ATOM   593 C  "C3'" . DG  D 4 4  ? -18.509 -1.680  11.656  1.00 197.83 ? 4   DG  D "C3'" 1 
ATOM   594 O  "O3'" . DG  D 4 4  ? -18.190 -3.018  11.986  1.00 195.55 ? 4   DG  D "O3'" 1 
ATOM   595 C  "C2'" . DG  D 4 4  ? -17.403 -1.033  10.825  1.00 194.83 ? 4   DG  D "C2'" 1 
ATOM   596 C  "C1'" . DG  D 4 4  ? -17.716 -1.592  9.449   1.00 194.93 ? 4   DG  D "C1'" 1 
ATOM   597 N  N9    . DG  D 4 4  ? -17.179 -0.794  8.348   1.00 191.16 ? 4   DG  D N9    1 
ATOM   598 C  C8    . DG  D 4 4  ? -17.046 0.573   8.306   1.00 189.57 ? 4   DG  D C8    1 
ATOM   599 N  N7    . DG  D 4 4  ? -16.544 1.014   7.185   1.00 181.43 ? 4   DG  D N7    1 
ATOM   600 C  C5    . DG  D 4 4  ? -16.328 -0.135  6.433   1.00 183.32 ? 4   DG  D C5    1 
ATOM   601 C  C6    . DG  D 4 4  ? -15.798 -0.286  5.127   1.00 178.69 ? 4   DG  D C6    1 
ATOM   602 O  O6    . DG  D 4 4  ? -15.401 0.597   4.352   1.00 172.13 ? 4   DG  D O6    1 
ATOM   603 N  N1    . DG  D 4 4  ? -15.750 -1.628  4.743   1.00 180.10 ? 4   DG  D N1    1 
ATOM   604 C  C2    . DG  D 4 4  ? -16.164 -2.687  5.523   1.00 181.92 ? 4   DG  D C2    1 
ATOM   605 N  N2    . DG  D 4 4  ? -16.042 -3.912  4.988   1.00 174.25 ? 4   DG  D N2    1 
ATOM   606 N  N3    . DG  D 4 4  ? -16.662 -2.555  6.747   1.00 184.12 ? 4   DG  D N3    1 
ATOM   607 C  C4    . DG  D 4 4  ? -16.714 -1.256  7.136   1.00 186.73 ? 4   DG  D C4    1 
ATOM   608 P  P     . DA  D 4 5  ? -17.177 -3.348  13.189  1.00 206.13 ? 5   DA  D P     1 
ATOM   609 O  OP1   . DA  D 4 5  ? -17.968 -3.992  14.263  1.00 206.09 ? 5   DA  D OP1   1 
ATOM   610 O  OP2   . DA  D 4 5  ? -16.386 -2.135  13.491  1.00 199.30 ? 5   DA  D OP2   1 
ATOM   611 O  "O5'" . DA  D 4 5  ? -16.193 -4.436  12.554  1.00 192.83 ? 5   DA  D "O5'" 1 
ATOM   612 C  "C5'" . DA  D 4 5  ? -16.730 -5.614  11.963  1.00 184.62 ? 5   DA  D "C5'" 1 
ATOM   613 C  "C4'" . DA  D 4 5  ? -15.756 -6.224  10.971  1.00 177.53 ? 5   DA  D "C4'" 1 
ATOM   614 O  "O4'" . DA  D 4 5  ? -15.466 -5.271  9.914   1.00 175.92 ? 5   DA  D "O4'" 1 
ATOM   615 C  "C3'" . DA  D 4 5  ? -14.403 -6.625  11.549  1.00 165.54 ? 5   DA  D "C3'" 1 
ATOM   616 O  "O3'" . DA  D 4 5  ? -13.950 -7.801  10.909  1.00 160.81 ? 5   DA  D "O3'" 1 
ATOM   617 C  "C2'" . DA  D 4 5  ? -13.524 -5.430  11.203  1.00 162.64 ? 5   DA  D "C2'" 1 
ATOM   618 C  "C1'" . DA  D 4 5  ? -14.072 -5.057  9.838   1.00 164.46 ? 5   DA  D "C1'" 1 
ATOM   619 N  N9    . DA  D 4 5  ? -13.849 -3.665  9.477   1.00 168.59 ? 5   DA  D N9    1 
ATOM   620 C  C8    . DA  D 4 5  ? -14.065 -2.565  10.262  1.00 173.55 ? 5   DA  D C8    1 
ATOM   621 N  N7    . DA  D 4 5  ? -13.787 -1.428  9.669   1.00 173.44 ? 5   DA  D N7    1 
ATOM   622 C  C5    . DA  D 4 5  ? -13.366 -1.808  8.404   1.00 169.36 ? 5   DA  D C5    1 
ATOM   623 C  C6    . DA  D 4 5  ? -12.929 -1.069  7.286   1.00 164.72 ? 5   DA  D C6    1 
ATOM   624 N  N6    . DA  D 4 5  ? -12.845 0.268   7.270   1.00 158.79 ? 5   DA  D N6    1 
ATOM   625 N  N1    . DA  D 4 5  ? -12.582 -1.763  6.178   1.00 163.19 ? 5   DA  D N1    1 
ATOM   626 C  C2    . DA  D 4 5  ? -12.667 -3.101  6.198   1.00 158.91 ? 5   DA  D C2    1 
ATOM   627 N  N3    . DA  D 4 5  ? -13.062 -3.901  7.186   1.00 159.23 ? 5   DA  D N3    1 
ATOM   628 C  C4    . DA  D 4 5  ? -13.401 -3.186  8.271   1.00 166.05 ? 5   DA  D C4    1 
ATOM   629 P  P     . DG  D 4 6  ? -13.188 -8.930  11.757  1.00 175.73 ? 6   DG  D P     1 
ATOM   630 O  OP1   . DG  D 4 6  ? -13.937 -10.198 11.605  1.00 182.05 ? 6   DG  D OP1   1 
ATOM   631 O  OP2   . DG  D 4 6  ? -12.927 -8.374  13.103  1.00 177.07 ? 6   DG  D OP2   1 
ATOM   632 O  "O5'" . DG  D 4 6  ? -11.789 -9.078  11.011  1.00 164.87 ? 6   DG  D "O5'" 1 
ATOM   633 C  "C5'" . DG  D 4 6  ? -11.132 -7.927  10.539  1.00 155.57 ? 6   DG  D "C5'" 1 
ATOM   634 C  "C4'" . DG  D 4 6  ? -10.478 -8.201  9.204   1.00 146.31 ? 6   DG  D "C4'" 1 
ATOM   635 O  "O4'" . DG  D 4 6  ? -10.613 -7.041  8.359   1.00 143.78 ? 6   DG  D "O4'" 1 
ATOM   636 C  "C3'" . DG  D 4 6  ? -8.992  -8.498  9.277   1.00 131.21 ? 6   DG  D "C3'" 1 
ATOM   637 O  "O3'" . DG  D 4 6  ? -8.624  -9.403  8.266   1.00 133.61 ? 6   DG  D "O3'" 1 
ATOM   638 C  "C2'" . DG  D 4 6  ? -8.341  -7.135  9.071   1.00 129.88 ? 6   DG  D "C2'" 1 
ATOM   639 C  "C1'" . DG  D 4 6  ? -9.389  -6.341  8.287   1.00 130.54 ? 6   DG  D "C1'" 1 
ATOM   640 N  N9    . DG  D 4 6  ? -9.595  -5.002  8.825   1.00 133.99 ? 6   DG  D N9    1 
ATOM   641 C  C8    . DG  D 4 6  ? -10.022 -4.677  10.089  1.00 132.75 ? 6   DG  D C8    1 
ATOM   642 N  N7    . DG  D 4 6  ? -10.104 -3.394  10.296  1.00 130.50 ? 6   DG  D N7    1 
ATOM   643 C  C5    . DG  D 4 6  ? -9.702  -2.830  9.094   1.00 134.52 ? 6   DG  D C5    1 
ATOM   644 C  C6    . DG  D 4 6  ? -9.587  -1.471  8.720   1.00 134.15 ? 6   DG  D C6    1 
ATOM   645 O  O6    . DG  D 4 6  ? -9.829  -0.465  9.401   1.00 135.17 ? 6   DG  D O6    1 
ATOM   646 N  N1    . DG  D 4 6  ? -9.142  -1.336  7.408   1.00 131.26 ? 6   DG  D N1    1 
ATOM   647 C  C2    . DG  D 4 6  ? -8.847  -2.385  6.565   1.00 131.13 ? 6   DG  D C2    1 
ATOM   648 N  N2    . DG  D 4 6  ? -8.429  -2.060  5.334   1.00 130.40 ? 6   DG  D N2    1 
ATOM   649 N  N3    . DG  D 4 6  ? -8.951  -3.664  6.906   1.00 126.01 ? 6   DG  D N3    1 
ATOM   650 C  C4    . DG  D 4 6  ? -9.382  -3.809  8.179   1.00 132.39 ? 6   DG  D C4    1 
ATOM   651 P  P     . DT  D 4 7  ? -7.579  -10.572 8.599   1.00 141.51 ? 7   DT  D P     1 
ATOM   652 O  OP1   . DT  D 4 7  ? -8.252  -11.878 8.419   1.00 155.94 ? 7   DT  D OP1   1 
ATOM   653 O  OP2   . DT  D 4 7  ? -6.977  -10.230 9.907   1.00 125.76 ? 7   DT  D OP2   1 
ATOM   654 O  "O5'" . DT  D 4 7  ? -6.452  -10.407 7.482   1.00 123.77 ? 7   DT  D "O5'" 1 
ATOM   655 C  "C5'" . DT  D 4 7  ? -5.288  -9.668  7.780   1.00 134.82 ? 7   DT  D "C5'" 1 
ATOM   656 C  "C4'" . DT  D 4 7  ? -5.107  -8.523  6.808   1.00 123.50 ? 7   DT  D "C4'" 1 
ATOM   657 O  "O4'" . DT  D 4 7  ? -5.678  -7.319  7.357   1.00 120.54 ? 7   DT  D "O4'" 1 
ATOM   658 C  "C3'" . DT  D 4 7  ? -3.650  -8.178  6.502   1.00 119.51 ? 7   DT  D "C3'" 1 
ATOM   659 O  "O3'" . DT  D 4 7  ? -3.344  -8.543  5.176   1.00 132.00 ? 7   DT  D "O3'" 1 
ATOM   660 C  "C2'" . DT  D 4 7  ? -3.556  -6.659  6.704   1.00 106.85 ? 7   DT  D "C2'" 1 
ATOM   661 C  "C1'" . DT  D 4 7  ? -5.012  -6.239  6.772   1.00 115.89 ? 7   DT  D "C1'" 1 
ATOM   662 N  N1    . DT  D 4 7  ? -5.259  -5.008  7.583   1.00 114.04 ? 7   DT  D N1    1 
ATOM   663 C  C2    . DT  D 4 7  ? -5.181  -3.783  6.971   1.00 121.01 ? 7   DT  D C2    1 
ATOM   664 O  O2    . DT  D 4 7  ? -4.907  -3.648  5.793   1.00 128.63 ? 7   DT  D O2    1 
ATOM   665 N  N3    . DT  D 4 7  ? -5.431  -2.709  7.788   1.00 116.52 ? 7   DT  D N3    1 
ATOM   666 C  C4    . DT  D 4 7  ? -5.755  -2.745  9.128   1.00 110.81 ? 7   DT  D C4    1 
ATOM   667 O  O4    . DT  D 4 7  ? -5.969  -1.725  9.780   1.00 102.82 ? 7   DT  D O4    1 
ATOM   668 C  C5    . DT  D 4 7  ? -5.827  -4.066  9.707   1.00 107.46 ? 7   DT  D C5    1 
ATOM   669 C  C7    . DT  D 4 7  ? -6.167  -4.233  11.153  1.00 112.98 ? 7   DT  D C7    1 
ATOM   670 C  C6    . DT  D 4 7  ? -5.578  -5.121  8.916   1.00 108.24 ? 7   DT  D C6    1 
ATOM   671 P  P     . DG  D 4 8  ? -1.823  -8.845  4.764   1.00 154.66 ? 8   DG  D P     1 
ATOM   672 O  OP1   . DG  D 4 8  ? -1.837  -9.754  3.595   1.00 140.15 ? 8   DG  D OP1   1 
ATOM   673 O  OP2   . DG  D 4 8  ? -1.102  -9.245  5.993   1.00 144.14 ? 8   DG  D OP2   1 
ATOM   674 O  "O5'" . DG  D 4 8  ? -1.279  -7.422  4.287   1.00 127.03 ? 8   DG  D "O5'" 1 
ATOM   675 C  "C5'" . DG  D 4 8  ? -1.873  -6.798  3.172   1.00 115.04 ? 8   DG  D "C5'" 1 
ATOM   676 C  "C4'" . DG  D 4 8  ? -1.225  -5.460  2.881   1.00 110.37 ? 8   DG  D "C4'" 1 
ATOM   677 O  "O4'" . DG  D 4 8  ? -1.566  -4.505  3.914   1.00 113.45 ? 8   DG  D "O4'" 1 
ATOM   678 C  "C3'" . DG  D 4 8  ? 0.288   -5.460  2.799   1.00 94.33  ? 8   DG  D "C3'" 1 
ATOM   679 O  "O3'" . DG  D 4 8  ? 0.672   -4.551  1.814   1.00 90.04  ? 8   DG  D "O3'" 1 
ATOM   680 C  "C2'" . DG  D 4 8  ? 0.716   -4.987  4.192   1.00 103.73 ? 8   DG  D "C2'" 1 
ATOM   681 C  "C1'" . DG  D 4 8  ? -0.402  -4.018  4.551   1.00 98.57  ? 8   DG  D "C1'" 1 
ATOM   682 N  N9    . DG  D 4 8  ? -0.721  -3.958  5.971   1.00 99.36  ? 8   DG  D N9    1 
ATOM   683 C  C8    . DG  D 4 8  ? -0.855  -5.018  6.827   1.00 101.16 ? 8   DG  D C8    1 
ATOM   684 N  N7    . DG  D 4 8  ? -1.202  -4.673  8.034   1.00 104.11 ? 8   DG  D N7    1 
ATOM   685 C  C5    . DG  D 4 8  ? -1.322  -3.292  7.973   1.00 101.20 ? 8   DG  D C5    1 
ATOM   686 C  C6    . DG  D 4 8  ? -1.675  -2.360  8.979   1.00 98.08  ? 8   DG  D C6    1 
ATOM   687 O  O6    . DG  D 4 8  ? -1.956  -2.580  10.161  1.00 103.03 ? 8   DG  D O6    1 
ATOM   688 N  N1    . DG  D 4 8  ? -1.682  -1.058  8.498   1.00 96.63  ? 8   DG  D N1    1 
ATOM   689 C  C2    . DG  D 4 8  ? -1.382  -0.697  7.207   1.00 105.56 ? 8   DG  D C2    1 
ATOM   690 N  N2    . DG  D 4 8  ? -1.437  0.612   6.932   1.00 106.12 ? 8   DG  D N2    1 
ATOM   691 N  N3    . DG  D 4 8  ? -1.048  -1.561  6.251   1.00 103.70 ? 8   DG  D N3    1 
ATOM   692 C  C4    . DG  D 4 8  ? -1.041  -2.837  6.705   1.00 100.74 ? 8   DG  D C4    1 
ATOM   693 P  P     . DC  D 4 9  ? 2.205   -4.448  1.384   1.00 110.77 ? 9   DC  D P     1 
ATOM   694 O  OP1   . DC  D 4 9  ? 2.247   -3.958  -0.016  1.00 108.06 ? 9   DC  D OP1   1 
ATOM   695 O  OP2   . DC  D 4 9  ? 2.828   -5.740  1.744   1.00 94.71  ? 9   DC  D OP2   1 
ATOM   696 O  "O5'" . DC  D 4 9  ? 2.788   -3.320  2.347   1.00 96.08  ? 9   DC  D "O5'" 1 
ATOM   697 C  "C5'" . DC  D 4 9  ? 2.224   -2.036  2.314   1.00 94.24  ? 9   DC  D "C5'" 1 
ATOM   698 C  "C4'" . DC  D 4 9  ? 2.839   -1.156  3.378   1.00 98.78  ? 9   DC  D "C4'" 1 
ATOM   699 O  "O4'" . DC  D 4 9  ? 2.230   -1.427  4.668   1.00 111.34 ? 9   DC  D "O4'" 1 
ATOM   700 C  "C3'" . DC  D 4 9  ? 4.342   -1.351  3.576   1.00 86.51  ? 9   DC  D "C3'" 1 
ATOM   701 O  "O3'" . DC  D 4 9  ? 4.986   -0.100  3.529   1.00 82.90  ? 9   DC  D "O3'" 1 
ATOM   702 C  "C2'" . DC  D 4 9  ? 4.438   -1.978  4.969   1.00 88.13  ? 9   DC  D "C2'" 1 
ATOM   703 C  "C1'" . DC  D 4 9  ? 3.240   -1.350  5.636   1.00 94.03  ? 9   DC  D "C1'" 1 
ATOM   704 N  N1    . DC  D 4 9  ? 2.796   -2.048  6.861   1.00 87.87  ? 9   DC  D N1    1 
ATOM   705 C  C2    . DC  D 4 9  ? 2.360   -1.295  7.949   1.00 87.77  ? 9   DC  D C2    1 
ATOM   706 O  O2    . DC  D 4 9  ? 2.345   -0.066  7.857   1.00 86.65  ? 9   DC  D O2    1 
ATOM   707 N  N3    . DC  D 4 9  ? 1.960   -1.933  9.072   1.00 87.71  ? 9   DC  D N3    1 
ATOM   708 C  C4    . DC  D 4 9  ? 1.988   -3.259  9.127   1.00 88.30  ? 9   DC  D C4    1 
ATOM   709 N  N4    . DC  D 4 9  ? 1.581   -3.843  10.254  1.00 98.83  ? 9   DC  D N4    1 
ATOM   710 C  C5    . DC  D 4 9  ? 2.433   -4.048  8.025   1.00 92.56  ? 9   DC  D C5    1 
ATOM   711 C  C6    . DC  D 4 9  ? 2.828   -3.405  6.921   1.00 85.79  ? 9   DC  D C6    1 
ATOM   712 P  P     . DG  D 4 10 ? 5.591   0.417   2.138   1.00 101.19 ? 10  DG  D P     1 
ATOM   713 O  OP1   . DG  D 4 10 ? 5.831   1.871   2.270   1.00 103.13 ? 10  DG  D OP1   1 
ATOM   714 O  OP2   . DG  D 4 10 ? 4.738   -0.125  1.056   1.00 100.15 ? 10  DG  D OP2   1 
ATOM   715 O  "O5'" . DG  D 4 10 ? 7.007   -0.304  2.030   1.00 87.22  ? 10  DG  D "O5'" 1 
ATOM   716 C  "C5'" . DG  D 4 10 ? 8.143   0.311   2.600   1.00 92.73  ? 10  DG  D "C5'" 1 
ATOM   717 C  "C4'" . DG  D 4 10 ? 9.395   -0.097  1.857   1.00 93.88  ? 10  DG  D "C4'" 1 
ATOM   718 O  "O4'" . DG  D 4 10 ? 9.308   -1.490  1.529   1.00 97.81  ? 10  DG  D "O4'" 1 
ATOM   719 C  "C3'" . DG  D 4 10 ? 9.597   0.576   0.516   1.00 103.58 ? 10  DG  D "C3'" 1 
ATOM   720 O  "O3'" . DG  D 4 10 ? 10.213  1.834   0.696   1.00 120.29 ? 10  DG  D "O3'" 1 
ATOM   721 C  "C2'" . DG  D 4 10 ? 10.539  -0.398  -0.179  1.00 95.05  ? 10  DG  D "C2'" 1 
ATOM   722 C  "C1'" . DG  D 4 10 ? 10.090  -1.745  0.383   1.00 95.22  ? 10  DG  D "C1'" 1 
ATOM   723 N  N9    . DG  D 4 10 ? 9.307   -2.526  -0.555  1.00 87.14  ? 10  DG  D N9    1 
ATOM   724 C  C8    . DG  D 4 10 ? 7.975   -2.839  -0.469  1.00 84.60  ? 10  DG  D C8    1 
ATOM   725 N  N7    . DG  D 4 10 ? 7.553   -3.565  -1.467  1.00 90.32  ? 10  DG  D N7    1 
ATOM   726 C  C5    . DG  D 4 10 ? 8.680   -3.740  -2.258  1.00 99.55  ? 10  DG  D C5    1 
ATOM   727 C  C6    . DG  D 4 10 ? 8.843   -4.444  -3.479  1.00 102.07 ? 10  DG  D C6    1 
ATOM   728 O  O6    . DG  D 4 10 ? 7.988   -5.074  -4.121  1.00 95.37  ? 10  DG  D O6    1 
ATOM   729 N  N1    . DG  D 4 10 ? 10.162  -4.365  -3.942  1.00 103.44 ? 10  DG  D N1    1 
ATOM   730 C  C2    . DG  D 4 10 ? 11.185  -3.690  -3.303  1.00 106.61 ? 10  DG  D C2    1 
ATOM   731 N  N2    . DG  D 4 10 ? 12.393  -3.716  -3.892  1.00 109.83 ? 10  DG  D N2    1 
ATOM   732 N  N3    . DG  D 4 10 ? 11.034  -3.034  -2.162  1.00 96.97  ? 10  DG  D N3    1 
ATOM   733 C  C4    . DG  D 4 10 ? 9.763   -3.103  -1.705  1.00 96.28  ? 10  DG  D C4    1 
ATOM   734 P  P     . DG  D 4 11 ? 10.058  2.966   -0.429  1.00 111.85 ? 11  DG  D P     1 
ATOM   735 O  OP1   . DG  D 4 11 ? 10.699  4.193   0.100   1.00 109.35 ? 11  DG  D OP1   1 
ATOM   736 O  OP2   . DG  D 4 11 ? 8.637   2.976   -0.842  1.00 102.82 ? 11  DG  D OP2   1 
ATOM   737 O  "O5'" . DG  D 4 11 ? 10.921  2.413   -1.659  1.00 109.85 ? 11  DG  D "O5'" 1 
ATOM   738 C  "C5'" . DG  D 4 11 ? 12.346  2.399   -1.584  1.00 115.69 ? 11  DG  D "C5'" 1 
ATOM   739 C  "C4'" . DG  D 4 11 ? 12.945  1.927   -2.895  1.00 117.53 ? 11  DG  D "C4'" 1 
ATOM   740 O  "O4'" . DG  D 4 11 ? 12.604  0.537   -3.103  1.00 112.62 ? 11  DG  D "O4'" 1 
ATOM   741 C  "C3'" . DG  D 4 11 ? 12.439  2.664   -4.126  1.00 133.28 ? 11  DG  D "C3'" 1 
ATOM   742 O  "O3'" . DG  D 4 11 ? 13.313  3.732   -4.438  1.00 136.64 ? 11  DG  D "O3'" 1 
ATOM   743 C  "C2'" . DG  D 4 11 ? 12.473  1.597   -5.213  1.00 129.18 ? 11  DG  D "C2'" 1 
ATOM   744 C  "C1'" . DG  D 4 11 ? 12.179  0.326   -4.436  1.00 111.30 ? 11  DG  D "C1'" 1 
ATOM   745 N  N9    . DG  D 4 11 ? 10.776  -0.037  -4.406  1.00 101.73 ? 11  DG  D N9    1 
ATOM   746 C  C8    . DG  D 4 11 ? 9.854   0.341   -3.466  1.00 101.15 ? 11  DG  D C8    1 
ATOM   747 N  N7    . DG  D 4 11 ? 8.671   -0.155  -3.673  1.00 108.84 ? 11  DG  D N7    1 
ATOM   748 C  C5    . DG  D 4 11 ? 8.815   -0.918  -4.822  1.00 104.72 ? 11  DG  D C5    1 
ATOM   749 C  C6    . DG  D 4 11 ? 7.865   -1.693  -5.527  1.00 109.57 ? 11  DG  D C6    1 
ATOM   750 O  O6    . DG  D 4 11 ? 6.665   -1.861  -5.259  1.00 110.56 ? 11  DG  D O6    1 
ATOM   751 N  N1    . DG  D 4 11 ? 8.428   -2.307  -6.642  1.00 114.79 ? 11  DG  D N1    1 
ATOM   752 C  C2    . DG  D 4 11 ? 9.743   -2.189  -7.026  1.00 114.17 ? 11  DG  D C2    1 
ATOM   753 N  N2    . DG  D 4 11 ? 10.101  -2.855  -8.131  1.00 117.61 ? 11  DG  D N2    1 
ATOM   754 N  N3    . DG  D 4 11 ? 10.645  -1.466  -6.372  1.00 105.87 ? 11  DG  D N3    1 
ATOM   755 C  C4    . DG  D 4 11 ? 10.111  -0.859  -5.284  1.00 105.08 ? 11  DG  D C4    1 
ATOM   756 P  P     . DT  D 4 12 ? 12.892  4.806   -5.550  1.00 138.42 ? 12  DT  D P     1 
ATOM   757 O  OP1   . DT  D 4 12 ? 13.842  5.937   -5.438  1.00 140.90 ? 12  DT  D OP1   1 
ATOM   758 O  OP2   . DT  D 4 12 ? 11.430  5.014   -5.437  1.00 120.03 ? 12  DT  D OP2   1 
ATOM   759 O  "O5'" . DT  D 4 12 ? 13.148  4.053   -6.931  1.00 128.21 ? 12  DT  D "O5'" 1 
ATOM   760 C  "C5'" . DT  D 4 12 ? 14.461  3.659   -7.286  1.00 134.68 ? 12  DT  D "C5'" 1 
ATOM   761 C  "C4'" . DT  D 4 12 ? 14.432  2.801   -8.532  1.00 141.59 ? 12  DT  D "C4'" 1 
ATOM   762 O  "O4'" . DT  D 4 12 ? 13.348  1.844   -8.415  1.00 125.94 ? 12  DT  D "O4'" 1 
ATOM   763 C  "C3'" . DT  D 4 12 ? 14.174  3.561   -9.834  1.00 152.50 ? 12  DT  D "C3'" 1 
ATOM   764 O  "O3'" . DT  D 4 12 ? 14.913  2.977   -10.894 1.00 155.03 ? 12  DT  D "O3'" 1 
ATOM   765 C  "C2'" . DT  D 4 12 ? 12.678  3.373   -10.041 1.00 145.74 ? 12  DT  D "C2'" 1 
ATOM   766 C  "C1'" . DT  D 4 12 ? 12.505  1.953   -9.537  1.00 130.79 ? 12  DT  D "C1'" 1 
ATOM   767 N  N1    . DT  D 4 12 ? 11.134  1.644   -9.112  1.00 122.90 ? 12  DT  D N1    1 
ATOM   768 C  C2    . DT  D 4 12 ? 10.431  0.677   -9.782  1.00 131.06 ? 12  DT  D C2    1 
ATOM   769 O  O2    . DT  D 4 12 ? 10.888  0.058   -10.724 1.00 140.20 ? 12  DT  D O2    1 
ATOM   770 N  N3    . DT  D 4 12 ? 9.163   0.455   -9.308  1.00 131.12 ? 12  DT  D N3    1 
ATOM   771 C  C4    . DT  D 4 12 ? 8.548   1.100   -8.250  1.00 128.09 ? 12  DT  D C4    1 
ATOM   772 O  O4    . DT  D 4 12 ? 7.400   0.837   -7.895  1.00 120.46 ? 12  DT  D O4    1 
ATOM   773 C  C5    . DT  D 4 12 ? 9.349   2.104   -7.591  1.00 127.99 ? 12  DT  D C5    1 
ATOM   774 C  C7    . DT  D 4 12 ? 8.793   2.870   -6.432  1.00 118.71 ? 12  DT  D C7    1 
ATOM   775 C  C6    . DT  D 4 12 ? 10.589  2.324   -8.049  1.00 120.50 ? 12  DT  D C6    1 
ATOM   776 P  P     . DC  D 4 13 ? 14.846  3.614   -12.367 1.00 156.57 ? 13  DC  D P     1 
ATOM   777 O  OP1   . DC  D 4 13 ? 16.044  3.158   -13.109 1.00 150.24 ? 13  DC  D OP1   1 
ATOM   778 O  OP2   . DC  D 4 13 ? 14.582  5.059   -12.199 1.00 160.14 ? 13  DC  D OP2   1 
ATOM   779 O  "O5'" . DC  D 4 13 ? 13.543  2.960   -13.016 1.00 133.38 ? 13  DC  D "O5'" 1 
ATOM   780 C  "C5'" . DC  D 4 13 ? 13.490  1.570   -13.215 1.00 134.60 ? 13  DC  D "C5'" 1 
ATOM   781 C  "C4'" . DC  D 4 13 ? 12.546  1.230   -14.346 1.00 150.34 ? 13  DC  D "C4'" 1 
ATOM   782 O  "O4'" . DC  D 4 13 ? 11.235  0.930   -13.808 1.00 146.49 ? 13  DC  D "O4'" 1 
ATOM   783 C  "C3'" . DC  D 4 13 ? 12.332  2.343   -15.372 1.00 167.76 ? 13  DC  D "C3'" 1 
ATOM   784 O  "O3'" . DC  D 4 13 ? 12.227  1.772   -16.673 1.00 180.18 ? 13  DC  D "O3'" 1 
ATOM   785 C  "C2'" . DC  D 4 13 ? 11.009  2.959   -14.922 1.00 160.76 ? 13  DC  D "C2'" 1 
ATOM   786 C  "C1'" . DC  D 4 13 ? 10.267  1.720   -14.459 1.00 150.80 ? 13  DC  D "C1'" 1 
ATOM   787 N  N1    . DC  D 4 13 ? 9.178   1.987   -13.494 1.00 144.38 ? 13  DC  D N1    1 
ATOM   788 C  C2    . DC  D 4 13 ? 7.999   1.234   -13.559 1.00 146.86 ? 13  DC  D C2    1 
ATOM   789 O  O2    . DC  D 4 13 ? 7.883   0.369   -14.436 1.00 142.21 ? 13  DC  D O2    1 
ATOM   790 N  N3    . DC  D 4 13 ? 7.013   1.479   -12.661 1.00 148.48 ? 13  DC  D N3    1 
ATOM   791 C  C4    . DC  D 4 13 ? 7.178   2.422   -11.732 1.00 148.47 ? 13  DC  D C4    1 
ATOM   792 N  N4    . DC  D 4 13 ? 6.177   2.629   -10.868 1.00 146.88 ? 13  DC  D N4    1 
ATOM   793 C  C5    . DC  D 4 13 ? 8.376   3.196   -11.646 1.00 140.72 ? 13  DC  D C5    1 
ATOM   794 C  C6    . DC  D 4 13 ? 9.342   2.944   -12.537 1.00 138.83 ? 13  DC  D C6    1 
ATOM   795 P  P     . DT  D 4 14 ? 12.313  2.694   -17.986 1.00 183.52 ? 14  DT  D P     1 
ATOM   796 O  OP1   . DT  D 4 14 ? 13.333  2.089   -18.871 1.00 178.93 ? 14  DT  D OP1   1 
ATOM   797 O  OP2   . DT  D 4 14 ? 12.467  4.100   -17.551 1.00 179.81 ? 14  DT  D OP2   1 
ATOM   798 O  "O5'" . DT  D 4 14 ? 10.869  2.532   -18.658 1.00 168.77 ? 14  DT  D "O5'" 1 
ATOM   799 C  "C5'" . DT  D 4 14 ? 10.433  1.250   -19.079 1.00 169.76 ? 14  DT  D "C5'" 1 
ATOM   800 C  "C4'" . DT  D 4 14 ? 8.919   1.184   -19.160 1.00 177.59 ? 14  DT  D "C4'" 1 
ATOM   801 O  "O4'" . DT  D 4 14 ? 8.336   1.553   -17.883 1.00 173.58 ? 14  DT  D "O4'" 1 
ATOM   802 C  "C3'" . DT  D 4 14 ? 8.274   2.112   -20.202 1.00 188.99 ? 14  DT  D "C3'" 1 
ATOM   803 O  "O3'" . DT  D 4 14 ? 7.346   1.374   -20.994 1.00 201.98 ? 14  DT  D "O3'" 1 
ATOM   804 C  "C2'" . DT  D 4 14 ? 7.558   3.158   -19.346 1.00 185.56 ? 14  DT  D "C2'" 1 
ATOM   805 C  "C1'" . DT  D 4 14 ? 7.192   2.328   -18.133 1.00 178.84 ? 14  DT  D "C1'" 1 
ATOM   806 N  N1    . DT  D 4 14 ? 6.865   3.135   -16.921 1.00 173.11 ? 14  DT  D N1    1 
ATOM   807 C  C2    . DT  D 4 14 ? 5.695   2.883   -16.240 1.00 170.85 ? 14  DT  D C2    1 
ATOM   808 O  O2    . DT  D 4 14 ? 4.901   2.019   -16.574 1.00 169.50 ? 14  DT  D O2    1 
ATOM   809 N  N3    . DT  D 4 14 ? 5.486   3.679   -15.144 1.00 163.11 ? 14  DT  D N3    1 
ATOM   810 C  C4    . DT  D 4 14 ? 6.312   4.684   -14.674 1.00 160.25 ? 14  DT  D C4    1 
ATOM   811 O  O4    . DT  D 4 14 ? 6.039   5.347   -13.678 1.00 152.60 ? 14  DT  D O4    1 
ATOM   812 C  C5    . DT  D 4 14 ? 7.520   4.897   -15.439 1.00 160.14 ? 14  DT  D C5    1 
ATOM   813 C  C7    . DT  D 4 14 ? 8.495   5.957   -15.029 1.00 154.33 ? 14  DT  D C7    1 
ATOM   814 C  C6    . DT  D 4 14 ? 7.734   4.123   -16.513 1.00 162.35 ? 14  DT  D C6    1 
ATOM   815 P  P     . DG  D 4 15 ? 6.842   1.947   -22.410 1.00 209.51 ? 15  DG  D P     1 
ATOM   816 O  OP1   . DG  D 4 15 ? 6.287   0.812   -23.184 1.00 204.27 ? 15  DG  D OP1   1 
ATOM   817 O  OP2   . DG  D 4 15 ? 7.944   2.765   -22.965 1.00 199.80 ? 15  DG  D OP2   1 
ATOM   818 O  "O5'" . DG  D 4 15 ? 5.620   2.911   -22.036 1.00 192.43 ? 15  DG  D "O5'" 1 
ATOM   819 C  "C5'" . DG  D 4 15 ? 4.522   3.064   -22.937 1.00 191.88 ? 15  DG  D "C5'" 1 
ATOM   820 C  "C4'" . DG  D 4 15 ? 3.242   2.568   -22.294 1.00 195.23 ? 15  DG  D "C4'" 1 
ATOM   821 O  "O4'" . DG  D 4 15 ? 3.520   2.224   -20.914 1.00 195.85 ? 15  DG  D "O4'" 1 
ATOM   822 C  "C3'" . DG  D 4 15 ? 2.095   3.580   -22.258 1.00 194.81 ? 15  DG  D "C3'" 1 
ATOM   823 O  "O3'" . DG  D 4 15 ? 1.164   3.346   -23.344 1.00 203.29 ? 15  DG  D "O3'" 1 
ATOM   824 C  "C2'" . DG  D 4 15 ? 1.456   3.352   -20.893 1.00 193.55 ? 15  DG  D "C2'" 1 
ATOM   825 C  "C1'" . DG  D 4 15 ? 2.638   2.909   -20.051 1.00 194.56 ? 15  DG  D "C1'" 1 
ATOM   826 N  N9    . DG  D 4 15 ? 3.359   4.009   -19.414 1.00 188.13 ? 15  DG  D N9    1 
ATOM   827 C  C8    . DG  D 4 15 ? 4.531   4.589   -19.837 1.00 184.38 ? 15  DG  D C8    1 
ATOM   828 N  N7    . DG  D 4 15 ? 4.948   5.548   -19.058 1.00 182.25 ? 15  DG  D N7    1 
ATOM   829 C  C5    . DG  D 4 15 ? 3.991   5.610   -18.055 1.00 184.05 ? 15  DG  D C5    1 
ATOM   830 C  C6    . DG  D 4 15 ? 3.905   6.460   -16.927 1.00 182.21 ? 15  DG  D C6    1 
ATOM   831 O  O6    . DG  D 4 15 ? 4.688   7.358   -16.583 1.00 178.36 ? 15  DG  D O6    1 
ATOM   832 N  N1    . DG  D 4 15 ? 2.771   6.188   -16.162 1.00 184.12 ? 15  DG  D N1    1 
ATOM   833 C  C2    . DG  D 4 15 ? 1.839   5.216   -16.453 1.00 184.00 ? 15  DG  D C2    1 
ATOM   834 N  N2    . DG  D 4 15 ? 0.809   5.098   -15.603 1.00 179.81 ? 15  DG  D N2    1 
ATOM   835 N  N3    . DG  D 4 15 ? 1.909   4.415   -17.507 1.00 184.44 ? 15  DG  D N3    1 
ATOM   836 C  C4    . DG  D 4 15 ? 3.007   4.667   -18.259 1.00 185.91 ? 15  DG  D C4    1 
ATOM   837 P  P     . DC  D 4 16 ? 0.081   2.148   -23.305 1.00 214.94 ? 16  DC  D P     1 
ATOM   838 O  OP1   . DC  D 4 16 ? 0.708   0.920   -22.770 1.00 210.37 ? 16  DC  D OP1   1 
ATOM   839 O  OP2   . DC  D 4 16 ? -0.546  2.097   -24.643 1.00 214.06 ? 16  DC  D OP2   1 
ATOM   840 O  "O5'" . DC  D 4 16 ? -1.053  2.645   -22.288 1.00 195.93 ? 16  DC  D "O5'" 1 
ATOM   841 C  "C5'" . DC  D 4 16 ? -1.721  3.879   -22.497 1.00 186.56 ? 16  DC  D "C5'" 1 
ATOM   842 C  "C4'" . DC  D 4 16 ? -2.453  4.301   -21.237 1.00 186.80 ? 16  DC  D "C4'" 1 
ATOM   843 O  "O4'" . DC  D 4 16 ? -1.505  4.419   -20.156 1.00 191.95 ? 16  DC  D "O4'" 1 
ATOM   844 C  "C3'" . DC  D 4 16 ? -3.127  5.656   -21.308 1.00 187.19 ? 16  DC  D "C3'" 1 
ATOM   845 O  "O3'" . DC  D 4 16 ? -4.428  5.516   -21.857 1.00 188.71 ? 16  DC  D "O3'" 1 
ATOM   846 C  "C2'" . DC  D 4 16 ? -3.185  6.077   -19.840 1.00 185.04 ? 16  DC  D "C2'" 1 
ATOM   847 C  "C1'" . DC  D 4 16 ? -1.948  5.400   -19.237 1.00 189.41 ? 16  DC  D "C1'" 1 
ATOM   848 N  N1    . DC  D 4 16 ? -0.821  6.337   -18.969 1.00 187.80 ? 16  DC  D N1    1 
ATOM   849 C  C2    . DC  D 4 16 ? -0.843  7.134   -17.820 1.00 188.40 ? 16  DC  D C2    1 
ATOM   850 O  O2    . DC  D 4 16 ? -1.808  7.055   -17.048 1.00 184.49 ? 16  DC  D O2    1 
ATOM   851 N  N3    . DC  D 4 16 ? 0.198   7.978   -17.589 1.00 189.92 ? 16  DC  D N3    1 
ATOM   852 C  C4    . DC  D 4 16 ? 1.219   8.034   -18.449 1.00 185.81 ? 16  DC  D C4    1 
ATOM   853 N  N4    . DC  D 4 16 ? 2.220   8.880   -18.181 1.00 179.58 ? 16  DC  D N4    1 
ATOM   854 C  C5    . DC  D 4 16 ? 1.259   7.223   -19.621 1.00 184.36 ? 16  DC  D C5    1 
ATOM   855 C  C6    . DC  D 4 16 ? 0.228   6.397   -19.837 1.00 184.42 ? 16  DC  D C6    1 
HETATM 856 AS AS    . CAC E 5 .  ? 9.201   -3.384  11.887  1.00 90.09  ? 101 CAC C AS    1 
HETATM 857 AS AS    . CAC F 5 .  ? -1.832  -5.761  12.469  1.00 213.47 ? 101 CAC D AS    1 
HETATM 858 AS AS    . CAC G 5 .  ? 4.231   -1.015  -3.253  1.00 160.34 ? 102 CAC D AS    1 
# 
loop_
_pdbx_poly_seq_scheme.asym_id 
_pdbx_poly_seq_scheme.entity_id 
_pdbx_poly_seq_scheme.seq_id 
_pdbx_poly_seq_scheme.mon_id 
_pdbx_poly_seq_scheme.ndb_seq_num 
_pdbx_poly_seq_scheme.pdb_seq_num 
_pdbx_poly_seq_scheme.auth_seq_num 
_pdbx_poly_seq_scheme.pdb_mon_id 
_pdbx_poly_seq_scheme.auth_mon_id 
_pdbx_poly_seq_scheme.pdb_strand_id 
_pdbx_poly_seq_scheme.pdb_ins_code 
_pdbx_poly_seq_scheme.hetero 
A 1 1  DG 1  1  1  DG DG A . n 
A 1 2  DA 2  2  2  DA DA A . n 
A 1 3  DG 3  3  3  DG DG A . n 
A 1 4  DC 4  4  4  DC DC A . n 
A 1 5  DA 5  5  5  DA DA A . n 
A 1 6  DG 6  6  6  DG DG A . n 
A 1 7  DA 7  7  7  DA DA A . n 
A 1 8  DC 8  8  8  DC DC A . n 
A 1 9  DC 9  9  9  DC DC A . n 
A 1 10 DT 10 10 10 DT DT A . n 
A 1 11 DG 11 11 11 DG DG A . n 
B 2 1  DA 1  12 12 DA DA B . n 
B 2 2  DC 2  13 13 DC DC B . n 
B 2 3  DT 3  14 14 DT DT B . n 
B 2 4  DG 4  15 15 DG DG B . n 
B 2 5  DC 5  16 16 DC DC B . n 
B 2 6  DA 6  17 17 DA DA B . n 
B 2 7  DC 7  18 18 DC DC B . n 
B 2 8  DT 8  19 19 DT DT B . n 
B 2 9  DC 9  20 20 DC DC B . n 
B 2 10 DA 10 21 21 DA DA B . n 
C 3 1  DC 1  1  1  DC DC C . n 
C 3 2  DA 2  2  2  DA DA C . n 
C 3 3  DA 3  3  3  DA DA C . n 
C 3 4  DG 4  4  4  DG DG C . n 
C 3 5  DT 5  5  5  DT DT C . n 
D 4 1  DT 1  1  1  DT DT D . n 
D 4 2  DC 2  2  2  DC DC D . n 
D 4 3  DT 3  3  3  DT DT D . n 
D 4 4  DG 4  4  4  DG DG D . n 
D 4 5  DA 5  5  5  DA DA D . n 
D 4 6  DG 6  6  6  DG DG D . n 
D 4 7  DT 7  7  7  DT DT D . n 
D 4 8  DG 8  8  8  DG DG D . n 
D 4 9  DC 9  9  9  DC DC D . n 
D 4 10 DG 10 10 10 DG DG D . n 
D 4 11 DG 11 11 11 DG DG D . n 
D 4 12 DT 12 12 12 DT DT D . n 
D 4 13 DC 13 13 13 DC DC D . n 
D 4 14 DT 14 14 14 DT DT D . n 
D 4 15 DG 15 15 15 DG DG D . n 
D 4 16 DC 16 16 16 DC DC D . n 
# 
loop_
_pdbx_nonpoly_scheme.asym_id 
_pdbx_nonpoly_scheme.entity_id 
_pdbx_nonpoly_scheme.mon_id 
_pdbx_nonpoly_scheme.ndb_seq_num 
_pdbx_nonpoly_scheme.pdb_seq_num 
_pdbx_nonpoly_scheme.auth_seq_num 
_pdbx_nonpoly_scheme.pdb_mon_id 
_pdbx_nonpoly_scheme.auth_mon_id 
_pdbx_nonpoly_scheme.pdb_strand_id 
_pdbx_nonpoly_scheme.pdb_ins_code 
E 5 CAC 1 101 3 CAC AS C . 
F 5 CAC 1 101 1 CAC AS D . 
G 5 CAC 1 102 2 CAC AS D . 
# 
_pdbx_struct_assembly.id                   1 
_pdbx_struct_assembly.details              author_defined_assembly 
_pdbx_struct_assembly.method_details       ? 
_pdbx_struct_assembly.oligomeric_details   tetrameric 
_pdbx_struct_assembly.oligomeric_count     4 
# 
_pdbx_struct_assembly_gen.assembly_id       1 
_pdbx_struct_assembly_gen.oper_expression   1 
_pdbx_struct_assembly_gen.asym_id_list      A,B,C,D,E,F,G 
# 
_pdbx_struct_oper_list.id                   1 
_pdbx_struct_oper_list.type                 'identity operation' 
_pdbx_struct_oper_list.name                 1_555 
_pdbx_struct_oper_list.symmetry_operation   x,y,z 
_pdbx_struct_oper_list.matrix[1][1]         1.0000000000 
_pdbx_struct_oper_list.matrix[1][2]         0.0000000000 
_pdbx_struct_oper_list.matrix[1][3]         0.0000000000 
_pdbx_struct_oper_list.vector[1]            0.0000000000 
_pdbx_struct_oper_list.matrix[2][1]         0.0000000000 
_pdbx_struct_oper_list.matrix[2][2]         1.0000000000 
_pdbx_struct_oper_list.matrix[2][3]         0.0000000000 
_pdbx_struct_oper_list.vector[2]            0.0000000000 
_pdbx_struct_oper_list.matrix[3][1]         0.0000000000 
_pdbx_struct_oper_list.matrix[3][2]         0.0000000000 
_pdbx_struct_oper_list.matrix[3][3]         1.0000000000 
_pdbx_struct_oper_list.vector[3]            0.0000000000 
# 
loop_
_pdbx_audit_revision_history.ordinal 
_pdbx_audit_revision_history.data_content_type 
_pdbx_audit_revision_history.major_revision 
_pdbx_audit_revision_history.minor_revision 
_pdbx_audit_revision_history.revision_date 
1 'Structure model' 1 0 2021-07-14 
2 'Structure model' 1 1 2022-07-06 
3 'Structure model' 1 2 2023-10-18 
# 
_pdbx_audit_revision_details.ordinal             1 
_pdbx_audit_revision_details.revision_ordinal    1 
_pdbx_audit_revision_details.data_content_type   'Structure model' 
_pdbx_audit_revision_details.provider            repository 
_pdbx_audit_revision_details.type                'Initial release' 
_pdbx_audit_revision_details.description         ? 
_pdbx_audit_revision_details.details             ? 
# 
loop_
_pdbx_audit_revision_group.ordinal 
_pdbx_audit_revision_group.revision_ordinal 
_pdbx_audit_revision_group.data_content_type 
_pdbx_audit_revision_group.group 
1 2 'Structure model' 'Database references'    
2 3 'Structure model' 'Data collection'        
3 3 'Structure model' 'Refinement description' 
# 
loop_
_pdbx_audit_revision_category.ordinal 
_pdbx_audit_revision_category.revision_ordinal 
_pdbx_audit_revision_category.data_content_type 
_pdbx_audit_revision_category.category 
1 2 'Structure model' citation                      
2 2 'Structure model' citation_author               
3 2 'Structure model' database_2                    
4 3 'Structure model' chem_comp_atom                
5 3 'Structure model' chem_comp_bond                
6 3 'Structure model' pdbx_initial_refinement_model 
# 
loop_
_pdbx_audit_revision_item.ordinal 
_pdbx_audit_revision_item.revision_ordinal 
_pdbx_audit_revision_item.data_content_type 
_pdbx_audit_revision_item.item 
1  2 'Structure model' '_citation.country'                   
2  2 'Structure model' '_citation.journal_abbrev'            
3  2 'Structure model' '_citation.journal_id_CSD'            
4  2 'Structure model' '_citation.journal_id_ISSN'           
5  2 'Structure model' '_citation.journal_volume'            
6  2 'Structure model' '_citation.page_first'                
7  2 'Structure model' '_citation.page_last'                 
8  2 'Structure model' '_citation.pdbx_database_id_DOI'      
9  2 'Structure model' '_citation.pdbx_database_id_PubMed'   
10 2 'Structure model' '_citation.title'                     
11 2 'Structure model' '_citation.year'                      
12 2 'Structure model' '_database_2.pdbx_DOI'                
13 2 'Structure model' '_database_2.pdbx_database_accession' 
# 
loop_
_software.citation_id 
_software.classification 
_software.compiler_name 
_software.compiler_version 
_software.contact_author 
_software.contact_author_email 
_software.date 
_software.description 
_software.dependencies 
_software.hardware 
_software.language 
_software.location 
_software.mods 
_software.name 
_software.os 
_software.os_version 
_software.type 
_software.version 
_software.pdbx_ordinal 
? refinement        ? ? ? ? ? ? ? ? ? ? ? PHENIX      ? ? ? 1.11.1_2575 1 
? 'data reduction'  ? ? ? ? ? ? ? ? ? ? ? HKL-2000    ? ? ? .           2 
? 'data scaling'    ? ? ? ? ? ? ? ? ? ? ? HKL-2000    ? ? ? .           3 
? 'data extraction' ? ? ? ? ? ? ? ? ? ? ? PDB_EXTRACT ? ? ? 3.25        4 
? phasing           ? ? ? ? ? ? ? ? ? ? ? PHASER      ? ? ? .           5 
# 
_pdbx_entry_details.entry_id                 6XFE 
_pdbx_entry_details.nonpolymer_details       ? 
_pdbx_entry_details.sequence_details         ? 
_pdbx_entry_details.compound_details         ? 
_pdbx_entry_details.source_details           ? 
_pdbx_entry_details.has_ligand_of_interest   N 
# 
loop_
_pdbx_unobs_or_zero_occ_atoms.id 
_pdbx_unobs_or_zero_occ_atoms.PDB_model_num 
_pdbx_unobs_or_zero_occ_atoms.polymer_flag 
_pdbx_unobs_or_zero_occ_atoms.occupancy_flag 
_pdbx_unobs_or_zero_occ_atoms.auth_asym_id 
_pdbx_unobs_or_zero_occ_atoms.auth_comp_id 
_pdbx_unobs_or_zero_occ_atoms.auth_seq_id 
_pdbx_unobs_or_zero_occ_atoms.PDB_ins_code 
_pdbx_unobs_or_zero_occ_atoms.auth_atom_id 
_pdbx_unobs_or_zero_occ_atoms.label_alt_id 
_pdbx_unobs_or_zero_occ_atoms.label_asym_id 
_pdbx_unobs_or_zero_occ_atoms.label_comp_id 
_pdbx_unobs_or_zero_occ_atoms.label_seq_id 
_pdbx_unobs_or_zero_occ_atoms.label_atom_id 
1  1 N 1 C CAC 101 ? O1 ? E CAC 1 O1 
2  1 N 1 C CAC 101 ? O2 ? E CAC 1 O2 
3  1 N 1 C CAC 101 ? C1 ? E CAC 1 C1 
4  1 N 1 C CAC 101 ? C2 ? E CAC 1 C2 
5  1 N 1 D CAC 101 ? O1 ? F CAC 1 O1 
6  1 N 1 D CAC 101 ? O2 ? F CAC 1 O2 
7  1 N 1 D CAC 101 ? C1 ? F CAC 1 C1 
8  1 N 1 D CAC 101 ? C2 ? F CAC 1 C2 
9  1 N 1 D CAC 102 ? O1 ? G CAC 1 O1 
10 1 N 1 D CAC 102 ? O2 ? G CAC 1 O2 
11 1 N 1 D CAC 102 ? C1 ? G CAC 1 C1 
12 1 N 1 D CAC 102 ? C2 ? G CAC 1 C2 
# 
loop_
_chem_comp_atom.comp_id 
_chem_comp_atom.atom_id 
_chem_comp_atom.type_symbol 
_chem_comp_atom.pdbx_aromatic_flag 
_chem_comp_atom.pdbx_stereo_config 
_chem_comp_atom.pdbx_ordinal 
CAC AS     AS N N 1   
CAC O1     O  N N 2   
CAC O2     O  N N 3   
CAC C1     C  N N 4   
CAC C2     C  N N 5   
CAC H11    H  N N 6   
CAC H12    H  N N 7   
CAC H13    H  N N 8   
CAC H21    H  N N 9   
CAC H22    H  N N 10  
CAC H23    H  N N 11  
DA  OP3    O  N N 12  
DA  P      P  N N 13  
DA  OP1    O  N N 14  
DA  OP2    O  N N 15  
DA  "O5'"  O  N N 16  
DA  "C5'"  C  N N 17  
DA  "C4'"  C  N R 18  
DA  "O4'"  O  N N 19  
DA  "C3'"  C  N S 20  
DA  "O3'"  O  N N 21  
DA  "C2'"  C  N N 22  
DA  "C1'"  C  N R 23  
DA  N9     N  Y N 24  
DA  C8     C  Y N 25  
DA  N7     N  Y N 26  
DA  C5     C  Y N 27  
DA  C6     C  Y N 28  
DA  N6     N  N N 29  
DA  N1     N  Y N 30  
DA  C2     C  Y N 31  
DA  N3     N  Y N 32  
DA  C4     C  Y N 33  
DA  HOP3   H  N N 34  
DA  HOP2   H  N N 35  
DA  "H5'"  H  N N 36  
DA  "H5''" H  N N 37  
DA  "H4'"  H  N N 38  
DA  "H3'"  H  N N 39  
DA  "HO3'" H  N N 40  
DA  "H2'"  H  N N 41  
DA  "H2''" H  N N 42  
DA  "H1'"  H  N N 43  
DA  H8     H  N N 44  
DA  H61    H  N N 45  
DA  H62    H  N N 46  
DA  H2     H  N N 47  
DC  OP3    O  N N 48  
DC  P      P  N N 49  
DC  OP1    O  N N 50  
DC  OP2    O  N N 51  
DC  "O5'"  O  N N 52  
DC  "C5'"  C  N N 53  
DC  "C4'"  C  N R 54  
DC  "O4'"  O  N N 55  
DC  "C3'"  C  N S 56  
DC  "O3'"  O  N N 57  
DC  "C2'"  C  N N 58  
DC  "C1'"  C  N R 59  
DC  N1     N  N N 60  
DC  C2     C  N N 61  
DC  O2     O  N N 62  
DC  N3     N  N N 63  
DC  C4     C  N N 64  
DC  N4     N  N N 65  
DC  C5     C  N N 66  
DC  C6     C  N N 67  
DC  HOP3   H  N N 68  
DC  HOP2   H  N N 69  
DC  "H5'"  H  N N 70  
DC  "H5''" H  N N 71  
DC  "H4'"  H  N N 72  
DC  "H3'"  H  N N 73  
DC  "HO3'" H  N N 74  
DC  "H2'"  H  N N 75  
DC  "H2''" H  N N 76  
DC  "H1'"  H  N N 77  
DC  H41    H  N N 78  
DC  H42    H  N N 79  
DC  H5     H  N N 80  
DC  H6     H  N N 81  
DG  OP3    O  N N 82  
DG  P      P  N N 83  
DG  OP1    O  N N 84  
DG  OP2    O  N N 85  
DG  "O5'"  O  N N 86  
DG  "C5'"  C  N N 87  
DG  "C4'"  C  N R 88  
DG  "O4'"  O  N N 89  
DG  "C3'"  C  N S 90  
DG  "O3'"  O  N N 91  
DG  "C2'"  C  N N 92  
DG  "C1'"  C  N R 93  
DG  N9     N  Y N 94  
DG  C8     C  Y N 95  
DG  N7     N  Y N 96  
DG  C5     C  Y N 97  
DG  C6     C  N N 98  
DG  O6     O  N N 99  
DG  N1     N  N N 100 
DG  C2     C  N N 101 
DG  N2     N  N N 102 
DG  N3     N  N N 103 
DG  C4     C  Y N 104 
DG  HOP3   H  N N 105 
DG  HOP2   H  N N 106 
DG  "H5'"  H  N N 107 
DG  "H5''" H  N N 108 
DG  "H4'"  H  N N 109 
DG  "H3'"  H  N N 110 
DG  "HO3'" H  N N 111 
DG  "H2'"  H  N N 112 
DG  "H2''" H  N N 113 
DG  "H1'"  H  N N 114 
DG  H8     H  N N 115 
DG  H1     H  N N 116 
DG  H21    H  N N 117 
DG  H22    H  N N 118 
DT  OP3    O  N N 119 
DT  P      P  N N 120 
DT  OP1    O  N N 121 
DT  OP2    O  N N 122 
DT  "O5'"  O  N N 123 
DT  "C5'"  C  N N 124 
DT  "C4'"  C  N R 125 
DT  "O4'"  O  N N 126 
DT  "C3'"  C  N S 127 
DT  "O3'"  O  N N 128 
DT  "C2'"  C  N N 129 
DT  "C1'"  C  N R 130 
DT  N1     N  N N 131 
DT  C2     C  N N 132 
DT  O2     O  N N 133 
DT  N3     N  N N 134 
DT  C4     C  N N 135 
DT  O4     O  N N 136 
DT  C5     C  N N 137 
DT  C7     C  N N 138 
DT  C6     C  N N 139 
DT  HOP3   H  N N 140 
DT  HOP2   H  N N 141 
DT  "H5'"  H  N N 142 
DT  "H5''" H  N N 143 
DT  "H4'"  H  N N 144 
DT  "H3'"  H  N N 145 
DT  "HO3'" H  N N 146 
DT  "H2'"  H  N N 147 
DT  "H2''" H  N N 148 
DT  "H1'"  H  N N 149 
DT  H3     H  N N 150 
DT  H71    H  N N 151 
DT  H72    H  N N 152 
DT  H73    H  N N 153 
DT  H6     H  N N 154 
# 
loop_
_chem_comp_bond.comp_id 
_chem_comp_bond.atom_id_1 
_chem_comp_bond.atom_id_2 
_chem_comp_bond.value_order 
_chem_comp_bond.pdbx_aromatic_flag 
_chem_comp_bond.pdbx_stereo_config 
_chem_comp_bond.pdbx_ordinal 
CAC AS    O1     doub N N 1   
CAC AS    O2     sing N N 2   
CAC AS    C1     sing N N 3   
CAC AS    C2     sing N N 4   
CAC C1    H11    sing N N 5   
CAC C1    H12    sing N N 6   
CAC C1    H13    sing N N 7   
CAC C2    H21    sing N N 8   
CAC C2    H22    sing N N 9   
CAC C2    H23    sing N N 10  
DA  OP3   P      sing N N 11  
DA  OP3   HOP3   sing N N 12  
DA  P     OP1    doub N N 13  
DA  P     OP2    sing N N 14  
DA  P     "O5'"  sing N N 15  
DA  OP2   HOP2   sing N N 16  
DA  "O5'" "C5'"  sing N N 17  
DA  "C5'" "C4'"  sing N N 18  
DA  "C5'" "H5'"  sing N N 19  
DA  "C5'" "H5''" sing N N 20  
DA  "C4'" "O4'"  sing N N 21  
DA  "C4'" "C3'"  sing N N 22  
DA  "C4'" "H4'"  sing N N 23  
DA  "O4'" "C1'"  sing N N 24  
DA  "C3'" "O3'"  sing N N 25  
DA  "C3'" "C2'"  sing N N 26  
DA  "C3'" "H3'"  sing N N 27  
DA  "O3'" "HO3'" sing N N 28  
DA  "C2'" "C1'"  sing N N 29  
DA  "C2'" "H2'"  sing N N 30  
DA  "C2'" "H2''" sing N N 31  
DA  "C1'" N9     sing N N 32  
DA  "C1'" "H1'"  sing N N 33  
DA  N9    C8     sing Y N 34  
DA  N9    C4     sing Y N 35  
DA  C8    N7     doub Y N 36  
DA  C8    H8     sing N N 37  
DA  N7    C5     sing Y N 38  
DA  C5    C6     sing Y N 39  
DA  C5    C4     doub Y N 40  
DA  C6    N6     sing N N 41  
DA  C6    N1     doub Y N 42  
DA  N6    H61    sing N N 43  
DA  N6    H62    sing N N 44  
DA  N1    C2     sing Y N 45  
DA  C2    N3     doub Y N 46  
DA  C2    H2     sing N N 47  
DA  N3    C4     sing Y N 48  
DC  OP3   P      sing N N 49  
DC  OP3   HOP3   sing N N 50  
DC  P     OP1    doub N N 51  
DC  P     OP2    sing N N 52  
DC  P     "O5'"  sing N N 53  
DC  OP2   HOP2   sing N N 54  
DC  "O5'" "C5'"  sing N N 55  
DC  "C5'" "C4'"  sing N N 56  
DC  "C5'" "H5'"  sing N N 57  
DC  "C5'" "H5''" sing N N 58  
DC  "C4'" "O4'"  sing N N 59  
DC  "C4'" "C3'"  sing N N 60  
DC  "C4'" "H4'"  sing N N 61  
DC  "O4'" "C1'"  sing N N 62  
DC  "C3'" "O3'"  sing N N 63  
DC  "C3'" "C2'"  sing N N 64  
DC  "C3'" "H3'"  sing N N 65  
DC  "O3'" "HO3'" sing N N 66  
DC  "C2'" "C1'"  sing N N 67  
DC  "C2'" "H2'"  sing N N 68  
DC  "C2'" "H2''" sing N N 69  
DC  "C1'" N1     sing N N 70  
DC  "C1'" "H1'"  sing N N 71  
DC  N1    C2     sing N N 72  
DC  N1    C6     sing N N 73  
DC  C2    O2     doub N N 74  
DC  C2    N3     sing N N 75  
DC  N3    C4     doub N N 76  
DC  C4    N4     sing N N 77  
DC  C4    C5     sing N N 78  
DC  N4    H41    sing N N 79  
DC  N4    H42    sing N N 80  
DC  C5    C6     doub N N 81  
DC  C5    H5     sing N N 82  
DC  C6    H6     sing N N 83  
DG  OP3   P      sing N N 84  
DG  OP3   HOP3   sing N N 85  
DG  P     OP1    doub N N 86  
DG  P     OP2    sing N N 87  
DG  P     "O5'"  sing N N 88  
DG  OP2   HOP2   sing N N 89  
DG  "O5'" "C5'"  sing N N 90  
DG  "C5'" "C4'"  sing N N 91  
DG  "C5'" "H5'"  sing N N 92  
DG  "C5'" "H5''" sing N N 93  
DG  "C4'" "O4'"  sing N N 94  
DG  "C4'" "C3'"  sing N N 95  
DG  "C4'" "H4'"  sing N N 96  
DG  "O4'" "C1'"  sing N N 97  
DG  "C3'" "O3'"  sing N N 98  
DG  "C3'" "C2'"  sing N N 99  
DG  "C3'" "H3'"  sing N N 100 
DG  "O3'" "HO3'" sing N N 101 
DG  "C2'" "C1'"  sing N N 102 
DG  "C2'" "H2'"  sing N N 103 
DG  "C2'" "H2''" sing N N 104 
DG  "C1'" N9     sing N N 105 
DG  "C1'" "H1'"  sing N N 106 
DG  N9    C8     sing Y N 107 
DG  N9    C4     sing Y N 108 
DG  C8    N7     doub Y N 109 
DG  C8    H8     sing N N 110 
DG  N7    C5     sing Y N 111 
DG  C5    C6     sing N N 112 
DG  C5    C4     doub Y N 113 
DG  C6    O6     doub N N 114 
DG  C6    N1     sing N N 115 
DG  N1    C2     sing N N 116 
DG  N1    H1     sing N N 117 
DG  C2    N2     sing N N 118 
DG  C2    N3     doub N N 119 
DG  N2    H21    sing N N 120 
DG  N2    H22    sing N N 121 
DG  N3    C4     sing N N 122 
DT  OP3   P      sing N N 123 
DT  OP3   HOP3   sing N N 124 
DT  P     OP1    doub N N 125 
DT  P     OP2    sing N N 126 
DT  P     "O5'"  sing N N 127 
DT  OP2   HOP2   sing N N 128 
DT  "O5'" "C5'"  sing N N 129 
DT  "C5'" "C4'"  sing N N 130 
DT  "C5'" "H5'"  sing N N 131 
DT  "C5'" "H5''" sing N N 132 
DT  "C4'" "O4'"  sing N N 133 
DT  "C4'" "C3'"  sing N N 134 
DT  "C4'" "H4'"  sing N N 135 
DT  "O4'" "C1'"  sing N N 136 
DT  "C3'" "O3'"  sing N N 137 
DT  "C3'" "C2'"  sing N N 138 
DT  "C3'" "H3'"  sing N N 139 
DT  "O3'" "HO3'" sing N N 140 
DT  "C2'" "C1'"  sing N N 141 
DT  "C2'" "H2'"  sing N N 142 
DT  "C2'" "H2''" sing N N 143 
DT  "C1'" N1     sing N N 144 
DT  "C1'" "H1'"  sing N N 145 
DT  N1    C2     sing N N 146 
DT  N1    C6     sing N N 147 
DT  C2    O2     doub N N 148 
DT  C2    N3     sing N N 149 
DT  N3    C4     sing N N 150 
DT  N3    H3     sing N N 151 
DT  C4    O4     doub N N 152 
DT  C4    C5     sing N N 153 
DT  C5    C7     sing N N 154 
DT  C5    C6     doub N N 155 
DT  C7    H71    sing N N 156 
DT  C7    H72    sing N N 157 
DT  C7    H73    sing N N 158 
DT  C6    H6     sing N N 159 
# 
loop_
_ndb_struct_conf_na.entry_id 
_ndb_struct_conf_na.feature 
6XFE 'double helix'        
6XFE 'a-form double helix' 
6XFE 'b-form double helix' 
# 
loop_
_ndb_struct_na_base_pair.model_number 
_ndb_struct_na_base_pair.i_label_asym_id 
_ndb_struct_na_base_pair.i_label_comp_id 
_ndb_struct_na_base_pair.i_label_seq_id 
_ndb_struct_na_base_pair.i_symmetry 
_ndb_struct_na_base_pair.j_label_asym_id 
_ndb_struct_na_base_pair.j_label_comp_id 
_ndb_struct_na_base_pair.j_label_seq_id 
_ndb_struct_na_base_pair.j_symmetry 
_ndb_struct_na_base_pair.shear 
_ndb_struct_na_base_pair.stretch 
_ndb_struct_na_base_pair.stagger 
_ndb_struct_na_base_pair.buckle 
_ndb_struct_na_base_pair.propeller 
_ndb_struct_na_base_pair.opening 
_ndb_struct_na_base_pair.pair_number 
_ndb_struct_na_base_pair.pair_name 
_ndb_struct_na_base_pair.i_auth_asym_id 
_ndb_struct_na_base_pair.i_auth_seq_id 
_ndb_struct_na_base_pair.i_PDB_ins_code 
_ndb_struct_na_base_pair.j_auth_asym_id 
_ndb_struct_na_base_pair.j_auth_seq_id 
_ndb_struct_na_base_pair.j_PDB_ins_code 
_ndb_struct_na_base_pair.hbond_type_28 
_ndb_struct_na_base_pair.hbond_type_12 
1 A DG 3  1_555 D DC 16 1_555 1.040  0.666  0.838  7.053  -10.936 8.703   1  A_DG3:DC16_D A 3  ? D 16 ? ?  1 
1 A DC 4  1_555 D DG 15 1_555 -1.035 0.213  0.774  9.086  -14.905 11.656  2  A_DC4:DG15_D A 4  ? D 15 ? ?  1 
1 A DG 6  1_555 D DC 13 1_555 0.106  -0.163 0.088  2.031  -13.795 -12.025 3  A_DG6:DC13_D A 6  ? D 13 ? 19 1 
1 A DA 7  1_555 D DT 12 1_555 -0.380 0.196  -0.534 1.187  -12.528 -16.023 4  A_DA7:DT12_D A 7  ? D 12 ? 20 1 
1 A DC 8  1_555 D DG 11 1_555 -0.948 0.647  -0.350 8.403  -17.146 9.302   5  A_DC8:DG11_D A 8  ? D 11 ? ?  1 
1 A DC 9  1_555 D DG 10 1_555 -0.067 0.105  -0.784 1.615  -4.824  -7.816  6  A_DC9:DG10_D A 9  ? D 10 ? 19 1 
1 A DT 10 1_555 C DA 2  1_555 -0.276 0.329  0.273  -5.251 0.361   13.707  7  A_DT10:DA2_C A 10 ? C 2  ? ?  1 
1 A DG 11 1_555 C DC 1  1_555 0.211  -0.523 0.064  4.525  -12.761 -3.448  8  A_DG11:DC1_C A 11 ? C 1  ? 19 1 
1 B DA 1  1_555 C DT 5  1_555 0.956  -0.111 0.360  13.378 -9.556  -12.983 9  B_DA12:DT5_C B 12 ? C 5  ? 20 1 
1 B DC 2  1_555 C DG 4  1_555 0.188  -0.391 0.440  3.304  -19.332 2.785   10 B_DC13:DG4_C B 13 ? C 4  ? 19 1 
1 B DT 3  1_555 C DA 3  1_555 -1.054 -0.320 0.389  -1.311 -13.605 -10.919 11 B_DT14:DA3_C B 14 ? C 3  ? 20 1 
1 B DG 4  1_555 D DC 9  1_555 0.348  0.255  0.771  8.643  -5.374  1.507   12 B_DG15:DC9_D B 15 ? D 9  ? 19 1 
1 B DC 5  1_555 D DG 8  1_555 -0.246 0.147  0.805  6.457  -17.538 -5.115  13 B_DC16:DG8_D B 16 ? D 8  ? 19 1 
1 B DA 6  1_555 D DT 7  1_555 0.929  0.478  0.119  -3.004 -18.050 -12.994 14 B_DA17:DT7_D B 17 ? D 7  ? 20 1 
1 B DC 7  1_555 D DG 6  1_555 -1.343 0.104  -0.605 6.747  -11.095 5.132   15 B_DC18:DG6_D B 18 ? D 6  ? 19 1 
1 B DT 8  1_555 D DA 5  1_555 -1.197 0.146  -0.918 6.437  -15.482 4.608   16 B_DT19:DA5_D B 19 ? D 5  ? 20 1 
1 B DC 9  1_555 D DG 4  1_555 0.173  0.376  -0.557 0.549  -18.224 1.707   17 B_DC20:DG4_D B 20 ? D 4  ? 19 1 
# 
loop_
_ndb_struct_na_base_pair_step.model_number 
_ndb_struct_na_base_pair_step.i_label_asym_id_1 
_ndb_struct_na_base_pair_step.i_label_comp_id_1 
_ndb_struct_na_base_pair_step.i_label_seq_id_1 
_ndb_struct_na_base_pair_step.i_symmetry_1 
_ndb_struct_na_base_pair_step.j_label_asym_id_1 
_ndb_struct_na_base_pair_step.j_label_comp_id_1 
_ndb_struct_na_base_pair_step.j_label_seq_id_1 
_ndb_struct_na_base_pair_step.j_symmetry_1 
_ndb_struct_na_base_pair_step.i_label_asym_id_2 
_ndb_struct_na_base_pair_step.i_label_comp_id_2 
_ndb_struct_na_base_pair_step.i_label_seq_id_2 
_ndb_struct_na_base_pair_step.i_symmetry_2 
_ndb_struct_na_base_pair_step.j_label_asym_id_2 
_ndb_struct_na_base_pair_step.j_label_comp_id_2 
_ndb_struct_na_base_pair_step.j_label_seq_id_2 
_ndb_struct_na_base_pair_step.j_symmetry_2 
_ndb_struct_na_base_pair_step.shift 
_ndb_struct_na_base_pair_step.slide 
_ndb_struct_na_base_pair_step.rise 
_ndb_struct_na_base_pair_step.tilt 
_ndb_struct_na_base_pair_step.roll 
_ndb_struct_na_base_pair_step.twist 
_ndb_struct_na_base_pair_step.x_displacement 
_ndb_struct_na_base_pair_step.y_displacement 
_ndb_struct_na_base_pair_step.helical_rise 
_ndb_struct_na_base_pair_step.inclination 
_ndb_struct_na_base_pair_step.tip 
_ndb_struct_na_base_pair_step.helical_twist 
_ndb_struct_na_base_pair_step.step_number 
_ndb_struct_na_base_pair_step.step_name 
_ndb_struct_na_base_pair_step.i_auth_asym_id_1 
_ndb_struct_na_base_pair_step.i_auth_seq_id_1 
_ndb_struct_na_base_pair_step.i_PDB_ins_code_1 
_ndb_struct_na_base_pair_step.j_auth_asym_id_1 
_ndb_struct_na_base_pair_step.j_auth_seq_id_1 
_ndb_struct_na_base_pair_step.j_PDB_ins_code_1 
_ndb_struct_na_base_pair_step.i_auth_asym_id_2 
_ndb_struct_na_base_pair_step.i_auth_seq_id_2 
_ndb_struct_na_base_pair_step.i_PDB_ins_code_2 
_ndb_struct_na_base_pair_step.j_auth_asym_id_2 
_ndb_struct_na_base_pair_step.j_auth_seq_id_2 
_ndb_struct_na_base_pair_step.j_PDB_ins_code_2 
1 A DG 3  1_555 D DC 16 1_555 A DC 4  1_555 D DG 15 1_555 -0.087 -1.567 3.129 1.338  3.870  25.016 -4.601 0.555  2.849 8.859  
-3.062 25.344 1  AA_DG3DC4:DG15DC16_DD A 3  ? D 16 ? A 4  ? D 15 ? 
1 A DC 4  1_555 D DG 15 1_555 A DG 6  1_555 D DC 13 1_555 -0.824 0.666  6.816 -2.741 2.422  74.062 0.394  0.504  6.854 2.009  
2.274  74.140 2  AA_DC4DG6:DC13DG15_DD A 4  ? D 15 ? A 6  ? D 13 ? 
1 A DG 6  1_555 D DC 13 1_555 A DA 7  1_555 D DT 12 1_555 -0.087 -1.288 3.217 0.889  1.986  31.975 -2.680 0.312  3.130 3.600  
-1.611 32.047 3  AA_DG6DA7:DT12DC13_DD A 6  ? D 13 ? A 7  ? D 12 ? 
1 A DA 7  1_555 D DT 12 1_555 A DC 8  1_555 D DG 11 1_555 1.752  -0.628 3.047 -2.701 0.580  27.149 -1.461 -4.323 2.848 1.232  
5.736  27.286 4  AA_DA7DC8:DG11DT12_DD A 7  ? D 12 ? A 8  ? D 11 ? 
1 A DC 8  1_555 D DG 11 1_555 A DC 9  1_555 D DG 10 1_555 -0.831 -0.955 3.410 -2.651 7.797  43.001 -2.046 0.856  3.240 10.521 
3.577  43.746 5  AA_DC8DC9:DG10DG11_DD A 8  ? D 11 ? A 9  ? D 10 ? 
1 A DC 9  1_555 D DG 10 1_555 A DT 10 1_555 C DA 2  1_555 -0.267 -2.047 3.628 -5.588 3.560  20.360 -7.060 -1.711 3.186 9.745  
15.295 21.400 6  AA_DC9DT10:DA2DG10_CD A 9  ? D 10 ? A 10 ? C 2  ? 
1 A DT 10 1_555 C DA 2  1_555 A DG 11 1_555 C DC 1  1_555 -1.273 1.418  3.306 -0.784 -4.723 42.864 2.390  1.656  3.162 -6.439 
1.069  43.118 7  AA_DT10DG11:DC1DA2_CC A 10 ? C 2  ? A 11 ? C 1  ? 
1 B DA 1  1_555 C DT 5  1_555 B DC 2  1_555 C DG 4  1_555 1.366  -1.552 3.405 -1.020 1.016  27.310 -3.540 -3.150 3.294 2.150  
2.158  27.347 8  BB_DA12DC13:DG4DT5_CC B 12 ? C 5  ? B 13 ? C 4  ? 
1 B DC 2  1_555 C DG 4  1_555 B DT 3  1_555 C DA 3  1_555 -0.667 -1.116 3.358 0.892  0.511  31.218 -2.172 1.412  3.320 0.949  
-1.658 31.235 9  BB_DC13DT14:DA3DG4_CC B 13 ? C 4  ? B 14 ? C 3  ? 
1 B DT 3  1_555 C DA 3  1_555 B DG 4  1_555 D DC 9  1_555 -0.241 -1.075 2.787 -1.901 -1.402 37.077 -1.527 0.160  2.833 -2.202 
2.986  37.150 10 BB_DT14DG15:DC9DA3_DC B 14 ? C 3  ? B 15 ? D 9  ? 
1 B DG 4  1_555 D DC 9  1_555 B DC 5  1_555 D DG 8  1_555 -0.949 0.003  3.537 -0.758 2.395  27.163 -0.643 1.807  3.548 5.086  
1.610  27.276 11 BB_DG15DC16:DG8DC9_DD B 15 ? D 9  ? B 16 ? D 8  ? 
1 B DC 5  1_555 D DG 8  1_555 B DA 6  1_555 D DT 7  1_555 -0.342 0.943  3.678 0.423  0.978  49.556 1.044  0.443  3.692 1.166  
-0.505 49.567 12 BB_DC16DA17:DT7DG8_DD B 16 ? D 8  ? B 17 ? D 7  ? 
1 B DA 6  1_555 D DT 7  1_555 B DC 7  1_555 D DG 6  1_555 0.576  -0.727 3.007 3.103  0.023  20.733 -2.008 -0.356 3.058 0.063  
-8.559 20.961 13 BB_DA17DC18:DG6DT7_DD B 17 ? D 7  ? B 18 ? D 6  ? 
1 B DC 7  1_555 D DG 6  1_555 B DT 8  1_555 D DA 5  1_555 -0.438 -0.075 3.519 1.686  2.693  39.461 -0.449 0.859  3.486 3.981  
-2.492 39.584 14 BB_DC18DT19:DA5DG6_DD B 18 ? D 6  ? B 19 ? D 5  ? 
1 B DT 8  1_555 D DA 5  1_555 B DC 9  1_555 D DG 4  1_555 0.613  0.834  3.614 -0.369 1.255  38.747 1.086  -0.974 3.632 1.891  
0.555  38.768 15 BB_DT19DC20:DG4DA5_DD B 19 ? D 5  ? B 20 ? D 4  ? 
# 
loop_
_pdbx_audit_support.funding_organization 
_pdbx_audit_support.country 
_pdbx_audit_support.grant_number 
_pdbx_audit_support.ordinal 
'National Science Foundation (NSF, United States)'                                         'United States' 1360635     1 
'National Institutes of Health/National Institute of General Medical Sciences (NIH/NIGMS)' 'United States' R01GM104960 2 
'National Science Foundation (NSF, United States)'                                         'United States' NSF2004250  3 
# 
_pdbx_entity_nonpoly.entity_id   5 
_pdbx_entity_nonpoly.name        'CACODYLATE ION' 
_pdbx_entity_nonpoly.comp_id     CAC 
# 
_pdbx_initial_refinement_model.id               1 
_pdbx_initial_refinement_model.entity_id_list   ? 
_pdbx_initial_refinement_model.type             'experimental model' 
_pdbx_initial_refinement_model.source_name      PDB 
_pdbx_initial_refinement_model.accession_code   6X8C 
_pdbx_initial_refinement_model.details          ? 
# 
_pdbx_struct_assembly_auth_evidence.id                     1 
_pdbx_struct_assembly_auth_evidence.assembly_id            1 
_pdbx_struct_assembly_auth_evidence.experimental_support   none 
_pdbx_struct_assembly_auth_evidence.details                ? 
# 
